data_3L7F
#
_entry.id   3L7F
#
_cell.length_a   69.640
_cell.length_b   228.160
_cell.length_c   234.000
_cell.angle_alpha   90.00
_cell.angle_beta   90.00
_cell.angle_gamma   90.00
#
_symmetry.space_group_name_H-M   'C 2 2 21'
#
loop_
_entity.id
_entity.type
_entity.pdbx_description
1 polymer 'H2L6 LIGHT CHAIN'
2 polymer 'H2L6 HEAVY CHAIN'
3 non-polymer 'SULFATE ION'
4 non-polymer 'CALCIUM ION'
5 water water
#
loop_
_entity_poly.entity_id
_entity_poly.type
_entity_poly.pdbx_seq_one_letter_code
_entity_poly.pdbx_strand_id
1 'polypeptide(L)'
;EIVLTQSPATLSLSPGERATLSCRASKSISKYLAWYQQKPGQAPRLLIYSGSTLQSGIPARFSGSGSGTDFTLTISSLEP
EDFAVYYCQQHNEYPYTFGQGTKLEIKRTVAAPSVFIFPPSDEQLKSGTASVVCLLNNFYPREAKVQWKVDNALQSGNSQ
ESVTEQDSKDSTYSLSSTLTLSKADYEKHKVYACEVTHQGLSSPVTKSFNRGEC
;
L,A,D
2 'polypeptide(L)'
;(PCA)VTLKESGPVLVKPTETLTLTCTVSGFSLSTYGMGVGWIRQPPGKALEWLAHIWWDDVKRYNPALKSRLTISKDTS
KSQVVLTMTNMDPVDTATYYCARMGSDYDVWFDYWGQGTLVTVSSASTKGPSVFPLAPSSKSTSGGTAALGCLVKDYFPE
PVTVSWNSGALTSGVHTFPAVLQSSGLYSLSSVVTVPSSSLGTQTYICNVNHKPSNTKVDKKVEPKSC
;
H,B,E
#
# COMPACT_ATOMS: atom_id res chain seq x y z
N GLU A 1 5.76 11.95 -18.71
CA GLU A 1 4.64 12.60 -17.94
C GLU A 1 4.55 12.15 -16.47
N ILE A 2 4.07 10.93 -16.20
CA ILE A 2 4.23 10.32 -14.86
C ILE A 2 5.71 10.08 -14.59
N VAL A 3 6.27 10.78 -13.61
CA VAL A 3 7.72 10.66 -13.35
C VAL A 3 8.00 9.58 -12.33
N LEU A 4 8.98 8.74 -12.64
CA LEU A 4 9.38 7.67 -11.73
C LEU A 4 10.77 7.92 -11.15
N THR A 5 10.83 7.94 -9.83
CA THR A 5 12.05 8.29 -9.10
C THR A 5 12.55 7.10 -8.25
N GLN A 6 13.65 6.50 -8.70
CA GLN A 6 14.21 5.32 -8.04
C GLN A 6 15.23 5.68 -6.97
N SER A 7 15.24 4.89 -5.89
CA SER A 7 16.12 5.14 -4.76
C SER A 7 16.58 3.82 -4.14
N PRO A 8 17.86 3.73 -3.70
CA PRO A 8 18.94 4.70 -3.88
C PRO A 8 19.55 4.56 -5.28
N ALA A 9 20.31 5.54 -5.72
CA ALA A 9 20.92 5.48 -7.05
C ALA A 9 21.88 4.31 -7.16
N THR A 10 22.69 4.10 -6.12
CA THR A 10 23.61 2.96 -6.11
C THR A 10 23.48 2.24 -4.77
N LEU A 11 23.87 0.96 -4.77
CA LEU A 11 23.76 0.11 -3.60
C LEU A 11 24.86 -0.94 -3.66
N SER A 12 25.46 -1.23 -2.52
CA SER A 12 26.51 -2.26 -2.43
C SER A 12 26.29 -3.15 -1.22
N LEU A 13 26.10 -4.45 -1.46
CA LEU A 13 25.75 -5.39 -0.39
C LEU A 13 26.42 -6.73 -0.61
N SER A 14 26.54 -7.50 0.47
CA SER A 14 27.25 -8.79 0.45
C SER A 14 26.36 -9.99 0.06
N PRO A 15 26.97 -11.05 -0.49
CA PRO A 15 26.15 -12.25 -0.69
C PRO A 15 25.38 -12.62 0.57
N GLY A 16 24.09 -12.88 0.41
CA GLY A 16 23.23 -13.30 1.51
C GLY A 16 22.30 -12.22 2.04
N GLU A 17 22.59 -10.96 1.74
CA GLU A 17 21.78 -9.84 2.24
C GLU A 17 20.47 -9.69 1.47
N ARG A 18 19.67 -8.70 1.88
CA ARG A 18 18.48 -8.28 1.16
C ARG A 18 18.71 -6.92 0.58
N ALA A 19 18.54 -6.79 -0.74
CA ALA A 19 18.55 -5.45 -1.34
C ALA A 19 17.13 -4.92 -1.30
N THR A 20 16.98 -3.63 -0.99
CA THR A 20 15.67 -2.99 -0.90
C THR A 20 15.66 -1.78 -1.83
N LEU A 21 14.87 -1.82 -2.91
CA LEU A 21 14.90 -0.71 -3.88
C LEU A 21 13.56 -0.05 -3.98
N SER A 22 13.54 1.27 -3.86
CA SER A 22 12.29 2.00 -3.89
C SER A 22 12.05 2.61 -5.25
N CYS A 23 10.79 2.78 -5.60
CA CYS A 23 10.41 3.50 -6.79
C CYS A 23 9.21 4.34 -6.38
N ARG A 24 9.25 5.65 -6.68
CA ARG A 24 8.17 6.57 -6.36
C ARG A 24 7.53 7.14 -7.62
N ALA A 25 6.20 7.06 -7.71
CA ALA A 25 5.45 7.63 -8.83
C ALA A 25 4.88 8.98 -8.45
N SER A 26 4.99 9.95 -9.36
CA SER A 26 4.60 11.32 -9.04
C SER A 26 3.09 11.49 -8.90
N LYS A 27 2.34 10.45 -9.29
CA LYS A 27 0.88 10.46 -9.39
C LYS A 27 0.52 9.00 -9.22
N SER A 28 -0.68 8.68 -8.75
CA SER A 28 -1.04 7.28 -8.48
C SER A 28 -1.06 6.39 -9.73
N ILE A 29 -0.48 5.21 -9.64
CA ILE A 29 -0.48 4.28 -10.78
C ILE A 29 -1.14 2.95 -10.39
N SER A 30 -1.89 3.00 -9.29
CA SER A 30 -2.55 1.83 -8.73
C SER A 30 -1.49 0.75 -8.54
N LYS A 31 -1.74 -0.48 -8.97
CA LYS A 31 -0.74 -1.54 -8.82
C LYS A 31 0.23 -1.71 -10.00
N TYR A 32 0.11 -0.87 -11.03
CA TYR A 32 0.66 -1.21 -12.35
C TYR A 32 2.11 -0.78 -12.59
N LEU A 33 3.00 -1.38 -11.81
CA LEU A 33 4.42 -1.11 -11.91
C LEU A 33 5.16 -2.41 -12.21
N ALA A 34 6.16 -2.33 -13.08
CA ALA A 34 6.97 -3.49 -13.40
C ALA A 34 8.42 -3.19 -13.04
N TRP A 35 9.16 -4.25 -12.77
CA TRP A 35 10.57 -4.19 -12.47
C TRP A 35 11.38 -5.05 -13.46
N TYR A 36 12.53 -4.53 -13.87
CA TYR A 36 13.44 -5.22 -14.79
C TYR A 36 14.86 -5.23 -14.23
N GLN A 37 15.60 -6.26 -14.59
CA GLN A 37 16.97 -6.39 -14.20
C GLN A 37 17.74 -6.27 -15.50
N GLN A 38 18.81 -5.48 -15.50
CA GLN A 38 19.62 -5.34 -16.71
C GLN A 38 21.11 -5.48 -16.45
N LYS A 39 21.66 -6.60 -16.91
CA LYS A 39 23.11 -6.81 -16.90
C LYS A 39 23.74 -6.08 -18.10
N PRO A 40 25.03 -5.68 -17.96
CA PRO A 40 25.84 -4.84 -18.84
C PRO A 40 25.31 -4.57 -20.26
N GLY A 41 25.70 -5.41 -21.21
CA GLY A 41 25.34 -5.23 -22.63
C GLY A 41 24.33 -6.27 -23.04
N GLN A 42 23.24 -6.28 -22.29
CA GLN A 42 22.22 -7.29 -22.41
C GLN A 42 20.87 -6.56 -22.38
N ALA A 43 19.82 -7.21 -22.85
CA ALA A 43 18.50 -6.64 -22.73
C ALA A 43 18.02 -6.76 -21.28
N PRO A 44 17.12 -5.85 -20.87
CA PRO A 44 16.46 -5.99 -19.57
C PRO A 44 15.67 -7.29 -19.46
N ARG A 45 15.71 -7.89 -18.28
CA ARG A 45 14.98 -9.09 -17.97
C ARG A 45 13.86 -8.73 -16.98
N LEU A 46 12.62 -8.99 -17.34
CA LEU A 46 11.47 -8.63 -16.53
C LEU A 46 11.33 -9.53 -15.32
N LEU A 47 11.30 -8.90 -14.14
CA LEU A 47 11.29 -9.56 -12.84
C LEU A 47 9.88 -9.68 -12.26
N ILE A 48 9.21 -8.54 -12.14
CA ILE A 48 7.88 -8.43 -11.56
C ILE A 48 7.03 -7.53 -12.44
N TYR A 49 5.72 -7.80 -12.47
CA TYR A 49 4.77 -6.91 -13.11
C TYR A 49 3.54 -6.75 -12.22
N SER A 50 2.78 -5.68 -12.43
CA SER A 50 1.64 -5.32 -11.55
C SER A 50 1.99 -5.33 -10.07
N GLY A 51 3.17 -4.77 -9.78
CA GLY A 51 3.60 -4.48 -8.43
C GLY A 51 4.19 -5.67 -7.72
N SER A 52 3.60 -6.84 -7.94
CA SER A 52 3.92 -7.94 -7.07
C SER A 52 3.82 -9.33 -7.71
N THR A 53 3.37 -9.43 -8.95
CA THR A 53 3.38 -10.72 -9.62
C THR A 53 4.79 -11.08 -10.10
N LEU A 54 5.31 -12.17 -9.54
CA LEU A 54 6.59 -12.70 -9.95
C LEU A 54 6.44 -13.39 -11.31
N GLN A 55 7.24 -12.94 -12.26
CA GLN A 55 7.15 -13.41 -13.63
C GLN A 55 7.80 -14.77 -13.89
N SER A 56 7.15 -15.50 -14.77
CA SER A 56 7.73 -16.57 -15.54
C SER A 56 9.25 -16.42 -15.68
N GLY A 57 10.01 -17.36 -15.11
CA GLY A 57 11.46 -17.40 -15.34
C GLY A 57 12.29 -16.99 -14.14
N ILE A 58 11.67 -16.35 -13.16
CA ILE A 58 12.38 -15.63 -12.10
C ILE A 58 12.31 -16.40 -10.79
N PRO A 59 13.44 -16.55 -10.10
CA PRO A 59 13.45 -17.16 -8.77
C PRO A 59 12.65 -16.37 -7.71
N ALA A 60 12.14 -17.11 -6.71
CA ALA A 60 11.31 -16.51 -5.66
C ALA A 60 12.03 -15.58 -4.68
N ARG A 61 13.34 -15.43 -4.81
CA ARG A 61 14.02 -14.50 -3.88
C ARG A 61 13.78 -13.03 -4.24
N PHE A 62 13.22 -12.83 -5.43
CA PHE A 62 12.77 -11.51 -5.85
C PHE A 62 11.32 -11.38 -5.40
N SER A 63 10.95 -10.23 -4.85
CA SER A 63 9.54 -9.94 -4.57
C SER A 63 9.27 -8.46 -4.64
N GLY A 64 8.00 -8.10 -4.77
CA GLY A 64 7.57 -6.71 -4.87
C GLY A 64 6.34 -6.43 -4.01
N SER A 65 6.19 -5.15 -3.65
CA SER A 65 5.05 -4.72 -2.83
C SER A 65 4.75 -3.28 -3.22
N GLY A 66 3.67 -2.74 -2.70
CA GLY A 66 3.34 -1.34 -2.95
C GLY A 66 2.18 -1.14 -3.89
N SER A 67 1.73 0.09 -3.98
CA SER A 67 0.58 0.46 -4.79
C SER A 67 0.55 1.96 -4.87
N GLY A 68 -0.16 2.48 -5.86
CA GLY A 68 -0.47 3.90 -5.90
C GLY A 68 0.80 4.66 -6.17
N THR A 69 1.40 5.20 -5.11
CA THR A 69 2.58 6.11 -5.23
C THR A 69 3.96 5.49 -4.92
N ASP A 70 3.95 4.38 -4.17
CA ASP A 70 5.18 3.84 -3.62
C ASP A 70 5.34 2.35 -3.81
N PHE A 71 6.52 1.96 -4.23
CA PHE A 71 6.79 0.60 -4.62
C PHE A 71 8.17 0.20 -4.18
N THR A 72 8.30 -1.07 -3.81
CA THR A 72 9.57 -1.60 -3.35
C THR A 72 9.85 -2.95 -3.95
N LEU A 73 11.01 -3.06 -4.57
CA LEU A 73 11.51 -4.33 -5.02
C LEU A 73 12.48 -4.86 -3.97
N THR A 74 12.33 -6.13 -3.60
CA THR A 74 13.21 -6.77 -2.62
C THR A 74 13.94 -7.94 -3.30
N ILE A 75 15.25 -8.01 -3.08
CA ILE A 75 16.06 -9.17 -3.51
C ILE A 75 16.72 -9.84 -2.32
N SER A 76 16.36 -11.09 -2.07
CA SER A 76 16.61 -11.70 -0.76
C SER A 76 17.89 -12.48 -0.47
N SER A 77 18.41 -13.28 -1.37
CA SER A 77 19.65 -13.92 -0.96
C SER A 77 20.70 -13.57 -1.97
N LEU A 78 21.21 -12.35 -1.82
CA LEU A 78 22.08 -11.84 -2.83
C LEU A 78 23.11 -12.90 -3.16
N GLU A 79 23.15 -13.22 -4.45
CA GLU A 79 24.20 -14.02 -5.04
C GLU A 79 25.04 -13.08 -5.91
N PRO A 80 26.26 -13.51 -6.29
CA PRO A 80 27.05 -12.67 -7.24
C PRO A 80 26.33 -12.33 -8.56
N GLU A 81 25.47 -13.22 -9.06
CA GLU A 81 24.69 -12.96 -10.30
C GLU A 81 23.71 -11.78 -10.21
N ASP A 82 23.46 -11.29 -9.00
CA ASP A 82 22.45 -10.25 -8.80
C ASP A 82 22.96 -8.85 -9.19
N PHE A 83 24.25 -8.75 -9.50
CA PHE A 83 24.82 -7.50 -10.01
C PHE A 83 24.06 -7.03 -11.24
N ALA A 84 23.62 -5.77 -11.23
CA ALA A 84 22.86 -5.24 -12.34
C ALA A 84 22.41 -3.82 -12.10
N VAL A 85 21.88 -3.20 -13.14
CA VAL A 85 20.98 -2.06 -12.97
C VAL A 85 19.51 -2.51 -12.95
N TYR A 86 18.74 -1.99 -11.98
CA TYR A 86 17.33 -2.34 -11.83
C TYR A 86 16.42 -1.16 -12.10
N TYR A 87 15.54 -1.31 -13.09
CA TYR A 87 14.58 -0.29 -13.49
C TYR A 87 13.13 -0.65 -13.13
N CYS A 88 12.41 0.32 -12.60
CA CYS A 88 10.96 0.25 -12.54
C CYS A 88 10.39 0.92 -13.79
N GLN A 89 9.14 0.59 -14.10
CA GLN A 89 8.39 1.14 -15.25
C GLN A 89 6.88 1.04 -14.97
N GLN A 90 6.17 2.17 -14.99
CA GLN A 90 4.71 2.18 -14.89
C GLN A 90 4.05 1.62 -16.15
N HIS A 91 3.09 0.69 -15.99
CA HIS A 91 2.31 0.25 -17.15
C HIS A 91 0.85 0.59 -16.98
N ASN A 92 0.61 1.76 -16.40
CA ASN A 92 -0.75 2.15 -16.13
C ASN A 92 -1.29 3.11 -17.16
N GLU A 93 -0.44 3.99 -17.66
CA GLU A 93 -0.90 5.23 -18.30
C GLU A 93 0.03 5.78 -19.39
N TYR A 94 -0.55 6.11 -20.53
CA TYR A 94 0.15 6.74 -21.63
C TYR A 94 0.55 8.15 -21.20
N PRO A 95 1.80 8.56 -21.47
CA PRO A 95 2.91 7.76 -22.01
C PRO A 95 3.68 6.92 -20.98
N TYR A 96 4.17 5.76 -21.41
CA TYR A 96 4.85 4.77 -20.56
C TYR A 96 6.23 5.23 -20.22
N THR A 97 6.59 5.16 -18.96
CA THR A 97 7.85 5.75 -18.50
C THR A 97 8.61 4.84 -17.59
N PHE A 98 9.92 5.09 -17.50
CA PHE A 98 10.89 4.32 -16.73
C PHE A 98 11.56 5.19 -15.66
N GLY A 99 12.06 4.54 -14.59
CA GLY A 99 12.88 5.23 -13.60
C GLY A 99 14.29 5.28 -14.15
N GLN A 100 15.19 6.00 -13.47
CA GLN A 100 16.56 6.16 -13.93
C GLN A 100 17.48 5.03 -13.48
N GLY A 101 16.94 4.13 -12.65
CA GLY A 101 17.69 2.95 -12.22
C GLY A 101 18.34 3.01 -10.85
N THR A 102 18.64 1.82 -10.32
CA THR A 102 19.51 1.63 -9.16
C THR A 102 20.57 0.61 -9.59
N LYS A 103 21.85 0.95 -9.39
CA LYS A 103 22.94 0.03 -9.69
C LYS A 103 23.38 -0.73 -8.43
N LEU A 104 23.25 -2.05 -8.47
CA LEU A 104 23.64 -2.88 -7.33
C LEU A 104 25.00 -3.54 -7.55
N GLU A 105 25.94 -3.26 -6.65
CA GLU A 105 27.20 -3.99 -6.59
C GLU A 105 27.10 -5.12 -5.57
N ILE A 106 27.73 -6.26 -5.88
CA ILE A 106 27.82 -7.36 -4.91
C ILE A 106 29.22 -7.45 -4.29
N LYS A 107 29.32 -7.21 -2.99
CA LYS A 107 30.59 -7.29 -2.24
C LYS A 107 31.23 -8.69 -2.28
N ARG A 108 32.56 -8.73 -2.25
CA ARG A 108 33.28 -10.00 -2.06
C ARG A 108 34.50 -9.69 -1.20
N THR A 109 35.22 -10.73 -0.76
CA THR A 109 36.45 -10.50 0.00
C THR A 109 37.41 -9.69 -0.88
N VAL A 110 38.25 -8.88 -0.27
CA VAL A 110 39.28 -8.13 -0.98
C VAL A 110 40.16 -9.06 -1.83
N ALA A 111 40.44 -8.65 -3.06
CA ALA A 111 41.35 -9.38 -3.94
C ALA A 111 42.27 -8.39 -4.63
N ALA A 112 43.56 -8.65 -4.56
CA ALA A 112 44.55 -7.80 -5.22
C ALA A 112 44.63 -8.21 -6.69
N PRO A 113 44.86 -7.24 -7.59
CA PRO A 113 44.88 -7.60 -8.99
C PRO A 113 46.20 -8.23 -9.37
N SER A 114 46.15 -9.33 -10.11
CA SER A 114 47.32 -9.80 -10.83
C SER A 114 47.57 -8.73 -11.88
N VAL A 115 48.82 -8.28 -11.99
CA VAL A 115 49.14 -7.25 -12.97
C VAL A 115 50.17 -7.72 -14.00
N PHE A 116 49.88 -7.43 -15.27
CA PHE A 116 50.73 -7.83 -16.37
C PHE A 116 50.98 -6.58 -17.21
N ILE A 117 52.09 -6.56 -17.95
CA ILE A 117 52.41 -5.42 -18.82
C ILE A 117 52.68 -5.91 -20.24
N PHE A 118 52.33 -5.08 -21.21
CA PHE A 118 52.53 -5.42 -22.63
C PHE A 118 53.17 -4.26 -23.34
N PRO A 119 54.35 -4.50 -23.94
CA PRO A 119 55.01 -3.44 -24.70
C PRO A 119 54.23 -3.30 -26.01
N PRO A 120 54.45 -2.22 -26.77
CA PRO A 120 53.74 -2.20 -28.05
C PRO A 120 54.27 -3.37 -28.90
N SER A 121 53.44 -3.91 -29.78
CA SER A 121 53.92 -4.83 -30.78
C SER A 121 54.81 -4.07 -31.74
N ASP A 122 55.86 -4.72 -32.23
CA ASP A 122 56.65 -4.15 -33.33
C ASP A 122 55.77 -3.68 -34.49
N GLU A 123 54.70 -4.43 -34.75
CA GLU A 123 53.78 -4.13 -35.86
C GLU A 123 53.09 -2.76 -35.77
N GLN A 124 52.78 -2.31 -34.56
CA GLN A 124 52.08 -1.01 -34.40
C GLN A 124 53.07 0.15 -34.55
N LEU A 125 54.32 -0.12 -34.15
CA LEU A 125 55.39 0.87 -34.21
C LEU A 125 55.65 1.29 -35.66
N LYS A 126 55.57 0.33 -36.57
CA LYS A 126 55.74 0.55 -38.01
C LYS A 126 54.79 1.59 -38.60
N SER A 127 53.74 1.93 -37.86
CA SER A 127 52.77 2.95 -38.28
C SER A 127 52.84 4.21 -37.42
N GLY A 128 53.89 4.31 -36.60
CA GLY A 128 54.22 5.56 -35.91
C GLY A 128 53.53 5.85 -34.59
N THR A 129 52.85 4.84 -34.03
CA THR A 129 52.28 4.95 -32.69
C THR A 129 52.75 3.78 -31.80
N ALA A 130 52.82 4.03 -30.50
CA ALA A 130 53.11 3.01 -29.51
C ALA A 130 52.02 2.98 -28.43
N SER A 131 51.51 1.79 -28.12
CA SER A 131 50.53 1.63 -27.06
C SER A 131 51.10 0.72 -26.00
N VAL A 132 51.42 1.28 -24.83
CA VAL A 132 51.91 0.45 -23.74
C VAL A 132 50.72 0.09 -22.86
N VAL A 133 50.54 -1.21 -22.62
CA VAL A 133 49.34 -1.62 -21.92
C VAL A 133 49.62 -2.35 -20.61
N CYS A 134 49.09 -1.76 -19.55
CA CYS A 134 49.09 -2.38 -18.22
C CYS A 134 47.70 -2.98 -17.90
N LEU A 135 47.69 -4.24 -17.55
CA LEU A 135 46.45 -4.95 -17.21
C LEU A 135 46.37 -5.32 -15.71
N LEU A 136 45.30 -4.86 -15.06
CA LEU A 136 45.01 -5.27 -13.67
C LEU A 136 43.84 -6.22 -13.74
N ASN A 137 44.06 -7.46 -13.32
CA ASN A 137 43.09 -8.52 -13.49
C ASN A 137 42.43 -9.02 -12.21
N ASN A 138 41.09 -9.02 -12.21
CA ASN A 138 40.30 -9.65 -11.16
C ASN A 138 40.59 -9.08 -9.77
N PHE A 139 40.22 -7.82 -9.57
CA PHE A 139 40.40 -7.19 -8.27
C PHE A 139 39.08 -6.72 -7.60
N TYR A 140 39.12 -6.63 -6.27
CA TYR A 140 38.05 -6.03 -5.48
C TYR A 140 38.68 -5.36 -4.26
N PRO A 141 38.22 -4.14 -3.90
CA PRO A 141 37.18 -3.35 -4.55
C PRO A 141 37.65 -2.64 -5.80
N ARG A 142 36.76 -1.87 -6.42
CA ARG A 142 36.99 -1.25 -7.72
C ARG A 142 38.08 -0.17 -7.70
N GLU A 143 38.29 0.45 -6.54
CA GLU A 143 39.29 1.51 -6.45
C GLU A 143 40.70 0.96 -6.56
N ALA A 144 41.45 1.56 -7.47
CA ALA A 144 42.80 1.15 -7.78
C ALA A 144 43.46 2.34 -8.44
N LYS A 145 44.70 2.64 -8.06
CA LYS A 145 45.42 3.72 -8.71
C LYS A 145 46.56 3.14 -9.54
N VAL A 146 46.61 3.53 -10.81
CA VAL A 146 47.67 3.09 -11.71
C VAL A 146 48.56 4.28 -12.02
N GLN A 147 49.87 4.11 -11.86
CA GLN A 147 50.80 5.17 -12.23
C GLN A 147 51.87 4.71 -13.21
N TRP A 148 52.02 5.45 -14.32
CA TRP A 148 52.98 5.13 -15.39
C TRP A 148 54.34 5.84 -15.19
N LYS A 149 55.41 5.06 -15.27
CA LYS A 149 56.76 5.63 -15.15
C LYS A 149 57.63 5.32 -16.36
N VAL A 150 58.01 6.35 -17.12
CA VAL A 150 58.99 6.21 -18.20
C VAL A 150 60.35 6.75 -17.76
N ASP A 151 61.31 5.83 -17.63
CA ASP A 151 62.65 6.12 -17.09
C ASP A 151 62.56 6.83 -15.74
N ASN A 152 61.91 6.16 -14.77
CA ASN A 152 61.71 6.68 -13.41
C ASN A 152 60.91 7.98 -13.26
N ALA A 153 60.42 8.54 -14.36
CA ALA A 153 59.64 9.80 -14.35
C ALA A 153 58.13 9.60 -14.55
N LEU A 154 57.33 10.29 -13.73
CA LEU A 154 55.86 10.25 -13.77
C LEU A 154 55.29 10.69 -15.13
N GLN A 155 54.13 10.17 -15.51
CA GLN A 155 53.48 10.54 -16.77
C GLN A 155 52.16 11.24 -16.51
N SER A 156 51.69 12.06 -17.44
CA SER A 156 50.43 12.78 -17.27
C SER A 156 49.71 13.17 -18.56
N GLY A 157 48.41 12.86 -18.62
CA GLY A 157 47.57 13.14 -19.78
C GLY A 157 47.86 12.30 -21.02
N ASN A 158 48.60 11.20 -20.85
CA ASN A 158 48.98 10.29 -21.95
C ASN A 158 48.59 8.82 -21.74
N SER A 159 47.80 8.57 -20.70
CA SER A 159 47.26 7.26 -20.38
C SER A 159 45.73 7.34 -20.39
N GLN A 160 45.10 6.21 -20.69
CA GLN A 160 43.63 6.08 -20.59
C GLN A 160 43.27 4.79 -19.88
N GLU A 161 42.22 4.84 -19.07
CA GLU A 161 41.82 3.66 -18.31
C GLU A 161 40.44 3.22 -18.76
N SER A 162 40.24 1.92 -18.78
CA SER A 162 38.94 1.34 -19.05
C SER A 162 38.72 0.23 -18.03
N VAL A 163 37.53 0.20 -17.44
CA VAL A 163 37.17 -0.84 -16.45
C VAL A 163 36.00 -1.67 -16.95
N THR A 164 36.09 -2.98 -16.74
CA THR A 164 34.99 -3.88 -17.06
C THR A 164 33.89 -3.74 -16.03
N GLU A 165 32.66 -4.12 -16.40
CA GLU A 165 31.58 -4.20 -15.44
C GLU A 165 31.87 -5.36 -14.51
N GLN A 166 31.36 -5.27 -13.29
CA GLN A 166 31.64 -6.30 -12.28
C GLN A 166 31.25 -7.66 -12.84
N ASP A 167 32.15 -8.63 -12.74
CA ASP A 167 31.87 -10.01 -13.13
C ASP A 167 30.68 -10.57 -12.35
N SER A 168 29.92 -11.47 -12.98
CA SER A 168 28.71 -12.02 -12.39
C SER A 168 28.93 -13.33 -11.64
N LYS A 169 30.09 -13.96 -11.85
CA LYS A 169 30.46 -15.19 -11.16
C LYS A 169 31.33 -14.96 -9.93
N ASP A 170 32.37 -14.13 -10.04
CA ASP A 170 33.28 -13.96 -8.90
C ASP A 170 33.39 -12.51 -8.43
N SER A 171 32.46 -11.66 -8.87
CA SER A 171 32.34 -10.27 -8.40
C SER A 171 33.63 -9.43 -8.50
N THR A 172 34.62 -9.87 -9.27
CA THR A 172 35.80 -9.03 -9.45
C THR A 172 35.62 -8.02 -10.58
N TYR A 173 36.47 -6.99 -10.57
CA TYR A 173 36.61 -6.05 -11.67
C TYR A 173 37.94 -6.29 -12.35
N SER A 174 38.06 -5.89 -13.61
CA SER A 174 39.37 -5.82 -14.27
C SER A 174 39.56 -4.44 -14.84
N LEU A 175 40.81 -4.04 -15.05
CA LEU A 175 41.14 -2.71 -15.51
C LEU A 175 42.27 -2.73 -16.52
N SER A 176 42.14 -1.88 -17.55
CA SER A 176 43.21 -1.70 -18.52
C SER A 176 43.68 -0.28 -18.42
N SER A 177 45.00 -0.13 -18.31
CA SER A 177 45.61 1.16 -18.46
C SER A 177 46.50 1.17 -19.71
N THR A 178 46.37 2.24 -20.52
CA THR A 178 46.99 2.31 -21.83
C THR A 178 47.76 3.60 -22.05
N LEU A 179 49.08 3.46 -22.13
CA LEU A 179 49.98 4.58 -22.38
C LEU A 179 50.24 4.73 -23.89
N THR A 180 49.91 5.89 -24.44
CA THR A 180 50.07 6.13 -25.86
C THR A 180 51.12 7.21 -26.17
N LEU A 181 52.29 6.79 -26.66
CA LEU A 181 53.30 7.72 -27.18
C LEU A 181 53.46 7.63 -28.72
N SER A 182 54.11 8.63 -29.30
CA SER A 182 54.64 8.53 -30.65
C SER A 182 55.79 7.51 -30.68
N LYS A 183 56.04 6.95 -31.87
CA LYS A 183 57.19 6.07 -32.10
C LYS A 183 58.51 6.74 -31.70
N ALA A 184 58.69 7.98 -32.19
CA ALA A 184 59.83 8.82 -31.85
C ALA A 184 60.07 8.81 -30.34
N ASP A 185 59.04 9.17 -29.57
CA ASP A 185 59.17 9.25 -28.13
C ASP A 185 59.38 7.88 -27.50
N TYR A 186 58.75 6.85 -28.06
CA TYR A 186 58.91 5.50 -27.49
C TYR A 186 60.37 5.05 -27.46
N GLU A 187 61.06 5.19 -28.59
CA GLU A 187 62.44 4.70 -28.75
C GLU A 187 63.45 5.58 -28.05
N LYS A 188 63.03 6.81 -27.77
CA LYS A 188 63.77 7.79 -26.98
C LYS A 188 64.08 7.32 -25.55
N HIS A 189 63.30 6.35 -25.03
CA HIS A 189 63.40 5.94 -23.62
C HIS A 189 63.53 4.43 -23.39
N LYS A 190 64.00 4.06 -22.20
CA LYS A 190 64.47 2.70 -21.92
C LYS A 190 63.51 1.82 -21.09
N VAL A 191 63.15 2.30 -19.91
CA VAL A 191 62.45 1.47 -18.94
C VAL A 191 61.00 1.92 -18.81
N TYR A 192 60.10 0.97 -19.03
CA TYR A 192 58.68 1.24 -18.94
C TYR A 192 58.09 0.45 -17.79
N ALA A 193 57.48 1.17 -16.87
CA ALA A 193 57.00 0.62 -15.61
C ALA A 193 55.59 1.13 -15.28
N CYS A 194 54.74 0.17 -14.91
CA CYS A 194 53.38 0.46 -14.48
C CYS A 194 53.26 0.23 -12.97
N GLU A 195 52.97 1.29 -12.21
CA GLU A 195 52.89 1.17 -10.75
C GLU A 195 51.44 1.10 -10.20
N VAL A 196 51.13 -0.03 -9.57
CA VAL A 196 49.76 -0.34 -9.12
C VAL A 196 49.62 -0.26 -7.60
N THR A 197 48.72 0.62 -7.14
CA THR A 197 48.38 0.74 -5.72
C THR A 197 46.92 0.31 -5.53
N HIS A 198 46.70 -0.69 -4.68
CA HIS A 198 45.38 -1.28 -4.45
C HIS A 198 45.29 -1.84 -3.02
N GLN A 199 44.13 -1.69 -2.39
CA GLN A 199 43.88 -2.11 -1.02
C GLN A 199 44.20 -3.58 -0.69
N GLY A 200 44.33 -4.43 -1.70
CA GLY A 200 44.70 -5.82 -1.47
C GLY A 200 46.21 -6.00 -1.44
N LEU A 201 46.92 -4.90 -1.66
CA LEU A 201 48.38 -4.89 -1.71
C LEU A 201 48.99 -4.13 -0.53
N SER A 202 49.69 -4.87 0.33
CA SER A 202 50.40 -4.27 1.47
C SER A 202 51.28 -3.11 1.00
N SER A 203 51.96 -3.30 -0.11
CA SER A 203 52.72 -2.23 -0.76
C SER A 203 52.44 -2.19 -2.25
N PRO A 204 52.47 -0.97 -2.86
CA PRO A 204 52.39 -0.80 -4.32
C PRO A 204 53.31 -1.75 -5.13
N VAL A 205 52.71 -2.56 -6.00
CA VAL A 205 53.44 -3.44 -6.93
C VAL A 205 53.80 -2.69 -8.23
N THR A 206 54.95 -3.04 -8.80
CA THR A 206 55.40 -2.53 -10.11
C THR A 206 55.60 -3.67 -11.11
N LYS A 207 55.12 -3.47 -12.33
CA LYS A 207 55.54 -4.29 -13.45
C LYS A 207 56.27 -3.41 -14.43
N SER A 208 57.34 -3.96 -15.01
CA SER A 208 58.20 -3.18 -15.91
C SER A 208 58.90 -4.04 -16.97
N PHE A 209 59.52 -3.35 -17.92
CA PHE A 209 60.31 -3.97 -18.99
C PHE A 209 61.32 -2.96 -19.57
N ASN A 210 62.43 -3.48 -20.09
CA ASN A 210 63.43 -2.68 -20.80
C ASN A 210 63.14 -2.69 -22.29
N ARG A 211 63.08 -1.51 -22.89
CA ARG A 211 62.67 -1.33 -24.28
C ARG A 211 63.37 -2.30 -25.21
N GLY A 212 62.59 -2.82 -26.17
CA GLY A 212 63.04 -3.91 -27.02
C GLY A 212 63.09 -5.21 -26.20
N GLU A 213 64.32 -5.62 -25.87
CA GLU A 213 64.59 -6.87 -25.12
C GLU A 213 63.49 -7.94 -25.32
N VAL B 2 9.91 -18.39 -28.70
CA VAL B 2 9.83 -16.94 -28.88
C VAL B 2 11.19 -16.21 -28.93
N THR B 3 11.50 -15.63 -30.09
CA THR B 3 12.70 -14.78 -30.24
C THR B 3 12.39 -13.50 -31.01
N LEU B 4 13.27 -12.50 -30.86
CA LEU B 4 13.22 -11.29 -31.67
C LEU B 4 14.63 -10.77 -31.95
N LYS B 5 14.87 -10.24 -33.14
CA LYS B 5 16.20 -9.77 -33.52
C LYS B 5 16.12 -8.47 -34.34
N GLU B 6 16.81 -7.44 -33.85
CA GLU B 6 16.86 -6.11 -34.46
C GLU B 6 17.85 -6.13 -35.63
N SER B 7 17.53 -5.44 -36.73
CA SER B 7 18.46 -5.37 -37.84
C SER B 7 19.83 -4.83 -37.34
N GLY B 8 20.90 -5.14 -38.06
CA GLY B 8 22.28 -4.92 -37.61
C GLY B 8 22.59 -3.48 -37.25
N PRO B 9 23.76 -3.24 -36.59
CA PRO B 9 24.22 -1.90 -36.17
C PRO B 9 24.41 -0.90 -37.32
N VAL B 10 23.76 0.26 -37.21
CA VAL B 10 23.77 1.25 -38.27
C VAL B 10 24.36 2.58 -37.86
N LEU B 11 24.98 3.22 -38.83
CA LEU B 11 25.49 4.57 -38.71
C LEU B 11 24.59 5.47 -39.54
N VAL B 12 24.00 6.48 -38.90
CA VAL B 12 23.04 7.39 -39.54
C VAL B 12 23.53 8.83 -39.47
N LYS B 13 23.44 9.54 -40.59
CA LYS B 13 23.90 10.92 -40.68
C LYS B 13 22.87 11.89 -40.06
N PRO B 14 23.35 12.99 -39.41
CA PRO B 14 22.43 13.94 -38.86
C PRO B 14 21.39 14.33 -39.91
N THR B 15 20.14 14.48 -39.50
CA THR B 15 18.97 14.85 -40.33
C THR B 15 18.39 13.71 -41.15
N GLU B 16 19.16 12.65 -41.39
CA GLU B 16 18.66 11.50 -42.13
C GLU B 16 17.67 10.66 -41.32
N THR B 17 17.26 9.56 -41.94
CA THR B 17 16.18 8.72 -41.46
C THR B 17 16.69 7.34 -41.08
N LEU B 18 16.33 6.90 -39.86
CA LEU B 18 16.66 5.57 -39.40
C LEU B 18 15.50 4.65 -39.73
N THR B 19 15.85 3.42 -40.10
CA THR B 19 14.88 2.38 -40.36
C THR B 19 15.38 1.10 -39.70
N LEU B 20 14.59 0.59 -38.77
CA LEU B 20 14.97 -0.63 -38.06
C LEU B 20 13.91 -1.68 -38.29
N THR B 21 14.38 -2.91 -38.45
CA THR B 21 13.49 -4.05 -38.54
C THR B 21 13.70 -4.93 -37.33
N CYS B 22 12.58 -5.37 -36.78
CA CYS B 22 12.56 -6.39 -35.78
C CYS B 22 11.99 -7.57 -36.51
N THR B 23 12.71 -8.69 -36.44
CA THR B 23 12.26 -9.96 -37.00
C THR B 23 11.94 -10.88 -35.85
N VAL B 24 10.74 -11.43 -35.90
CA VAL B 24 10.12 -12.18 -34.83
C VAL B 24 9.95 -13.63 -35.26
N SER B 25 10.09 -14.56 -34.33
CA SER B 25 9.60 -15.92 -34.55
C SER B 25 9.04 -16.48 -33.24
N GLY B 26 8.23 -17.53 -33.34
CA GLY B 26 7.70 -18.22 -32.16
C GLY B 26 6.28 -17.79 -31.87
N PHE B 27 5.79 -16.84 -32.67
CA PHE B 27 4.44 -16.30 -32.53
C PHE B 27 4.11 -15.45 -33.73
N SER B 28 2.82 -15.21 -33.94
CA SER B 28 2.38 -14.50 -35.12
C SER B 28 2.05 -13.04 -34.78
N LEU B 29 2.51 -12.12 -35.63
CA LEU B 29 2.18 -10.71 -35.46
C LEU B 29 0.70 -10.38 -35.74
N SER B 30 -0.16 -11.39 -35.74
CA SER B 30 -1.60 -11.13 -35.86
C SER B 30 -2.49 -12.01 -35.00
N THR B 31 -1.89 -12.92 -34.23
CA THR B 31 -2.58 -13.65 -33.15
C THR B 31 -3.14 -12.67 -32.13
N TYR B 32 -4.35 -12.93 -31.64
CA TYR B 32 -4.95 -12.08 -30.61
C TYR B 32 -3.99 -11.82 -29.46
N GLY B 33 -3.85 -10.55 -29.08
CA GLY B 33 -3.09 -10.19 -27.90
C GLY B 33 -1.61 -9.94 -28.10
N MET B 34 -1.06 -10.34 -29.26
CA MET B 34 0.37 -10.15 -29.51
C MET B 34 0.67 -8.72 -29.93
N GLY B 35 1.74 -8.17 -29.34
CA GLY B 35 2.18 -6.81 -29.66
C GLY B 35 3.70 -6.66 -29.58
N VAL B 36 4.23 -5.71 -30.33
CA VAL B 36 5.67 -5.43 -30.33
C VAL B 36 5.97 -3.94 -30.17
N GLY B 37 6.95 -3.67 -29.32
CA GLY B 37 7.32 -2.31 -28.95
C GLY B 37 8.79 -2.10 -29.20
N TRP B 38 9.17 -0.82 -29.25
CA TRP B 38 10.57 -0.39 -29.38
C TRP B 38 10.89 0.51 -28.21
N ILE B 39 12.03 0.23 -27.62
CA ILE B 39 12.52 0.93 -26.45
C ILE B 39 13.97 1.20 -26.76
N ARG B 40 14.44 2.40 -26.45
CA ARG B 40 15.87 2.70 -26.63
C ARG B 40 16.57 3.07 -25.33
N GLN B 41 17.91 3.08 -25.39
CA GLN B 41 18.78 3.36 -24.24
C GLN B 41 20.10 4.03 -24.66
N PRO B 42 20.19 5.36 -24.52
CA PRO B 42 21.45 6.09 -24.71
C PRO B 42 22.53 5.50 -23.78
N PRO B 43 23.81 5.62 -24.18
CA PRO B 43 24.89 5.10 -23.33
C PRO B 43 24.79 5.65 -21.92
N GLY B 44 24.95 4.77 -20.94
CA GLY B 44 24.95 5.11 -19.53
C GLY B 44 23.68 5.78 -19.07
N LYS B 45 22.64 5.70 -19.90
CA LYS B 45 21.41 6.38 -19.53
C LYS B 45 20.21 5.46 -19.40
N ALA B 46 19.08 6.03 -19.01
CA ALA B 46 17.85 5.26 -18.75
C ALA B 46 17.13 4.70 -20.00
N LEU B 47 16.22 3.77 -19.75
CA LEU B 47 15.41 3.20 -20.80
C LEU B 47 14.29 4.17 -21.23
N GLU B 48 13.99 4.22 -22.53
CA GLU B 48 12.91 5.07 -23.03
C GLU B 48 12.00 4.38 -24.05
N TRP B 49 10.69 4.46 -23.81
CA TRP B 49 9.71 3.85 -24.69
C TRP B 49 9.50 4.69 -25.99
N LEU B 50 9.61 4.04 -27.15
CA LEU B 50 9.42 4.77 -28.41
C LEU B 50 8.03 4.61 -29.00
N ALA B 51 7.62 3.37 -29.18
CA ALA B 51 6.39 3.07 -29.88
C ALA B 51 6.10 1.58 -29.75
N HIS B 52 4.84 1.23 -29.92
CA HIS B 52 4.47 -0.16 -30.03
C HIS B 52 3.28 -0.29 -30.97
N ILE B 53 3.05 -1.51 -31.45
CA ILE B 53 1.98 -1.85 -32.37
C ILE B 53 1.34 -3.18 -31.91
N TRP B 54 0.02 -3.29 -32.01
CA TRP B 54 -0.69 -4.51 -31.62
C TRP B 54 -1.16 -5.34 -32.83
N TRP B 55 -1.58 -6.59 -32.57
CA TRP B 55 -2.06 -7.49 -33.62
C TRP B 55 -3.04 -6.84 -34.59
N ASP B 56 -3.91 -5.97 -34.07
CA ASP B 56 -4.99 -5.38 -34.84
C ASP B 56 -4.57 -4.08 -35.49
N ASP B 57 -3.25 -3.84 -35.50
CA ASP B 57 -2.67 -2.66 -36.16
C ASP B 57 -2.77 -1.35 -35.35
N VAL B 58 -3.32 -1.39 -34.13
CA VAL B 58 -3.35 -0.20 -33.26
C VAL B 58 -1.91 0.23 -32.96
N LYS B 59 -1.63 1.53 -33.08
CA LYS B 59 -0.27 2.06 -32.91
C LYS B 59 -0.23 3.09 -31.81
N ARG B 60 0.84 3.04 -31.00
CA ARG B 60 1.08 4.06 -29.97
C ARG B 60 2.48 4.58 -30.08
N TYR B 61 2.63 5.89 -29.87
CA TYR B 61 3.92 6.55 -30.00
C TYR B 61 4.19 7.41 -28.82
N ASN B 62 5.45 7.50 -28.43
CA ASN B 62 5.90 8.52 -27.49
C ASN B 62 5.47 9.92 -27.98
N PRO B 63 4.69 10.64 -27.17
CA PRO B 63 4.20 11.95 -27.68
C PRO B 63 5.31 13.00 -27.94
N ALA B 64 6.41 12.94 -27.19
CA ALA B 64 7.54 13.86 -27.36
C ALA B 64 8.21 13.73 -28.72
N LEU B 65 8.15 12.54 -29.31
CA LEU B 65 8.85 12.22 -30.56
C LEU B 65 7.88 11.81 -31.65
N LYS B 66 6.59 11.84 -31.33
CA LYS B 66 5.53 11.42 -32.26
C LYS B 66 5.73 11.93 -33.69
N SER B 67 6.14 13.20 -33.83
CA SER B 67 6.24 13.80 -35.16
C SER B 67 7.30 13.12 -36.04
N ARG B 68 8.22 12.39 -35.42
CA ARG B 68 9.35 11.79 -36.13
C ARG B 68 9.21 10.29 -36.34
N LEU B 69 8.15 9.68 -35.83
CA LEU B 69 8.08 8.21 -35.75
C LEU B 69 7.03 7.57 -36.60
N THR B 70 7.36 6.42 -37.14
CA THR B 70 6.38 5.53 -37.75
C THR B 70 6.72 4.11 -37.36
N ILE B 71 5.68 3.30 -37.16
CA ILE B 71 5.84 1.89 -36.83
C ILE B 71 4.86 1.13 -37.71
N SER B 72 5.26 -0.04 -38.17
CA SER B 72 4.39 -0.88 -39.00
C SER B 72 4.69 -2.36 -38.80
N LYS B 73 3.80 -3.21 -39.28
CA LYS B 73 4.03 -4.65 -39.23
C LYS B 73 3.60 -5.30 -40.53
N ASP B 74 4.20 -6.46 -40.80
CA ASP B 74 3.83 -7.32 -41.93
C ASP B 74 3.91 -8.75 -41.38
N THR B 75 2.74 -9.36 -41.20
CA THR B 75 2.66 -10.69 -40.59
C THR B 75 3.35 -11.77 -41.42
N SER B 76 3.09 -11.80 -42.72
CA SER B 76 3.72 -12.85 -43.54
C SER B 76 5.29 -12.81 -43.50
N LYS B 77 5.86 -11.61 -43.39
CA LYS B 77 7.30 -11.45 -43.26
C LYS B 77 7.80 -11.61 -41.83
N SER B 78 6.90 -11.51 -40.85
CA SER B 78 7.27 -11.61 -39.43
C SER B 78 8.17 -10.48 -38.97
N GLN B 79 7.89 -9.28 -39.48
CA GLN B 79 8.73 -8.14 -39.23
C GLN B 79 7.94 -6.92 -38.75
N VAL B 80 8.49 -6.24 -37.74
CA VAL B 80 8.00 -4.93 -37.32
C VAL B 80 9.06 -3.91 -37.73
N VAL B 81 8.63 -2.76 -38.21
CA VAL B 81 9.55 -1.74 -38.70
C VAL B 81 9.39 -0.42 -37.93
N LEU B 82 10.51 0.22 -37.67
CA LEU B 82 10.51 1.52 -37.00
C LEU B 82 11.22 2.52 -37.89
N THR B 83 10.55 3.64 -38.14
CA THR B 83 11.14 4.70 -38.95
C THR B 83 11.19 5.98 -38.12
N MET B 84 12.39 6.51 -37.97
CA MET B 84 12.62 7.71 -37.18
C MET B 84 13.37 8.75 -38.05
N THR B 85 12.71 9.88 -38.28
CA THR B 85 13.21 10.92 -39.19
C THR B 85 14.00 11.99 -38.47
N ASN B 86 14.79 12.76 -39.23
CA ASN B 86 15.51 13.91 -38.69
C ASN B 86 16.41 13.54 -37.52
N MET B 87 17.24 12.52 -37.74
CA MET B 87 18.05 12.01 -36.65
C MET B 87 19.04 13.06 -36.16
N ASP B 88 19.40 12.94 -34.89
CA ASP B 88 20.19 13.93 -34.20
C ASP B 88 21.25 13.19 -33.43
N PRO B 89 22.43 13.79 -33.23
CA PRO B 89 23.45 13.12 -32.39
C PRO B 89 22.87 12.60 -31.06
N VAL B 90 21.94 13.35 -30.47
CA VAL B 90 21.21 12.95 -29.25
C VAL B 90 20.42 11.61 -29.33
N ASP B 91 20.07 11.19 -30.55
CA ASP B 91 19.40 9.92 -30.74
C ASP B 91 20.35 8.71 -30.75
N THR B 92 21.64 8.93 -30.54
CA THR B 92 22.60 7.83 -30.47
C THR B 92 22.28 6.99 -29.25
N ALA B 93 21.92 5.73 -29.50
CA ALA B 93 21.47 4.83 -28.43
C ALA B 93 21.41 3.38 -28.86
N THR B 94 21.15 2.51 -27.89
CA THR B 94 20.82 1.14 -28.20
C THR B 94 19.31 1.05 -28.40
N TYR B 95 18.90 0.47 -29.52
CA TYR B 95 17.48 0.28 -29.85
C TYR B 95 17.02 -1.17 -29.71
N TYR B 96 16.09 -1.42 -28.77
CA TYR B 96 15.50 -2.75 -28.60
C TYR B 96 14.10 -2.85 -29.15
N CYS B 97 13.76 -4.04 -29.65
CA CYS B 97 12.38 -4.42 -29.88
C CYS B 97 11.99 -5.48 -28.85
N ALA B 98 10.75 -5.43 -28.42
CA ALA B 98 10.29 -6.33 -27.39
C ALA B 98 8.83 -6.68 -27.64
N ARG B 99 8.43 -7.85 -27.15
CA ARG B 99 7.04 -8.22 -27.14
C ARG B 99 6.36 -7.82 -25.81
N MET B 100 5.12 -7.37 -25.89
CA MET B 100 4.34 -7.11 -24.69
C MET B 100 3.98 -8.46 -24.05
N GLY B 101 3.77 -8.46 -22.74
CA GLY B 101 3.58 -9.71 -22.00
C GLY B 101 2.12 -9.95 -21.70
N SER B 102 1.30 -8.99 -22.11
CA SER B 102 -0.13 -9.08 -21.89
C SER B 102 -0.81 -8.57 -23.15
N ASP B 103 -2.14 -8.70 -23.18
CA ASP B 103 -2.88 -8.19 -24.32
C ASP B 103 -3.32 -6.74 -24.12
N TYR B 104 -3.02 -6.19 -22.94
CA TYR B 104 -3.48 -4.83 -22.62
C TYR B 104 -2.39 -3.97 -21.99
N ASP B 105 -1.90 -4.42 -20.84
CA ASP B 105 -0.85 -3.71 -20.12
C ASP B 105 0.43 -3.65 -20.93
N VAL B 106 1.05 -2.46 -20.98
CA VAL B 106 2.30 -2.30 -21.72
C VAL B 106 3.53 -2.51 -20.84
N TRP B 107 3.95 -3.77 -20.69
CA TRP B 107 5.25 -4.12 -20.14
C TRP B 107 5.73 -5.24 -21.02
N PHE B 108 7.03 -5.52 -20.99
CA PHE B 108 7.67 -6.38 -21.99
C PHE B 108 8.30 -7.64 -21.39
N ASP B 109 8.07 -8.76 -22.05
CA ASP B 109 8.41 -10.09 -21.54
C ASP B 109 9.55 -10.75 -22.33
N TYR B 110 9.61 -10.51 -23.64
CA TYR B 110 10.74 -10.95 -24.44
C TYR B 110 11.32 -9.77 -25.18
N TRP B 111 12.65 -9.72 -25.26
CA TRP B 111 13.38 -8.60 -25.81
C TRP B 111 14.37 -9.07 -26.88
N GLY B 112 14.48 -8.30 -27.95
CA GLY B 112 15.59 -8.51 -28.88
C GLY B 112 16.86 -8.20 -28.09
N GLN B 113 18.02 -8.43 -28.69
CA GLN B 113 19.27 -8.17 -28.00
C GLN B 113 19.78 -6.74 -28.16
N GLY B 114 19.07 -5.92 -28.95
CA GLY B 114 19.48 -4.54 -29.16
C GLY B 114 20.45 -4.28 -30.32
N THR B 115 20.31 -3.11 -30.92
CA THR B 115 21.20 -2.65 -31.95
C THR B 115 21.66 -1.21 -31.65
N LEU B 116 22.97 -1.01 -31.74
CA LEU B 116 23.53 0.30 -31.48
C LEU B 116 23.41 1.15 -32.73
N VAL B 117 22.63 2.21 -32.62
CA VAL B 117 22.52 3.21 -33.65
C VAL B 117 23.40 4.37 -33.21
N THR B 118 24.32 4.78 -34.08
CA THR B 118 25.20 5.91 -33.84
C THR B 118 24.88 6.97 -34.88
N VAL B 119 24.50 8.17 -34.40
CA VAL B 119 24.24 9.30 -35.28
C VAL B 119 25.49 10.17 -35.35
N SER B 120 26.09 10.21 -36.53
CA SER B 120 27.33 10.93 -36.72
C SER B 120 27.48 11.16 -38.19
N SER B 121 28.20 12.22 -38.54
CA SER B 121 28.50 12.51 -39.96
C SER B 121 29.84 11.93 -40.40
N ALA B 122 30.61 11.37 -39.45
CA ALA B 122 31.90 10.73 -39.75
C ALA B 122 31.72 9.42 -40.53
N SER B 123 32.77 8.99 -41.23
CA SER B 123 32.72 7.76 -42.03
C SER B 123 33.02 6.52 -41.19
N THR B 124 32.50 5.36 -41.61
CA THR B 124 32.96 4.09 -41.01
C THR B 124 34.44 3.86 -41.29
N LYS B 125 35.10 3.17 -40.38
CA LYS B 125 36.48 2.76 -40.54
C LYS B 125 36.67 1.51 -39.67
N GLY B 126 37.19 0.45 -40.30
CA GLY B 126 37.36 -0.85 -39.63
C GLY B 126 38.61 -0.80 -38.79
N PRO B 127 38.79 -1.78 -37.91
CA PRO B 127 39.86 -1.70 -36.93
C PRO B 127 41.20 -2.29 -37.40
N SER B 128 42.29 -1.80 -36.83
CA SER B 128 43.57 -2.45 -36.90
C SER B 128 43.61 -3.29 -35.64
N VAL B 129 44.25 -4.45 -35.72
CA VAL B 129 44.28 -5.40 -34.62
C VAL B 129 45.70 -5.85 -34.35
N PHE B 130 46.22 -5.45 -33.19
CA PHE B 130 47.62 -5.69 -32.82
C PHE B 130 47.67 -6.76 -31.72
N PRO B 131 48.69 -7.65 -31.76
CA PRO B 131 48.85 -8.62 -30.68
C PRO B 131 49.30 -7.96 -29.38
N LEU B 132 48.87 -8.53 -28.25
CA LEU B 132 49.48 -8.26 -26.96
C LEU B 132 49.99 -9.62 -26.56
N ALA B 133 51.25 -9.86 -26.91
CA ALA B 133 51.85 -11.18 -26.81
C ALA B 133 52.18 -11.54 -25.37
N PRO B 134 52.00 -12.81 -25.02
CA PRO B 134 52.38 -13.32 -23.71
C PRO B 134 53.90 -13.44 -23.58
N SER B 135 54.41 -13.08 -22.41
CA SER B 135 55.83 -13.09 -22.12
C SER B 135 56.02 -13.45 -20.65
N SER B 136 57.24 -13.35 -20.14
CA SER B 136 57.51 -13.49 -18.71
C SER B 136 56.90 -12.32 -17.91
N LYS B 137 56.74 -11.17 -18.56
CA LYS B 137 56.15 -9.98 -17.95
C LYS B 137 54.60 -10.00 -18.01
N SER B 138 54.08 -11.11 -18.53
CA SER B 138 52.65 -11.43 -18.50
C SER B 138 52.39 -12.88 -18.01
N THR B 139 53.44 -13.50 -17.46
CA THR B 139 53.37 -14.87 -16.91
C THR B 139 53.68 -14.80 -15.43
N SER B 140 52.65 -14.53 -14.64
CA SER B 140 52.79 -14.51 -13.19
C SER B 140 52.49 -15.89 -12.60
N GLY B 141 53.49 -16.77 -12.67
CA GLY B 141 53.41 -18.12 -12.12
C GLY B 141 52.26 -18.98 -12.62
N GLY B 142 52.58 -19.94 -13.48
CA GLY B 142 51.63 -20.96 -13.92
C GLY B 142 50.53 -20.46 -14.84
N THR B 143 50.30 -19.16 -14.84
CA THR B 143 49.23 -18.53 -15.63
C THR B 143 49.74 -17.36 -16.47
N ALA B 144 49.38 -17.37 -17.76
CA ALA B 144 49.81 -16.33 -18.67
C ALA B 144 48.65 -15.54 -19.29
N ALA B 145 48.90 -14.26 -19.49
CA ALA B 145 47.92 -13.36 -20.04
C ALA B 145 48.39 -12.89 -21.41
N LEU B 146 47.46 -12.89 -22.37
CA LEU B 146 47.72 -12.42 -23.71
C LEU B 146 46.45 -11.72 -24.20
N GLY B 147 46.53 -10.99 -25.31
CA GLY B 147 45.35 -10.35 -25.86
C GLY B 147 45.50 -9.83 -27.27
N CYS B 148 44.52 -9.01 -27.66
CA CYS B 148 44.55 -8.22 -28.91
C CYS B 148 44.12 -6.80 -28.59
N LEU B 149 44.84 -5.83 -29.13
CA LEU B 149 44.42 -4.45 -29.00
C LEU B 149 43.75 -4.10 -30.30
N VAL B 150 42.52 -3.61 -30.19
CA VAL B 150 41.66 -3.42 -31.34
C VAL B 150 41.51 -1.93 -31.45
N LYS B 151 42.06 -1.38 -32.52
CA LYS B 151 42.34 0.05 -32.54
C LYS B 151 41.86 0.79 -33.79
N ASP B 152 41.34 2.00 -33.58
CA ASP B 152 41.14 3.01 -34.64
C ASP B 152 39.96 2.74 -35.55
N TYR B 153 38.82 2.42 -34.95
CA TYR B 153 37.63 2.07 -35.71
C TYR B 153 36.49 2.99 -35.36
N PHE B 154 35.45 2.98 -36.21
CA PHE B 154 34.29 3.80 -36.01
C PHE B 154 33.20 3.38 -36.97
N PRO B 155 31.93 3.32 -36.50
CA PRO B 155 31.50 3.58 -35.12
C PRO B 155 31.56 2.33 -34.27
N GLU B 156 31.00 2.40 -33.07
CA GLU B 156 30.80 1.20 -32.26
C GLU B 156 29.66 0.40 -32.91
N PRO B 157 29.47 -0.88 -32.53
CA PRO B 157 30.31 -1.69 -31.66
C PRO B 157 31.29 -2.51 -32.47
N VAL B 158 32.18 -3.19 -31.77
CA VAL B 158 33.02 -4.22 -32.32
C VAL B 158 32.78 -5.49 -31.48
N THR B 159 32.78 -6.67 -32.10
CA THR B 159 32.62 -7.90 -31.32
C THR B 159 33.90 -8.67 -31.41
N VAL B 160 34.41 -9.12 -30.27
CA VAL B 160 35.67 -9.83 -30.25
C VAL B 160 35.48 -11.17 -29.59
N SER B 161 36.03 -12.22 -30.19
CA SER B 161 35.95 -13.54 -29.59
C SER B 161 37.28 -14.25 -29.76
N TRP B 162 37.46 -15.35 -29.03
CA TRP B 162 38.70 -16.12 -29.03
C TRP B 162 38.49 -17.54 -29.56
N ASN B 163 39.36 -17.94 -30.49
CA ASN B 163 39.24 -19.21 -31.20
C ASN B 163 37.81 -19.52 -31.65
N SER B 164 37.19 -18.54 -32.29
CA SER B 164 35.86 -18.70 -32.88
C SER B 164 34.79 -19.05 -31.85
N GLY B 165 35.04 -18.69 -30.59
CA GLY B 165 34.05 -18.85 -29.55
C GLY B 165 34.26 -20.04 -28.64
N ALA B 166 35.33 -20.79 -28.90
CA ALA B 166 35.68 -21.96 -28.11
C ALA B 166 36.42 -21.59 -26.82
N LEU B 167 36.94 -20.37 -26.76
CA LEU B 167 37.57 -19.85 -25.53
C LEU B 167 36.78 -18.67 -24.94
N THR B 168 36.14 -18.93 -23.79
CA THR B 168 35.31 -17.90 -23.15
C THR B 168 35.75 -17.54 -21.73
N SER B 169 36.37 -18.48 -21.01
CA SER B 169 36.84 -18.24 -19.63
C SER B 169 38.15 -17.45 -19.56
N GLY B 170 38.24 -16.53 -18.62
CA GLY B 170 39.39 -15.65 -18.53
C GLY B 170 39.38 -14.50 -19.53
N VAL B 171 38.34 -14.39 -20.33
CA VAL B 171 38.28 -13.34 -21.36
C VAL B 171 37.71 -12.02 -20.84
N HIS B 172 38.53 -10.97 -20.83
CA HIS B 172 38.03 -9.62 -20.61
C HIS B 172 38.17 -8.76 -21.87
N THR B 173 37.03 -8.26 -22.35
CA THR B 173 36.99 -7.27 -23.40
C THR B 173 36.55 -5.98 -22.75
N PHE B 174 37.42 -5.00 -22.79
CA PHE B 174 37.20 -3.73 -22.15
C PHE B 174 36.33 -2.81 -22.99
N PRO B 175 35.53 -1.96 -22.35
CA PRO B 175 34.80 -0.91 -23.04
C PRO B 175 35.73 -0.02 -23.87
N ALA B 176 35.27 0.37 -25.04
CA ALA B 176 36.05 1.23 -25.92
C ALA B 176 36.12 2.61 -25.31
N VAL B 177 37.24 3.30 -25.52
CA VAL B 177 37.34 4.74 -25.27
C VAL B 177 37.44 5.46 -26.61
N LEU B 178 36.81 6.62 -26.71
CA LEU B 178 36.80 7.43 -27.92
C LEU B 178 38.00 8.36 -27.93
N GLN B 179 39.01 8.02 -28.74
CA GLN B 179 40.26 8.79 -28.78
C GLN B 179 40.16 10.16 -29.42
N SER B 180 41.21 10.96 -29.26
CA SER B 180 41.28 12.32 -29.83
C SER B 180 41.07 12.42 -31.34
N SER B 181 41.28 11.32 -32.06
CA SER B 181 41.06 11.26 -33.51
C SER B 181 39.62 11.00 -33.87
N GLY B 182 38.78 10.73 -32.86
CA GLY B 182 37.37 10.44 -33.08
C GLY B 182 37.17 9.01 -33.55
N LEU B 183 38.05 8.14 -33.07
CA LEU B 183 37.97 6.71 -33.35
C LEU B 183 38.11 5.98 -32.03
N TYR B 184 37.50 4.79 -31.93
CA TYR B 184 37.51 4.02 -30.68
C TYR B 184 38.69 3.08 -30.62
N SER B 185 39.09 2.74 -29.41
CA SER B 185 40.16 1.78 -29.18
C SER B 185 39.77 0.91 -27.96
N LEU B 186 40.19 -0.36 -27.97
CA LEU B 186 39.96 -1.25 -26.86
C LEU B 186 40.96 -2.39 -26.84
N SER B 187 41.01 -3.09 -25.72
CA SER B 187 41.76 -4.33 -25.62
C SER B 187 40.80 -5.44 -25.25
N SER B 188 41.01 -6.60 -25.85
CA SER B 188 40.45 -7.84 -25.37
C SER B 188 41.59 -8.73 -24.86
N VAL B 189 41.43 -9.26 -23.66
CA VAL B 189 42.50 -9.99 -23.03
C VAL B 189 41.99 -11.30 -22.47
N VAL B 190 42.88 -12.29 -22.37
CA VAL B 190 42.56 -13.60 -21.82
C VAL B 190 43.75 -14.19 -21.04
N THR B 191 43.43 -14.88 -19.96
CA THR B 191 44.43 -15.59 -19.19
C THR B 191 44.27 -17.09 -19.47
N VAL B 192 45.40 -17.77 -19.68
CA VAL B 192 45.45 -19.20 -19.99
C VAL B 192 46.61 -19.89 -19.25
N PRO B 193 46.59 -21.23 -19.14
CA PRO B 193 47.73 -21.91 -18.53
C PRO B 193 49.02 -21.71 -19.34
N SER B 194 50.15 -21.57 -18.63
CA SER B 194 51.46 -21.41 -19.26
C SER B 194 51.86 -22.61 -20.09
N SER B 195 51.64 -23.81 -19.56
CA SER B 195 52.10 -25.03 -20.24
C SER B 195 51.59 -25.17 -21.68
N SER B 196 50.51 -24.44 -22.01
CA SER B 196 49.80 -24.56 -23.30
C SER B 196 50.26 -23.57 -24.37
N LEU B 197 51.12 -22.63 -23.98
CA LEU B 197 51.59 -21.58 -24.88
C LEU B 197 52.47 -22.08 -26.02
N GLY B 198 53.05 -23.26 -25.86
CA GLY B 198 53.80 -23.91 -26.92
C GLY B 198 52.93 -24.85 -27.71
N THR B 199 51.74 -25.12 -27.19
CA THR B 199 50.85 -26.11 -27.76
C THR B 199 49.70 -25.48 -28.52
N GLN B 200 48.85 -24.77 -27.79
CA GLN B 200 47.57 -24.28 -28.28
C GLN B 200 47.71 -22.97 -29.04
N THR B 201 47.10 -22.93 -30.21
CA THR B 201 47.04 -21.69 -30.98
C THR B 201 45.96 -20.79 -30.38
N TYR B 202 46.30 -19.52 -30.23
CA TYR B 202 45.34 -18.53 -29.77
C TYR B 202 45.05 -17.48 -30.86
N ILE B 203 43.79 -17.38 -31.25
CA ILE B 203 43.37 -16.41 -32.25
C ILE B 203 42.28 -15.50 -31.71
N CYS B 204 42.39 -14.20 -32.00
CA CYS B 204 41.30 -13.28 -31.72
C CYS B 204 40.50 -12.98 -32.98
N ASN B 205 39.19 -13.08 -32.87
CA ASN B 205 38.29 -12.82 -33.99
C ASN B 205 37.55 -11.50 -33.75
N VAL B 206 37.76 -10.55 -34.63
CA VAL B 206 37.27 -9.20 -34.45
C VAL B 206 36.31 -8.87 -35.59
N ASN B 207 35.05 -8.69 -35.22
CA ASN B 207 33.99 -8.43 -36.17
C ASN B 207 33.48 -7.00 -36.04
N HIS B 208 33.53 -6.27 -37.14
CA HIS B 208 33.07 -4.91 -37.09
C HIS B 208 32.00 -4.69 -38.16
N LYS B 209 30.75 -4.96 -37.80
CA LYS B 209 29.65 -4.93 -38.76
C LYS B 209 29.51 -3.61 -39.52
N PRO B 210 29.59 -2.46 -38.82
CA PRO B 210 29.27 -1.25 -39.57
C PRO B 210 30.13 -1.05 -40.80
N SER B 211 31.41 -1.42 -40.72
CA SER B 211 32.34 -1.20 -41.82
C SER B 211 32.58 -2.46 -42.61
N ASN B 212 31.83 -3.52 -42.28
CA ASN B 212 31.93 -4.82 -42.91
C ASN B 212 33.35 -5.33 -42.99
N THR B 213 34.03 -5.33 -41.85
CA THR B 213 35.37 -5.86 -41.77
C THR B 213 35.41 -6.92 -40.72
N LYS B 214 36.10 -8.02 -41.04
CA LYS B 214 36.41 -9.09 -40.09
C LYS B 214 37.91 -9.34 -40.13
N VAL B 215 38.54 -9.37 -38.97
CA VAL B 215 39.98 -9.66 -38.88
C VAL B 215 40.25 -10.82 -37.94
N ASP B 216 41.05 -11.77 -38.39
CA ASP B 216 41.58 -12.78 -37.49
C ASP B 216 43.05 -12.50 -37.26
N LYS B 217 43.47 -12.54 -36.00
CA LYS B 217 44.87 -12.36 -35.63
C LYS B 217 45.31 -13.48 -34.67
N LYS B 218 46.40 -14.17 -35.02
CA LYS B 218 47.03 -15.13 -34.13
C LYS B 218 47.87 -14.37 -33.08
N VAL B 219 47.89 -14.86 -31.86
CA VAL B 219 48.69 -14.24 -30.81
C VAL B 219 49.68 -15.27 -30.29
N GLU B 220 50.93 -14.85 -30.18
CA GLU B 220 52.03 -15.78 -30.09
C GLU B 220 53.12 -15.14 -29.24
N PRO B 221 53.80 -15.95 -28.41
CA PRO B 221 54.92 -15.43 -27.59
C PRO B 221 55.99 -14.84 -28.51
N LYS B 222 56.36 -13.59 -28.23
CA LYS B 222 57.35 -12.82 -28.98
C LYS B 222 57.30 -11.38 -28.50
N GLU C 1 -14.13 12.03 12.50
CA GLU C 1 -14.60 11.15 11.39
C GLU C 1 -13.58 11.03 10.26
N ILE C 2 -13.57 9.89 9.59
CA ILE C 2 -12.74 9.68 8.41
C ILE C 2 -13.33 10.39 7.19
N VAL C 3 -12.59 11.37 6.66
CA VAL C 3 -12.98 12.10 5.46
C VAL C 3 -12.28 11.46 4.27
N LEU C 4 -13.01 11.33 3.18
CA LEU C 4 -12.49 10.70 1.97
C LEU C 4 -12.48 11.71 0.86
N THR C 5 -11.35 11.82 0.20
CA THR C 5 -11.20 12.74 -0.90
C THR C 5 -11.05 11.95 -2.18
N GLN C 6 -11.99 12.14 -3.10
CA GLN C 6 -11.87 11.50 -4.40
C GLN C 6 -11.24 12.46 -5.37
N SER C 7 -10.46 11.89 -6.27
CA SER C 7 -9.67 12.65 -7.23
C SER C 7 -9.67 11.81 -8.48
N PRO C 8 -9.84 12.42 -9.68
CA PRO C 8 -10.23 13.81 -9.89
C PRO C 8 -11.74 13.96 -9.78
N ALA C 9 -12.19 15.20 -9.63
CA ALA C 9 -13.61 15.51 -9.62
C ALA C 9 -14.35 14.85 -10.79
N THR C 10 -13.75 15.00 -11.95
CA THR C 10 -14.37 14.68 -13.22
C THR C 10 -13.29 14.17 -14.15
N LEU C 11 -13.68 13.28 -15.05
CA LEU C 11 -12.72 12.63 -15.93
C LEU C 11 -13.41 12.29 -17.23
N SER C 12 -12.65 12.37 -18.32
CA SER C 12 -13.19 12.11 -19.65
C SER C 12 -12.21 11.28 -20.45
N LEU C 13 -12.61 10.06 -20.81
CA LEU C 13 -11.70 9.17 -21.54
C LEU C 13 -12.38 8.38 -22.69
N SER C 14 -11.57 7.90 -23.64
CA SER C 14 -12.05 7.24 -24.86
C SER C 14 -12.26 5.76 -24.62
N PRO C 15 -13.21 5.14 -25.34
CA PRO C 15 -13.35 3.67 -25.21
C PRO C 15 -12.02 2.93 -25.34
N GLY C 16 -11.83 1.91 -24.50
CA GLY C 16 -10.58 1.13 -24.51
C GLY C 16 -9.43 1.62 -23.65
N GLU C 17 -9.51 2.84 -23.13
CA GLU C 17 -8.47 3.35 -22.22
C GLU C 17 -8.72 2.89 -20.78
N ARG C 18 -7.77 3.16 -19.89
CA ARG C 18 -7.93 2.79 -18.51
C ARG C 18 -8.22 4.04 -17.68
N ALA C 19 -9.28 4.01 -16.88
CA ALA C 19 -9.55 5.06 -15.92
C ALA C 19 -8.91 4.78 -14.56
N THR C 20 -8.27 5.79 -13.99
CA THR C 20 -7.56 5.67 -12.72
C THR C 20 -8.16 6.66 -11.75
N LEU C 21 -8.80 6.13 -10.70
CA LEU C 21 -9.53 6.95 -9.74
C LEU C 21 -8.94 6.79 -8.37
N SER C 22 -8.69 7.91 -7.71
CA SER C 22 -8.07 7.92 -6.39
C SER C 22 -9.07 8.25 -5.31
N CYS C 23 -8.85 7.66 -4.15
CA CYS C 23 -9.61 7.94 -2.96
C CYS C 23 -8.59 7.94 -1.86
N ARG C 24 -8.45 9.09 -1.22
CA ARG C 24 -7.55 9.26 -0.08
C ARG C 24 -8.36 9.44 1.22
N ALA C 25 -7.97 8.74 2.27
CA ALA C 25 -8.62 8.86 3.59
C ALA C 25 -7.79 9.71 4.56
N SER C 26 -8.48 10.42 5.44
CA SER C 26 -7.85 11.39 6.35
C SER C 26 -7.02 10.71 7.46
N LYS C 27 -7.31 9.44 7.75
CA LYS C 27 -6.46 8.64 8.62
C LYS C 27 -6.53 7.19 8.14
N SER C 28 -5.69 6.32 8.67
CA SER C 28 -5.61 4.97 8.14
C SER C 28 -6.90 4.20 8.34
N ILE C 29 -7.42 3.64 7.25
CA ILE C 29 -8.56 2.74 7.30
C ILE C 29 -8.18 1.32 6.91
N SER C 30 -6.90 0.98 7.10
CA SER C 30 -6.35 -0.32 6.72
C SER C 30 -6.79 -0.64 5.27
N LYS C 31 -7.40 -1.80 5.04
CA LYS C 31 -7.82 -2.15 3.68
C LYS C 31 -9.32 -1.98 3.41
N TYR C 32 -10.03 -1.38 4.37
CA TYR C 32 -11.49 -1.47 4.40
C TYR C 32 -12.20 -0.34 3.64
N LEU C 33 -12.02 -0.37 2.32
CA LEU C 33 -12.65 0.59 1.44
C LEU C 33 -13.47 -0.17 0.42
N ALA C 34 -14.65 0.37 0.11
CA ALA C 34 -15.50 -0.15 -0.95
C ALA C 34 -15.70 0.91 -2.07
N TRP C 35 -15.95 0.44 -3.27
CA TRP C 35 -16.19 1.28 -4.44
C TRP C 35 -17.55 0.98 -5.05
N TYR C 36 -18.33 2.02 -5.30
CA TYR C 36 -19.61 1.90 -5.99
C TYR C 36 -19.60 2.63 -7.35
N GLN C 37 -20.30 2.04 -8.32
CA GLN C 37 -20.61 2.70 -9.58
C GLN C 37 -22.04 3.19 -9.45
N GLN C 38 -22.31 4.44 -9.83
CA GLN C 38 -23.71 4.90 -9.87
C GLN C 38 -24.11 5.64 -11.12
N LYS C 39 -25.12 5.09 -11.80
CA LYS C 39 -25.73 5.74 -12.95
C LYS C 39 -26.89 6.65 -12.55
N PRO C 40 -27.25 7.62 -13.43
CA PRO C 40 -28.42 8.50 -13.45
C PRO C 40 -29.66 7.97 -12.75
N GLY C 41 -30.09 8.66 -11.69
CA GLY C 41 -31.27 8.28 -10.90
C GLY C 41 -31.46 6.78 -10.66
N GLN C 42 -30.36 6.10 -10.34
CA GLN C 42 -30.34 4.65 -10.21
C GLN C 42 -29.55 4.33 -8.94
N ALA C 43 -29.78 3.16 -8.35
CA ALA C 43 -29.06 2.75 -7.13
C ALA C 43 -27.60 2.55 -7.42
N PRO C 44 -26.73 2.89 -6.45
CA PRO C 44 -25.31 2.58 -6.63
C PRO C 44 -25.08 1.05 -6.74
N ARG C 45 -24.16 0.63 -7.61
CA ARG C 45 -23.79 -0.78 -7.74
C ARG C 45 -22.42 -1.03 -7.09
N LEU C 46 -22.38 -1.93 -6.10
CA LEU C 46 -21.13 -2.29 -5.44
C LEU C 46 -20.17 -2.97 -6.43
N LEU C 47 -18.93 -2.49 -6.47
CA LEU C 47 -17.90 -3.01 -7.38
C LEU C 47 -16.86 -3.83 -6.62
N ILE C 48 -16.25 -3.18 -5.63
CA ILE C 48 -15.15 -3.75 -4.86
C ILE C 48 -15.40 -3.50 -3.38
N TYR C 49 -14.99 -4.44 -2.55
CA TYR C 49 -14.94 -4.19 -1.13
C TYR C 49 -13.63 -4.71 -0.56
N SER C 50 -13.35 -4.28 0.67
CA SER C 50 -12.08 -4.51 1.33
C SER C 50 -10.93 -4.09 0.45
N GLY C 51 -11.17 -3.04 -0.32
CA GLY C 51 -10.11 -2.39 -1.09
C GLY C 51 -9.75 -3.07 -2.40
N SER C 52 -9.82 -4.41 -2.43
CA SER C 52 -9.35 -5.15 -3.60
C SER C 52 -10.18 -6.36 -4.05
N THR C 53 -11.25 -6.67 -3.33
CA THR C 53 -12.02 -7.88 -3.62
C THR C 53 -13.19 -7.59 -4.57
N LEU C 54 -13.20 -8.29 -5.69
CA LEU C 54 -14.22 -8.12 -6.72
C LEU C 54 -15.55 -8.67 -6.22
N GLN C 55 -16.56 -7.79 -6.14
CA GLN C 55 -17.90 -8.26 -5.87
C GLN C 55 -18.36 -9.25 -6.96
N SER C 56 -19.13 -10.26 -6.57
CA SER C 56 -19.68 -11.25 -7.51
C SER C 56 -20.41 -10.62 -8.71
N GLY C 57 -20.13 -11.12 -9.91
CA GLY C 57 -20.81 -10.62 -11.10
C GLY C 57 -20.31 -9.27 -11.58
N ILE C 58 -19.17 -8.83 -11.08
CA ILE C 58 -18.57 -7.61 -11.57
C ILE C 58 -17.42 -8.03 -12.48
N PRO C 59 -17.40 -7.56 -13.74
CA PRO C 59 -16.28 -7.92 -14.64
C PRO C 59 -14.87 -7.61 -14.08
N ALA C 60 -13.89 -8.42 -14.43
CA ALA C 60 -12.53 -8.26 -13.87
C ALA C 60 -11.79 -6.99 -14.30
N ARG C 61 -12.31 -6.28 -15.29
CA ARG C 61 -11.70 -5.03 -15.76
C ARG C 61 -11.86 -3.89 -14.74
N PHE C 62 -12.61 -4.16 -13.67
CA PHE C 62 -12.63 -3.33 -12.47
C PHE C 62 -11.68 -3.99 -11.51
N SER C 63 -10.75 -3.18 -10.98
CA SER C 63 -9.73 -3.64 -10.09
C SER C 63 -9.49 -2.57 -9.02
N GLY C 64 -9.16 -3.00 -7.80
CA GLY C 64 -8.94 -2.07 -6.68
C GLY C 64 -7.56 -2.28 -6.12
N SER C 65 -6.99 -1.23 -5.54
CA SER C 65 -5.60 -1.26 -5.09
C SER C 65 -5.46 -0.40 -3.86
N GLY C 66 -4.39 -0.61 -3.10
CA GLY C 66 -4.05 0.34 -2.03
C GLY C 66 -4.46 -0.06 -0.63
N SER C 67 -4.08 0.77 0.33
CA SER C 67 -4.33 0.50 1.75
C SER C 67 -4.02 1.73 2.60
N GLY C 68 -4.43 1.61 3.86
CA GLY C 68 -4.16 2.59 4.89
C GLY C 68 -4.81 3.89 4.50
N THR C 69 -4.08 4.69 3.72
CA THR C 69 -4.50 6.06 3.56
C THR C 69 -4.81 6.41 2.10
N ASP C 70 -4.30 5.58 1.20
CA ASP C 70 -4.42 5.79 -0.25
C ASP C 70 -4.96 4.58 -1.00
N PHE C 71 -5.89 4.86 -1.91
CA PHE C 71 -6.58 3.82 -2.66
C PHE C 71 -6.77 4.18 -4.11
N THR C 72 -6.91 3.17 -4.96
CA THR C 72 -7.12 3.40 -6.38
C THR C 72 -8.07 2.39 -7.01
N LEU C 73 -9.12 2.89 -7.63
CA LEU C 73 -9.95 2.09 -8.50
C LEU C 73 -9.42 2.25 -9.92
N THR C 74 -9.45 1.12 -10.62
CA THR C 74 -8.98 0.98 -11.99
C THR C 74 -10.12 0.38 -12.82
N ILE C 75 -10.40 1.02 -13.95
CA ILE C 75 -11.36 0.49 -14.91
C ILE C 75 -10.67 0.37 -16.28
N SER C 76 -10.45 -0.87 -16.71
CA SER C 76 -9.53 -1.09 -17.81
C SER C 76 -10.04 -0.92 -19.23
N SER C 77 -11.00 -1.69 -19.70
CA SER C 77 -11.30 -1.60 -21.14
C SER C 77 -12.53 -0.77 -21.36
N LEU C 78 -12.39 0.53 -21.13
CA LEU C 78 -13.54 1.40 -21.03
C LEU C 78 -14.52 1.19 -22.15
N GLU C 79 -15.79 1.09 -21.78
CA GLU C 79 -16.90 0.99 -22.71
C GLU C 79 -17.84 2.12 -22.38
N PRO C 80 -18.74 2.51 -23.34
CA PRO C 80 -19.78 3.51 -23.07
C PRO C 80 -20.62 3.23 -21.81
N GLU C 81 -20.85 1.95 -21.55
CA GLU C 81 -21.60 1.52 -20.37
C GLU C 81 -20.94 1.91 -19.03
N ASP C 82 -19.70 2.40 -19.09
CA ASP C 82 -18.99 2.78 -17.87
C ASP C 82 -19.29 4.19 -17.36
N PHE C 83 -20.06 4.97 -18.12
CA PHE C 83 -20.36 6.35 -17.72
C PHE C 83 -21.09 6.26 -16.40
N ALA C 84 -20.62 7.00 -15.41
CA ALA C 84 -21.17 6.94 -14.05
C ALA C 84 -20.41 7.86 -13.11
N VAL C 85 -20.99 8.05 -11.92
CA VAL C 85 -20.25 8.59 -10.80
C VAL C 85 -19.77 7.42 -9.96
N TYR C 86 -18.49 7.40 -9.64
CA TYR C 86 -17.89 6.38 -8.80
C TYR C 86 -17.61 6.93 -7.41
N TYR C 87 -18.06 6.20 -6.40
CA TYR C 87 -17.84 6.61 -5.01
C TYR C 87 -16.99 5.59 -4.29
N CYS C 88 -16.10 6.03 -3.43
CA CYS C 88 -15.48 5.14 -2.45
C CYS C 88 -16.22 5.27 -1.13
N GLN C 89 -16.12 4.25 -0.29
CA GLN C 89 -16.74 4.29 1.04
C GLN C 89 -15.91 3.48 2.02
N GLN C 90 -15.55 4.09 3.14
CA GLN C 90 -14.80 3.34 4.15
C GLN C 90 -15.77 2.49 4.98
N HIS C 91 -15.39 1.23 5.19
CA HIS C 91 -16.14 0.34 6.06
C HIS C 91 -15.25 -0.14 7.17
N ASN C 92 -14.41 0.76 7.65
CA ASN C 92 -13.50 0.45 8.74
C ASN C 92 -13.97 0.93 10.10
N GLU C 93 -14.61 2.09 10.14
CA GLU C 93 -14.80 2.81 11.38
C GLU C 93 -16.07 3.68 11.35
N TYR C 94 -16.75 3.72 12.49
CA TYR C 94 -17.92 4.56 12.71
C TYR C 94 -17.45 5.98 13.00
N PRO C 95 -18.11 6.99 12.40
CA PRO C 95 -19.25 6.85 11.49
C PRO C 95 -18.84 6.53 10.06
N TYR C 96 -19.71 5.85 9.33
CA TYR C 96 -19.43 5.39 7.98
C TYR C 96 -19.67 6.52 7.00
N THR C 97 -18.67 6.74 6.16
CA THR C 97 -18.56 7.97 5.37
C THR C 97 -18.15 7.62 3.95
N PHE C 98 -18.58 8.46 3.01
CA PHE C 98 -18.35 8.30 1.56
C PHE C 98 -17.48 9.44 1.04
N GLY C 99 -16.83 9.24 -0.11
CA GLY C 99 -16.21 10.35 -0.84
C GLY C 99 -17.25 11.05 -1.72
N GLN C 100 -16.89 12.21 -2.27
CA GLN C 100 -17.81 13.06 -3.05
C GLN C 100 -17.90 12.61 -4.50
N GLY C 101 -17.15 11.58 -4.87
CA GLY C 101 -17.28 10.95 -6.18
C GLY C 101 -16.40 11.48 -7.29
N THR C 102 -16.25 10.64 -8.33
CA THR C 102 -15.65 11.03 -9.58
C THR C 102 -16.68 10.76 -10.69
N LYS C 103 -17.00 11.78 -11.48
CA LYS C 103 -17.90 11.60 -12.62
C LYS C 103 -17.05 11.23 -13.85
N LEU C 104 -17.38 10.12 -14.50
CA LEU C 104 -16.60 9.65 -15.62
C LEU C 104 -17.40 9.77 -16.89
N GLU C 105 -16.91 10.58 -17.84
CA GLU C 105 -17.53 10.73 -19.15
C GLU C 105 -16.75 9.89 -20.15
N ILE C 106 -17.49 9.16 -20.96
CA ILE C 106 -16.89 8.33 -22.00
C ILE C 106 -16.93 9.07 -23.32
N LYS C 107 -15.77 9.60 -23.72
CA LYS C 107 -15.54 10.28 -25.00
C LYS C 107 -15.98 9.48 -26.25
N ARG C 108 -16.32 10.20 -27.31
CA ARG C 108 -16.58 9.59 -28.62
C ARG C 108 -16.28 10.60 -29.75
N THR C 109 -16.51 10.18 -30.99
CA THR C 109 -16.34 11.08 -32.15
C THR C 109 -17.38 12.17 -32.07
N VAL C 110 -16.94 13.39 -32.39
CA VAL C 110 -17.80 14.56 -32.50
C VAL C 110 -19.03 14.23 -33.35
N ALA C 111 -20.21 14.55 -32.82
CA ALA C 111 -21.47 14.31 -33.51
C ALA C 111 -22.40 15.51 -33.32
N ALA C 112 -22.80 16.12 -34.43
CA ALA C 112 -23.73 17.24 -34.40
C ALA C 112 -25.11 16.71 -34.02
N PRO C 113 -25.91 17.56 -33.36
CA PRO C 113 -27.26 17.17 -32.98
C PRO C 113 -28.27 17.26 -34.11
N SER C 114 -29.17 16.28 -34.18
CA SER C 114 -30.42 16.48 -34.92
C SER C 114 -31.19 17.56 -34.16
N VAL C 115 -31.65 18.57 -34.86
CA VAL C 115 -32.42 19.63 -34.20
C VAL C 115 -33.88 19.67 -34.68
N PHE C 116 -34.81 19.60 -33.73
CA PHE C 116 -36.25 19.62 -33.99
C PHE C 116 -36.92 20.82 -33.32
N ILE C 117 -38.10 21.21 -33.80
CA ILE C 117 -38.95 22.20 -33.13
C ILE C 117 -40.39 21.71 -33.04
N PHE C 118 -41.04 21.98 -31.91
CA PHE C 118 -42.42 21.61 -31.69
C PHE C 118 -43.20 22.82 -31.26
N PRO C 119 -44.16 23.24 -32.11
CA PRO C 119 -45.10 24.26 -31.69
C PRO C 119 -45.98 23.69 -30.58
N PRO C 120 -46.43 24.56 -29.64
CA PRO C 120 -47.29 24.11 -28.54
C PRO C 120 -48.57 23.45 -29.07
N SER C 121 -48.88 22.26 -28.57
CA SER C 121 -50.10 21.55 -28.97
C SER C 121 -51.31 22.40 -28.64
N ASP C 122 -52.32 22.34 -29.50
CA ASP C 122 -53.56 23.09 -29.29
C ASP C 122 -54.24 22.72 -27.98
N GLU C 123 -54.09 21.46 -27.58
CA GLU C 123 -54.63 20.96 -26.33
C GLU C 123 -54.08 21.75 -25.14
N GLN C 124 -52.79 22.07 -25.21
CA GLN C 124 -52.13 22.94 -24.22
C GLN C 124 -52.58 24.40 -24.35
N LEU C 125 -53.05 24.77 -25.55
CA LEU C 125 -53.57 26.11 -25.77
C LEU C 125 -54.99 26.26 -25.22
N LYS C 126 -55.72 25.14 -25.14
CA LYS C 126 -56.97 25.07 -24.38
C LYS C 126 -56.76 25.45 -22.91
N SER C 127 -55.53 25.25 -22.42
CA SER C 127 -55.20 25.53 -21.03
C SER C 127 -54.79 27.00 -20.80
N GLY C 128 -54.38 27.69 -21.86
CA GLY C 128 -54.00 29.11 -21.74
C GLY C 128 -52.51 29.41 -21.76
N THR C 129 -51.67 28.42 -21.49
CA THR C 129 -50.23 28.60 -21.64
C THR C 129 -49.80 27.91 -22.92
N ALA C 130 -48.70 28.39 -23.51
CA ALA C 130 -48.12 27.74 -24.68
C ALA C 130 -46.62 27.49 -24.50
N SER C 131 -46.18 26.26 -24.74
CA SER C 131 -44.76 25.89 -24.65
C SER C 131 -44.15 25.56 -26.01
N VAL C 132 -43.16 26.37 -26.39
CA VAL C 132 -42.39 26.17 -27.62
C VAL C 132 -41.23 25.23 -27.28
N VAL C 133 -41.34 23.97 -27.72
CA VAL C 133 -40.32 22.94 -27.45
C VAL C 133 -39.36 22.74 -28.63
N CYS C 134 -38.06 22.86 -28.38
CA CYS C 134 -37.05 22.63 -29.42
C CYS C 134 -36.01 21.62 -28.97
N LEU C 135 -35.86 20.56 -29.74
CA LEU C 135 -35.04 19.41 -29.33
C LEU C 135 -33.69 19.30 -30.04
N LEU C 136 -32.63 19.09 -29.24
CA LEU C 136 -31.30 18.76 -29.75
C LEU C 136 -30.98 17.30 -29.45
N ASN C 137 -31.04 16.46 -30.49
CA ASN C 137 -30.90 15.03 -30.28
C ASN C 137 -29.53 14.44 -30.61
N ASN C 138 -29.15 13.44 -29.81
CA ASN C 138 -27.88 12.69 -29.91
C ASN C 138 -26.59 13.44 -30.31
N PHE C 139 -26.17 14.40 -29.49
CA PHE C 139 -24.93 15.11 -29.78
C PHE C 139 -23.69 14.84 -28.87
N TYR C 140 -22.51 15.24 -29.38
CA TYR C 140 -21.25 15.22 -28.64
C TYR C 140 -20.24 16.21 -29.25
N PRO C 141 -19.66 17.10 -28.41
CA PRO C 141 -19.75 17.13 -26.95
C PRO C 141 -21.00 17.84 -26.40
N ARG C 142 -21.10 17.86 -25.08
CA ARG C 142 -22.20 18.46 -24.34
C ARG C 142 -22.43 19.92 -24.74
N GLU C 143 -21.35 20.69 -24.81
CA GLU C 143 -21.44 22.13 -25.03
C GLU C 143 -22.16 22.51 -26.32
N ALA C 144 -23.32 23.14 -26.16
CA ALA C 144 -24.13 23.67 -27.24
C ALA C 144 -24.67 25.01 -26.79
N LYS C 145 -24.96 25.89 -27.75
CA LYS C 145 -25.72 27.11 -27.44
C LYS C 145 -27.02 27.10 -28.26
N VAL C 146 -28.10 27.58 -27.64
CA VAL C 146 -29.41 27.62 -28.28
C VAL C 146 -29.94 29.05 -28.32
N GLN C 147 -30.61 29.39 -29.41
CA GLN C 147 -31.06 30.75 -29.68
C GLN C 147 -32.52 30.78 -30.10
N TRP C 148 -33.31 31.59 -29.41
CA TRP C 148 -34.73 31.72 -29.70
C TRP C 148 -35.06 33.01 -30.45
N LYS C 149 -35.92 32.90 -31.46
CA LYS C 149 -36.37 34.04 -32.25
C LYS C 149 -37.89 34.06 -32.30
N VAL C 150 -38.51 35.00 -31.57
CA VAL C 150 -39.99 35.17 -31.58
C VAL C 150 -40.39 36.38 -32.41
N ASP C 151 -41.10 36.11 -33.51
CA ASP C 151 -41.42 37.09 -34.56
C ASP C 151 -40.14 37.74 -35.09
N ASN C 152 -39.05 36.96 -35.09
CA ASN C 152 -37.71 37.40 -35.46
C ASN C 152 -37.10 38.39 -34.45
N ALA C 153 -37.26 38.09 -33.15
CA ALA C 153 -36.69 38.91 -32.06
C ALA C 153 -35.83 38.11 -31.08
N LEU C 154 -34.82 38.80 -30.52
CA LEU C 154 -33.81 38.19 -29.64
C LEU C 154 -34.35 37.93 -28.24
N GLN C 155 -35.04 36.80 -28.07
CA GLN C 155 -35.64 36.40 -26.79
C GLN C 155 -34.60 36.18 -25.70
N SER C 156 -34.97 36.46 -24.47
CA SER C 156 -34.04 36.39 -23.34
C SER C 156 -34.78 36.22 -22.02
N GLY C 157 -34.28 35.33 -21.18
CA GLY C 157 -34.79 35.14 -19.81
C GLY C 157 -36.17 34.50 -19.69
N ASN C 158 -36.70 34.00 -20.81
CA ASN C 158 -37.98 33.29 -20.83
C ASN C 158 -37.92 31.93 -21.55
N SER C 159 -36.71 31.37 -21.58
CA SER C 159 -36.46 30.05 -22.18
C SER C 159 -35.87 29.08 -21.16
N GLN C 160 -36.06 27.79 -21.40
CA GLN C 160 -35.80 26.76 -20.40
C GLN C 160 -35.03 25.55 -20.95
N GLU C 161 -33.81 25.34 -20.46
CA GLU C 161 -32.99 24.20 -20.91
C GLU C 161 -32.92 23.01 -19.94
N SER C 162 -32.83 21.82 -20.51
CA SER C 162 -32.68 20.60 -19.75
C SER C 162 -31.85 19.63 -20.60
N VAL C 163 -30.80 19.08 -20.00
CA VAL C 163 -29.88 18.19 -20.71
C VAL C 163 -29.95 16.79 -20.11
N THR C 164 -30.00 15.76 -20.96
CA THR C 164 -29.94 14.39 -20.45
C THR C 164 -28.52 14.03 -20.01
N GLU C 165 -28.42 13.02 -19.14
CA GLU C 165 -27.15 12.46 -18.75
C GLU C 165 -26.61 11.70 -19.96
N GLN C 166 -25.29 11.59 -20.07
CA GLN C 166 -24.67 10.82 -21.14
C GLN C 166 -25.39 9.48 -21.35
N ASP C 167 -25.75 9.19 -22.62
CA ASP C 167 -26.36 7.91 -22.97
C ASP C 167 -25.36 6.79 -22.74
N SER C 168 -25.77 5.74 -22.05
CA SER C 168 -24.77 4.73 -21.67
C SER C 168 -24.43 3.75 -22.80
N LYS C 169 -24.91 4.04 -24.01
CA LYS C 169 -24.74 3.11 -25.13
C LYS C 169 -24.06 3.72 -26.34
N ASP C 170 -24.27 5.01 -26.57
CA ASP C 170 -23.62 5.69 -27.70
C ASP C 170 -22.94 7.01 -27.32
N SER C 171 -22.95 7.32 -26.02
CA SER C 171 -22.15 8.40 -25.44
C SER C 171 -22.57 9.81 -25.87
N THR C 172 -23.81 9.94 -26.33
CA THR C 172 -24.32 11.25 -26.69
C THR C 172 -25.18 11.85 -25.59
N TYR C 173 -25.36 13.16 -25.70
CA TYR C 173 -26.26 13.99 -24.89
C TYR C 173 -27.48 14.41 -25.71
N SER C 174 -28.54 14.84 -25.04
CA SER C 174 -29.70 15.41 -25.72
C SER C 174 -30.25 16.59 -24.93
N LEU C 175 -30.67 17.64 -25.63
CA LEU C 175 -31.09 18.88 -24.94
C LEU C 175 -32.48 19.34 -25.35
N SER C 176 -33.25 19.82 -24.38
CA SER C 176 -34.52 20.46 -24.64
C SER C 176 -34.49 21.95 -24.23
N SER C 177 -34.81 22.81 -25.19
CA SER C 177 -35.00 24.23 -24.91
C SER C 177 -36.49 24.49 -25.00
N THR C 178 -37.05 25.13 -23.98
CA THR C 178 -38.49 25.44 -23.92
C THR C 178 -38.75 26.92 -23.60
N LEU C 179 -39.81 27.46 -24.21
CA LEU C 179 -40.16 28.88 -24.04
C LEU C 179 -41.46 29.09 -23.27
N THR C 180 -41.38 29.91 -22.22
CA THR C 180 -42.52 30.28 -21.40
C THR C 180 -43.31 31.38 -22.07
N LEU C 181 -44.58 31.10 -22.38
CA LEU C 181 -45.43 32.02 -23.13
C LEU C 181 -46.91 31.74 -22.87
N SER C 182 -47.71 32.81 -22.74
CA SER C 182 -49.14 32.70 -22.58
C SER C 182 -49.84 32.66 -23.95
N LYS C 183 -51.04 32.08 -24.00
CA LYS C 183 -51.86 32.05 -25.21
C LYS C 183 -52.05 33.44 -25.80
N ALA C 184 -52.10 34.44 -24.91
CA ALA C 184 -52.06 35.83 -25.30
C ALA C 184 -50.82 36.12 -26.14
N ASP C 185 -49.65 36.22 -25.49
CA ASP C 185 -48.41 36.55 -26.17
C ASP C 185 -48.08 35.71 -27.42
N TYR C 186 -48.42 34.42 -27.37
CA TYR C 186 -48.14 33.49 -28.48
C TYR C 186 -48.96 33.83 -29.72
N GLU C 187 -50.26 34.01 -29.55
CA GLU C 187 -51.13 34.26 -30.70
C GLU C 187 -51.06 35.70 -31.25
N LYS C 188 -50.08 36.46 -30.76
CA LYS C 188 -49.71 37.77 -31.31
C LYS C 188 -48.63 37.62 -32.40
N HIS C 189 -47.63 36.80 -32.11
CA HIS C 189 -46.45 36.66 -32.98
C HIS C 189 -46.61 35.52 -33.99
N LYS C 190 -45.88 35.61 -35.10
CA LYS C 190 -46.00 34.65 -36.21
C LYS C 190 -44.72 33.83 -36.42
N VAL C 191 -43.58 34.52 -36.46
CA VAL C 191 -42.27 33.90 -36.75
C VAL C 191 -41.63 33.27 -35.50
N TYR C 192 -41.39 31.96 -35.56
CA TYR C 192 -40.80 31.26 -34.42
C TYR C 192 -39.61 30.39 -34.81
N ALA C 193 -38.43 30.79 -34.33
CA ALA C 193 -37.18 30.11 -34.69
C ALA C 193 -36.36 29.54 -33.52
N CYS C 194 -35.79 28.35 -33.77
CA CYS C 194 -34.80 27.74 -32.91
C CYS C 194 -33.45 27.74 -33.64
N GLU C 195 -32.49 28.50 -33.12
CA GLU C 195 -31.13 28.55 -33.67
C GLU C 195 -30.13 27.89 -32.72
N VAL C 196 -29.28 27.01 -33.25
CA VAL C 196 -28.35 26.21 -32.46
C VAL C 196 -26.92 26.31 -32.99
N THR C 197 -25.96 26.63 -32.11
CA THR C 197 -24.53 26.60 -32.46
C THR C 197 -23.82 25.42 -31.80
N HIS C 198 -23.20 24.58 -32.62
CA HIS C 198 -22.51 23.37 -32.14
C HIS C 198 -21.23 23.07 -32.93
N GLN C 199 -20.20 22.61 -32.21
CA GLN C 199 -18.91 22.22 -32.76
C GLN C 199 -19.00 21.20 -33.93
N GLY C 200 -20.09 20.43 -33.98
CA GLY C 200 -20.27 19.40 -35.01
C GLY C 200 -20.87 19.92 -36.30
N LEU C 201 -21.41 21.14 -36.25
CA LEU C 201 -21.96 21.79 -37.42
C LEU C 201 -20.92 22.68 -38.09
N SER C 202 -20.93 22.71 -39.43
CA SER C 202 -20.07 23.62 -40.18
C SER C 202 -20.47 25.06 -39.89
N SER C 203 -21.78 25.29 -39.80
CA SER C 203 -22.35 26.58 -39.40
C SER C 203 -23.70 26.41 -38.65
N PRO C 204 -23.98 27.28 -37.66
CA PRO C 204 -25.22 27.24 -36.88
C PRO C 204 -26.48 26.96 -37.71
N VAL C 205 -27.37 26.12 -37.19
CA VAL C 205 -28.56 25.68 -37.93
C VAL C 205 -29.89 26.13 -37.26
N THR C 206 -30.89 26.39 -38.11
CA THR C 206 -32.19 26.93 -37.67
C THR C 206 -33.35 26.05 -38.14
N LYS C 207 -34.22 25.68 -37.21
CA LYS C 207 -35.47 24.98 -37.54
C LYS C 207 -36.62 25.81 -36.97
N SER C 208 -37.55 26.21 -37.84
CA SER C 208 -38.60 27.17 -37.48
C SER C 208 -40.00 26.79 -37.97
N PHE C 209 -41.01 27.49 -37.45
CA PHE C 209 -42.40 27.31 -37.87
C PHE C 209 -43.16 28.65 -37.84
N ASN C 210 -44.37 28.64 -38.39
CA ASN C 210 -45.30 29.77 -38.27
C ASN C 210 -46.66 29.29 -37.77
N ARG C 211 -47.36 30.18 -37.08
CA ARG C 211 -48.61 29.84 -36.40
C ARG C 211 -49.78 29.65 -37.40
N GLY C 212 -50.03 28.41 -37.81
CA GLY C 212 -51.16 28.13 -38.71
C GLY C 212 -51.16 26.83 -39.51
N GLU C 213 -49.97 26.29 -39.78
CA GLU C 213 -49.83 25.05 -40.57
C GLU C 213 -50.57 23.86 -39.99
N VAL D 2 -33.93 -11.82 -4.08
CA VAL D 2 -33.72 -10.81 -3.04
C VAL D 2 -34.03 -9.40 -3.54
N THR D 3 -34.96 -8.74 -2.87
CA THR D 3 -35.30 -7.34 -3.18
C THR D 3 -35.52 -6.49 -1.93
N LEU D 4 -35.10 -5.23 -2.02
CA LEU D 4 -35.45 -4.24 -1.01
C LEU D 4 -36.32 -3.18 -1.66
N LYS D 5 -37.38 -2.78 -0.99
CA LYS D 5 -38.27 -1.76 -1.55
C LYS D 5 -38.69 -0.71 -0.53
N GLU D 6 -38.42 0.54 -0.87
CA GLU D 6 -38.79 1.65 -0.01
C GLU D 6 -40.23 2.05 -0.27
N SER D 7 -40.89 2.54 0.78
CA SER D 7 -42.23 3.11 0.66
C SER D 7 -42.20 4.27 -0.35
N GLY D 8 -43.30 4.47 -1.07
CA GLY D 8 -43.34 5.42 -2.19
C GLY D 8 -43.04 6.85 -1.82
N PRO D 9 -42.63 7.68 -2.82
CA PRO D 9 -42.27 9.09 -2.64
C PRO D 9 -43.25 9.87 -1.77
N VAL D 10 -42.76 10.36 -0.64
CA VAL D 10 -43.57 11.11 0.31
C VAL D 10 -43.23 12.62 0.26
N LEU D 11 -44.19 13.42 0.68
CA LEU D 11 -44.05 14.84 0.74
C LEU D 11 -44.20 15.08 2.21
N VAL D 12 -43.21 15.74 2.79
CA VAL D 12 -43.20 16.02 4.22
C VAL D 12 -43.16 17.54 4.40
N LYS D 13 -44.07 18.05 5.21
CA LYS D 13 -44.08 19.45 5.60
C LYS D 13 -42.86 19.76 6.48
N PRO D 14 -42.23 20.93 6.24
CA PRO D 14 -41.13 21.36 7.09
C PRO D 14 -41.54 21.22 8.54
N THR D 15 -40.66 20.71 9.41
CA THR D 15 -41.00 20.59 10.84
C THR D 15 -41.57 19.22 11.22
N GLU D 16 -42.17 18.54 10.24
CA GLU D 16 -42.88 17.31 10.53
C GLU D 16 -42.00 16.08 10.40
N THR D 17 -42.63 14.92 10.53
CA THR D 17 -41.91 13.66 10.68
C THR D 17 -42.03 12.74 9.45
N LEU D 18 -40.87 12.21 9.06
CA LEU D 18 -40.73 11.26 7.98
C LEU D 18 -40.66 9.86 8.57
N THR D 19 -41.48 8.97 8.02
CA THR D 19 -41.44 7.55 8.34
C THR D 19 -41.30 6.80 7.03
N LEU D 20 -40.17 6.12 6.84
CA LEU D 20 -39.96 5.33 5.63
C LEU D 20 -39.89 3.85 5.98
N THR D 21 -40.59 3.04 5.18
CA THR D 21 -40.59 1.60 5.33
C THR D 21 -39.76 0.90 4.24
N CYS D 22 -38.79 0.10 4.66
CA CYS D 22 -38.10 -0.81 3.75
C CYS D 22 -38.72 -2.22 3.82
N THR D 23 -39.42 -2.62 2.76
CA THR D 23 -39.99 -3.96 2.65
C THR D 23 -38.93 -4.84 2.04
N VAL D 24 -38.62 -5.94 2.71
CA VAL D 24 -37.47 -6.77 2.37
C VAL D 24 -37.94 -8.18 1.95
N SER D 25 -37.53 -8.64 0.77
CA SER D 25 -37.96 -9.96 0.25
C SER D 25 -36.78 -10.83 -0.08
N GLY D 26 -36.95 -12.16 0.11
CA GLY D 26 -35.95 -13.15 -0.31
C GLY D 26 -35.02 -13.62 0.80
N PHE D 27 -35.03 -12.94 1.94
CA PHE D 27 -34.27 -13.38 3.13
C PHE D 27 -34.99 -12.87 4.35
N SER D 28 -34.81 -13.54 5.48
CA SER D 28 -35.43 -13.15 6.74
C SER D 28 -34.53 -12.15 7.43
N LEU D 29 -35.14 -11.21 8.14
CA LEU D 29 -34.37 -10.25 8.93
C LEU D 29 -33.89 -10.86 10.23
N SER D 30 -34.21 -12.14 10.47
CA SER D 30 -33.68 -12.87 11.62
C SER D 30 -32.55 -13.81 11.27
N THR D 31 -32.29 -14.02 9.97
CA THR D 31 -31.20 -14.90 9.54
C THR D 31 -29.87 -14.33 10.02
N TYR D 32 -29.03 -15.17 10.64
CA TYR D 32 -27.75 -14.72 11.15
C TYR D 32 -27.01 -13.90 10.07
N GLY D 33 -26.42 -12.77 10.48
CA GLY D 33 -25.55 -11.98 9.62
C GLY D 33 -26.25 -10.97 8.71
N MET D 34 -27.58 -10.97 8.76
CA MET D 34 -28.35 -10.09 7.92
C MET D 34 -28.48 -8.73 8.59
N GLY D 35 -28.39 -7.68 7.78
CA GLY D 35 -28.63 -6.35 8.28
C GLY D 35 -29.05 -5.43 7.16
N VAL D 36 -29.78 -4.39 7.52
CA VAL D 36 -30.25 -3.42 6.54
C VAL D 36 -29.95 -2.04 7.07
N GLY D 37 -29.39 -1.18 6.23
CA GLY D 37 -29.23 0.23 6.59
C GLY D 37 -29.96 1.20 5.68
N TRP D 38 -29.94 2.49 6.04
CA TRP D 38 -30.48 3.57 5.22
C TRP D 38 -29.40 4.55 4.83
N ILE D 39 -29.43 4.97 3.55
CA ILE D 39 -28.45 5.87 2.99
C ILE D 39 -29.19 6.85 2.07
N ARG D 40 -28.99 8.15 2.30
CA ARG D 40 -29.68 9.15 1.51
C ARG D 40 -28.73 9.88 0.57
N GLN D 41 -29.32 10.48 -0.46
CA GLN D 41 -28.56 11.27 -1.40
C GLN D 41 -29.40 12.47 -1.91
N PRO D 42 -29.04 13.70 -1.47
CA PRO D 42 -29.58 14.97 -1.99
C PRO D 42 -29.33 15.15 -3.48
N PRO D 43 -30.20 15.93 -4.16
CA PRO D 43 -30.06 16.09 -5.62
C PRO D 43 -28.67 16.63 -5.96
N GLY D 44 -27.97 15.95 -6.87
CA GLY D 44 -26.62 16.36 -7.26
C GLY D 44 -25.49 16.29 -6.24
N LYS D 45 -25.75 15.73 -5.05
CA LYS D 45 -24.70 15.63 -4.05
C LYS D 45 -24.38 14.16 -3.74
N ALA D 46 -23.53 13.91 -2.75
CA ALA D 46 -23.03 12.57 -2.48
C ALA D 46 -23.89 11.72 -1.50
N LEU D 47 -23.55 10.43 -1.44
CA LEU D 47 -24.17 9.50 -0.53
C LEU D 47 -23.78 9.79 0.92
N GLU D 48 -24.75 9.56 1.81
CA GLU D 48 -24.57 9.80 3.23
C GLU D 48 -25.23 8.69 4.02
N TRP D 49 -24.47 8.06 4.90
CA TRP D 49 -25.02 6.97 5.69
C TRP D 49 -25.86 7.55 6.82
N LEU D 50 -27.03 6.96 7.07
CA LEU D 50 -27.92 7.43 8.13
C LEU D 50 -27.94 6.49 9.33
N ALA D 51 -28.33 5.26 9.10
CA ALA D 51 -28.49 4.28 10.19
C ALA D 51 -28.56 2.89 9.60
N HIS D 52 -28.31 1.90 10.45
CA HIS D 52 -28.50 0.52 10.06
C HIS D 52 -28.77 -0.31 11.30
N ILE D 53 -29.41 -1.45 11.10
CA ILE D 53 -29.81 -2.34 12.19
C ILE D 53 -29.52 -3.79 11.79
N TRP D 54 -28.98 -4.58 12.72
CA TRP D 54 -28.62 -5.97 12.45
C TRP D 54 -29.70 -6.94 12.91
N TRP D 55 -29.51 -8.22 12.57
CA TRP D 55 -30.48 -9.28 12.84
C TRP D 55 -30.85 -9.38 14.32
N ASP D 56 -29.90 -9.02 15.19
CA ASP D 56 -30.06 -9.17 16.64
C ASP D 56 -30.45 -7.85 17.29
N ASP D 57 -30.95 -6.93 16.48
CA ASP D 57 -31.44 -5.64 16.99
C ASP D 57 -30.41 -4.54 17.31
N VAL D 58 -29.12 -4.85 17.24
CA VAL D 58 -28.09 -3.79 17.32
C VAL D 58 -28.28 -2.68 16.27
N LYS D 59 -28.23 -1.43 16.76
CA LYS D 59 -28.56 -0.25 15.97
C LYS D 59 -27.36 0.70 15.94
N ARG D 60 -27.12 1.28 14.77
CA ARG D 60 -26.09 2.30 14.62
C ARG D 60 -26.67 3.48 13.87
N TYR D 61 -26.20 4.68 14.23
CA TYR D 61 -26.78 5.94 13.74
C TYR D 61 -25.68 6.92 13.39
N ASN D 62 -25.97 7.80 12.44
CA ASN D 62 -25.08 8.90 12.10
C ASN D 62 -25.12 9.94 13.21
N PRO D 63 -23.97 10.20 13.87
CA PRO D 63 -23.98 11.06 15.08
C PRO D 63 -24.42 12.52 14.82
N ALA D 64 -24.15 13.06 13.65
CA ALA D 64 -24.66 14.36 13.25
C ALA D 64 -26.19 14.43 13.22
N LEU D 65 -26.86 13.29 13.05
CA LEU D 65 -28.32 13.31 12.89
C LEU D 65 -29.03 12.44 13.92
N LYS D 66 -28.26 11.92 14.86
CA LYS D 66 -28.73 10.91 15.81
C LYS D 66 -29.99 11.36 16.56
N SER D 67 -29.98 12.58 17.09
CA SER D 67 -31.12 13.09 17.87
C SER D 67 -32.44 12.97 17.10
N ARG D 68 -32.35 13.02 15.77
CA ARG D 68 -33.52 13.07 14.90
C ARG D 68 -33.97 11.69 14.35
N LEU D 69 -33.21 10.65 14.66
CA LEU D 69 -33.36 9.38 13.95
C LEU D 69 -33.76 8.23 14.86
N THR D 70 -34.69 7.42 14.34
CA THR D 70 -34.98 6.12 14.91
C THR D 70 -34.94 5.08 13.80
N ILE D 71 -34.49 3.88 14.17
CA ILE D 71 -34.57 2.71 13.29
C ILE D 71 -35.14 1.54 14.03
N SER D 72 -35.93 0.72 13.33
CA SER D 72 -36.42 -0.52 13.91
C SER D 72 -36.60 -1.56 12.85
N LYS D 73 -36.76 -2.80 13.30
CA LYS D 73 -36.89 -3.98 12.45
C LYS D 73 -38.08 -4.81 12.94
N ASP D 74 -38.71 -5.53 12.03
CA ASP D 74 -39.78 -6.45 12.38
C ASP D 74 -39.75 -7.62 11.41
N THR D 75 -39.27 -8.75 11.90
CA THR D 75 -39.05 -9.94 11.08
C THR D 75 -40.33 -10.43 10.42
N SER D 76 -41.42 -10.47 11.18
CA SER D 76 -42.67 -11.03 10.69
C SER D 76 -43.35 -10.15 9.63
N LYS D 77 -43.06 -8.85 9.64
CA LYS D 77 -43.55 -7.97 8.59
C LYS D 77 -42.51 -7.82 7.46
N SER D 78 -41.38 -8.50 7.64
CA SER D 78 -40.16 -8.26 6.85
C SER D 78 -39.98 -6.79 6.45
N GLN D 79 -40.12 -5.90 7.44
CA GLN D 79 -39.93 -4.45 7.29
C GLN D 79 -38.80 -3.87 8.16
N VAL D 80 -38.01 -2.97 7.58
CA VAL D 80 -37.11 -2.12 8.36
C VAL D 80 -37.66 -0.70 8.29
N VAL D 81 -37.95 -0.11 9.44
CA VAL D 81 -38.58 1.23 9.51
C VAL D 81 -37.62 2.35 9.97
N LEU D 82 -37.58 3.45 9.21
CA LEU D 82 -36.80 4.66 9.60
C LEU D 82 -37.71 5.87 9.90
N THR D 83 -37.59 6.42 11.11
CA THR D 83 -38.29 7.66 11.48
C THR D 83 -37.27 8.79 11.55
N MET D 84 -37.50 9.86 10.79
CA MET D 84 -36.67 11.06 10.85
C MET D 84 -37.53 12.24 11.24
N THR D 85 -37.09 12.96 12.28
CA THR D 85 -37.92 13.92 13.00
C THR D 85 -37.52 15.36 12.62
N ASN D 86 -38.48 16.29 12.72
CA ASN D 86 -38.20 17.73 12.51
C ASN D 86 -37.56 17.99 11.15
N MET D 87 -38.23 17.59 10.07
CA MET D 87 -37.65 17.67 8.72
C MET D 87 -37.48 19.10 8.25
N ASP D 88 -36.50 19.28 7.38
CA ASP D 88 -36.09 20.59 6.87
C ASP D 88 -35.93 20.46 5.36
N PRO D 89 -36.20 21.56 4.60
CA PRO D 89 -35.96 21.52 3.16
C PRO D 89 -34.64 20.92 2.76
N VAL D 90 -33.67 20.98 3.66
CA VAL D 90 -32.32 20.53 3.36
C VAL D 90 -32.24 18.99 3.39
N ASP D 91 -33.27 18.35 3.95
CA ASP D 91 -33.39 16.89 4.01
C ASP D 91 -34.03 16.32 2.73
N THR D 92 -34.54 17.17 1.86
CA THR D 92 -34.98 16.75 0.55
C THR D 92 -33.87 15.95 -0.15
N ALA D 93 -34.08 14.64 -0.30
CA ALA D 93 -33.09 13.73 -0.90
C ALA D 93 -33.71 12.43 -1.33
N THR D 94 -32.95 11.64 -2.06
CA THR D 94 -33.30 10.26 -2.34
C THR D 94 -32.84 9.38 -1.18
N TYR D 95 -33.76 8.61 -0.64
CA TYR D 95 -33.47 7.70 0.47
C TYR D 95 -33.44 6.26 -0.02
N TYR D 96 -32.36 5.53 0.29
CA TYR D 96 -32.22 4.13 -0.09
C TYR D 96 -32.15 3.26 1.14
N CYS D 97 -32.74 2.07 1.06
CA CYS D 97 -32.38 1.02 1.99
C CYS D 97 -31.48 0.00 1.29
N ALA D 98 -30.62 -0.64 2.06
CA ALA D 98 -29.66 -1.55 1.47
C ALA D 98 -29.22 -2.59 2.46
N ARG D 99 -28.92 -3.77 1.95
CA ARG D 99 -28.45 -4.86 2.78
C ARG D 99 -26.94 -4.76 2.91
N MET D 100 -26.46 -4.97 4.13
CA MET D 100 -25.03 -5.08 4.33
C MET D 100 -24.62 -6.36 3.65
N GLY D 101 -23.43 -6.36 3.03
CA GLY D 101 -22.95 -7.51 2.28
C GLY D 101 -22.12 -8.45 3.13
N SER D 102 -22.02 -8.16 4.43
CA SER D 102 -21.17 -8.93 5.35
C SER D 102 -21.91 -9.11 6.67
N ASP D 103 -21.48 -10.06 7.51
CA ASP D 103 -22.08 -10.15 8.86
C ASP D 103 -21.49 -9.12 9.83
N TYR D 104 -20.54 -8.32 9.32
CA TYR D 104 -19.73 -7.45 10.17
C TYR D 104 -19.34 -6.11 9.52
N ASP D 105 -18.62 -6.15 8.41
CA ASP D 105 -18.23 -4.91 7.73
C ASP D 105 -19.44 -4.22 7.08
N VAL D 106 -19.48 -2.89 7.21
CA VAL D 106 -20.61 -2.10 6.72
C VAL D 106 -20.37 -1.57 5.31
N TRP D 107 -20.64 -2.44 4.33
CA TRP D 107 -20.77 -2.06 2.91
C TRP D 107 -22.06 -2.72 2.41
N PHE D 108 -22.60 -2.26 1.30
CA PHE D 108 -23.95 -2.61 0.93
C PHE D 108 -23.98 -3.29 -0.43
N ASP D 109 -24.53 -4.52 -0.49
CA ASP D 109 -24.58 -5.23 -1.78
C ASP D 109 -25.89 -5.06 -2.55
N TYR D 110 -27.00 -5.44 -1.95
CA TYR D 110 -28.32 -5.26 -2.54
C TYR D 110 -28.96 -3.93 -2.14
N TRP D 111 -29.25 -3.08 -3.11
CA TRP D 111 -29.88 -1.77 -2.84
C TRP D 111 -31.32 -1.75 -3.30
N GLY D 112 -32.15 -0.95 -2.64
CA GLY D 112 -33.48 -0.64 -3.18
C GLY D 112 -33.34 0.35 -4.33
N GLN D 113 -34.45 0.64 -5.00
CA GLN D 113 -34.43 1.61 -6.11
C GLN D 113 -34.27 3.08 -5.64
N GLY D 114 -34.53 3.33 -4.35
CA GLY D 114 -34.55 4.68 -3.81
C GLY D 114 -35.94 5.32 -3.89
N THR D 115 -36.20 6.25 -2.98
CA THR D 115 -37.46 6.95 -2.96
C THR D 115 -37.23 8.44 -2.66
N LEU D 116 -37.75 9.33 -3.53
CA LEU D 116 -37.53 10.77 -3.37
C LEU D 116 -38.45 11.36 -2.31
N VAL D 117 -37.83 11.95 -1.29
CA VAL D 117 -38.56 12.61 -0.23
C VAL D 117 -38.39 14.10 -0.40
N THR D 118 -39.51 14.78 -0.66
CA THR D 118 -39.50 16.23 -0.82
C THR D 118 -40.09 16.94 0.38
N VAL D 119 -39.33 17.89 0.93
CA VAL D 119 -39.76 18.67 2.09
C VAL D 119 -40.19 20.05 1.62
N SER D 120 -41.50 20.19 1.48
CA SER D 120 -42.11 21.43 1.05
C SER D 120 -43.43 21.56 1.77
N SER D 121 -43.96 22.77 1.80
CA SER D 121 -45.29 22.96 2.37
C SER D 121 -46.35 22.93 1.26
N ALA D 122 -45.91 22.82 0.01
CA ALA D 122 -46.83 22.87 -1.10
C ALA D 122 -47.68 21.59 -1.17
N SER D 123 -48.81 21.74 -1.88
CA SER D 123 -49.79 20.67 -2.06
C SER D 123 -49.37 19.73 -3.17
N THR D 124 -49.81 18.47 -3.07
CA THR D 124 -49.64 17.51 -4.14
C THR D 124 -50.45 17.96 -5.35
N LYS D 125 -49.91 17.74 -6.53
CA LYS D 125 -50.60 18.13 -7.73
C LYS D 125 -50.21 17.19 -8.87
N GLY D 126 -51.20 16.53 -9.47
CA GLY D 126 -50.95 15.62 -10.60
C GLY D 126 -50.70 16.39 -11.88
N PRO D 127 -50.06 15.74 -12.86
CA PRO D 127 -49.63 16.35 -14.14
C PRO D 127 -50.69 16.49 -15.24
N SER D 128 -50.47 17.46 -16.11
CA SER D 128 -51.17 17.60 -17.39
C SER D 128 -50.24 17.05 -18.46
N VAL D 129 -50.73 16.09 -19.24
CA VAL D 129 -49.94 15.48 -20.31
C VAL D 129 -50.46 15.90 -21.70
N PHE D 130 -49.57 16.51 -22.47
CA PHE D 130 -49.89 16.97 -23.82
C PHE D 130 -49.01 16.29 -24.85
N PRO D 131 -49.52 16.09 -26.09
CA PRO D 131 -48.73 15.44 -27.13
C PRO D 131 -47.78 16.39 -27.86
N LEU D 132 -46.57 15.92 -28.15
CA LEU D 132 -45.65 16.65 -29.01
C LEU D 132 -45.63 15.97 -30.37
N ALA D 133 -46.41 16.52 -31.29
CA ALA D 133 -46.81 15.84 -32.52
C ALA D 133 -45.71 15.83 -33.58
N PRO D 134 -45.43 14.63 -34.14
CA PRO D 134 -44.44 14.44 -35.20
C PRO D 134 -44.87 15.19 -36.45
N SER D 135 -44.33 16.40 -36.59
CA SER D 135 -44.82 17.36 -37.58
C SER D 135 -43.99 17.36 -38.86
N SER D 136 -43.97 18.51 -39.55
CA SER D 136 -43.30 18.64 -40.84
C SER D 136 -42.28 19.80 -40.91
N LYS D 137 -42.05 20.47 -39.77
CA LYS D 137 -40.95 21.45 -39.65
C LYS D 137 -39.81 20.88 -38.77
N SER D 138 -39.68 19.56 -38.87
CA SER D 138 -38.66 18.76 -38.20
C SER D 138 -38.71 17.31 -38.74
N THR D 139 -38.90 17.18 -40.06
CA THR D 139 -39.01 15.88 -40.73
C THR D 139 -38.18 15.78 -42.04
N SER D 140 -36.90 15.48 -41.88
CA SER D 140 -36.05 15.00 -42.98
C SER D 140 -34.83 14.25 -42.40
N GLY D 141 -34.03 13.66 -43.29
CA GLY D 141 -32.96 12.75 -42.88
C GLY D 141 -33.48 11.35 -42.58
N GLY D 142 -34.78 11.15 -42.80
CA GLY D 142 -35.41 9.83 -42.66
C GLY D 142 -36.03 9.56 -41.30
N THR D 143 -35.65 10.35 -40.30
CA THR D 143 -36.09 10.10 -38.93
C THR D 143 -37.01 11.19 -38.41
N ALA D 144 -37.98 10.80 -37.58
CA ALA D 144 -38.93 11.73 -36.99
C ALA D 144 -38.92 11.68 -35.46
N ALA D 145 -39.40 12.76 -34.86
CA ALA D 145 -39.50 12.85 -33.40
C ALA D 145 -40.91 13.15 -32.93
N LEU D 146 -41.41 12.31 -32.03
CA LEU D 146 -42.63 12.61 -31.27
C LEU D 146 -42.33 12.64 -29.78
N GLY D 147 -43.18 13.30 -29.01
CA GLY D 147 -42.98 13.37 -27.59
C GLY D 147 -44.23 13.58 -26.78
N CYS D 148 -44.01 13.84 -25.50
CA CYS D 148 -45.05 14.25 -24.57
C CYS D 148 -44.47 15.33 -23.67
N LEU D 149 -45.30 16.29 -23.31
CA LEU D 149 -44.91 17.34 -22.39
C LEU D 149 -45.66 17.05 -21.10
N VAL D 150 -44.92 16.74 -20.04
CA VAL D 150 -45.51 16.36 -18.77
C VAL D 150 -45.35 17.54 -17.81
N LYS D 151 -46.47 18.16 -17.44
CA LYS D 151 -46.47 19.53 -16.93
C LYS D 151 -47.29 19.74 -15.67
N ASP D 152 -46.89 20.76 -14.92
CA ASP D 152 -47.69 21.30 -13.82
C ASP D 152 -47.98 20.27 -12.73
N TYR D 153 -46.96 19.50 -12.38
CA TYR D 153 -47.09 18.50 -11.31
C TYR D 153 -46.15 18.78 -10.14
N PHE D 154 -46.50 18.25 -8.98
CA PHE D 154 -45.73 18.40 -7.76
C PHE D 154 -46.12 17.33 -6.74
N PRO D 155 -45.14 16.72 -6.05
CA PRO D 155 -43.70 16.90 -6.19
C PRO D 155 -43.16 15.95 -7.24
N GLU D 156 -41.85 15.96 -7.45
CA GLU D 156 -41.18 14.89 -8.19
C GLU D 156 -41.33 13.55 -7.44
N PRO D 157 -41.12 12.41 -8.12
CA PRO D 157 -40.80 12.26 -9.52
C PRO D 157 -42.02 11.86 -10.34
N VAL D 158 -41.81 11.76 -11.66
CA VAL D 158 -42.78 11.13 -12.52
C VAL D 158 -42.04 10.08 -13.33
N THR D 159 -42.71 8.99 -13.68
CA THR D 159 -42.15 8.04 -14.63
C THR D 159 -42.89 8.07 -15.95
N VAL D 160 -42.13 8.05 -17.03
CA VAL D 160 -42.67 8.01 -18.37
C VAL D 160 -42.11 6.80 -19.10
N SER D 161 -43.00 5.89 -19.49
CA SER D 161 -42.63 4.84 -20.43
C SER D 161 -43.28 5.11 -21.80
N TRP D 162 -43.02 4.23 -22.77
CA TRP D 162 -43.69 4.31 -24.06
C TRP D 162 -44.22 2.94 -24.45
N ASN D 163 -45.47 2.93 -24.93
CA ASN D 163 -46.19 1.71 -25.31
C ASN D 163 -46.03 0.60 -24.26
N SER D 164 -46.39 0.94 -23.03
CA SER D 164 -46.24 0.06 -21.85
C SER D 164 -44.82 -0.46 -21.60
N GLY D 165 -43.83 0.12 -22.29
CA GLY D 165 -42.43 -0.31 -22.15
C GLY D 165 -41.93 -1.07 -23.36
N ALA D 166 -42.82 -1.33 -24.32
CA ALA D 166 -42.44 -1.98 -25.58
C ALA D 166 -41.42 -1.13 -26.33
N LEU D 167 -41.56 0.19 -26.26
CA LEU D 167 -40.57 1.07 -26.87
C LEU D 167 -39.60 1.60 -25.80
N THR D 168 -38.31 1.25 -25.95
CA THR D 168 -37.23 1.74 -25.09
C THR D 168 -36.16 2.43 -25.92
N SER D 169 -35.57 1.71 -26.89
CA SER D 169 -34.58 2.29 -27.82
C SER D 169 -35.02 3.64 -28.37
N GLY D 170 -34.18 4.65 -28.17
CA GLY D 170 -34.43 5.97 -28.73
C GLY D 170 -35.26 6.91 -27.87
N VAL D 171 -35.56 6.51 -26.63
CA VAL D 171 -36.32 7.35 -25.69
C VAL D 171 -35.42 8.22 -24.80
N HIS D 172 -35.59 9.53 -24.89
CA HIS D 172 -34.99 10.45 -23.94
C HIS D 172 -36.04 11.15 -23.06
N THR D 173 -36.12 10.73 -21.79
CA THR D 173 -36.94 11.45 -20.80
C THR D 173 -36.07 12.50 -20.09
N PHE D 174 -36.29 13.77 -20.42
CA PHE D 174 -35.52 14.86 -19.81
C PHE D 174 -35.78 15.03 -18.32
N PRO D 175 -34.74 15.42 -17.59
CA PRO D 175 -34.90 15.84 -16.21
C PRO D 175 -35.87 17.02 -16.09
N ALA D 176 -36.71 16.98 -15.06
CA ALA D 176 -37.67 18.04 -14.78
C ALA D 176 -37.01 19.37 -14.39
N VAL D 177 -37.75 20.45 -14.57
CA VAL D 177 -37.31 21.78 -14.24
C VAL D 177 -38.43 22.43 -13.42
N LEU D 178 -38.10 22.94 -12.24
CA LEU D 178 -39.07 23.64 -11.41
C LEU D 178 -39.36 24.99 -12.05
N GLN D 179 -40.63 25.24 -12.39
CA GLN D 179 -41.02 26.48 -13.05
C GLN D 179 -41.39 27.55 -12.04
N SER D 180 -41.45 28.80 -12.48
CA SER D 180 -41.82 29.91 -11.61
C SER D 180 -43.15 29.72 -10.84
N SER D 181 -44.04 28.88 -11.36
CA SER D 181 -45.26 28.50 -10.63
C SER D 181 -45.01 27.64 -9.40
N GLY D 182 -43.86 26.97 -9.35
CA GLY D 182 -43.57 26.00 -8.29
C GLY D 182 -44.01 24.61 -8.71
N LEU D 183 -44.34 24.47 -9.99
CA LEU D 183 -44.77 23.19 -10.52
C LEU D 183 -43.69 22.68 -11.45
N TYR D 184 -43.63 21.36 -11.62
CA TYR D 184 -42.60 20.78 -12.45
C TYR D 184 -43.01 20.55 -13.89
N SER D 185 -42.04 20.53 -14.79
CA SER D 185 -42.31 20.24 -16.19
C SER D 185 -41.14 19.50 -16.82
N LEU D 186 -41.44 18.56 -17.72
CA LEU D 186 -40.42 17.93 -18.58
C LEU D 186 -41.02 17.50 -19.92
N SER D 187 -40.16 17.31 -20.91
CA SER D 187 -40.56 16.62 -22.12
C SER D 187 -39.96 15.22 -22.13
N SER D 188 -40.78 14.22 -22.46
CA SER D 188 -40.28 12.90 -22.83
C SER D 188 -40.36 12.76 -24.35
N VAL D 189 -39.25 12.38 -24.96
CA VAL D 189 -39.12 12.42 -26.41
C VAL D 189 -38.66 11.06 -26.92
N VAL D 190 -38.98 10.75 -28.18
CA VAL D 190 -38.46 9.55 -28.85
C VAL D 190 -38.17 9.83 -30.31
N THR D 191 -37.17 9.12 -30.88
CA THR D 191 -36.90 9.18 -32.32
C THR D 191 -37.25 7.87 -33.01
N VAL D 192 -38.01 7.98 -34.09
CA VAL D 192 -38.46 6.80 -34.84
C VAL D 192 -38.39 7.01 -36.35
N PRO D 193 -38.35 5.89 -37.11
CA PRO D 193 -38.29 5.99 -38.56
C PRO D 193 -39.62 6.48 -39.13
N SER D 194 -39.58 7.56 -39.92
CA SER D 194 -40.77 8.13 -40.57
C SER D 194 -41.68 7.05 -41.19
N SER D 195 -41.06 5.96 -41.67
CA SER D 195 -41.76 4.80 -42.23
C SER D 195 -42.93 4.34 -41.37
N SER D 196 -42.68 4.22 -40.07
CA SER D 196 -43.66 3.69 -39.11
C SER D 196 -44.75 4.69 -38.67
N LEU D 197 -44.64 5.94 -39.14
CA LEU D 197 -45.68 6.96 -38.95
C LEU D 197 -47.04 6.58 -39.53
N GLY D 198 -47.15 5.35 -40.02
CA GLY D 198 -48.41 4.73 -40.36
C GLY D 198 -48.50 3.43 -39.58
N THR D 199 -47.46 2.61 -39.71
CA THR D 199 -47.36 1.28 -39.11
C THR D 199 -47.81 1.23 -37.66
N GLN D 200 -47.41 2.26 -36.90
CA GLN D 200 -47.31 2.17 -35.45
C GLN D 200 -48.17 3.20 -34.72
N THR D 201 -48.76 2.75 -33.62
CA THR D 201 -49.45 3.59 -32.65
C THR D 201 -48.47 3.99 -31.52
N TYR D 202 -48.48 5.28 -31.14
CA TYR D 202 -47.57 5.79 -30.09
C TYR D 202 -48.25 6.40 -28.87
N ILE D 203 -48.18 5.69 -27.75
CA ILE D 203 -48.76 6.14 -26.48
C ILE D 203 -47.67 6.31 -25.41
N CYS D 204 -47.59 7.50 -24.81
CA CYS D 204 -46.70 7.77 -23.66
C CYS D 204 -47.43 7.60 -22.34
N ASN D 205 -46.87 6.73 -21.50
CA ASN D 205 -47.48 6.35 -20.22
C ASN D 205 -46.85 7.05 -19.03
N VAL D 206 -47.63 7.93 -18.40
CA VAL D 206 -47.15 8.81 -17.35
C VAL D 206 -47.72 8.38 -15.99
N ASN D 207 -46.83 8.14 -15.03
CA ASN D 207 -47.25 7.75 -13.67
C ASN D 207 -46.68 8.70 -12.61
N HIS D 208 -47.58 9.30 -11.85
CA HIS D 208 -47.21 10.21 -10.78
C HIS D 208 -47.70 9.63 -9.48
N LYS D 209 -46.81 8.92 -8.80
CA LYS D 209 -47.19 8.16 -7.63
C LYS D 209 -47.66 9.04 -6.48
N PRO D 210 -46.97 10.18 -6.20
CA PRO D 210 -47.46 11.14 -5.19
C PRO D 210 -48.93 11.55 -5.27
N SER D 211 -49.43 11.84 -6.49
CA SER D 211 -50.83 12.22 -6.69
C SER D 211 -51.72 11.07 -7.17
N ASN D 212 -51.14 9.89 -7.35
CA ASN D 212 -51.87 8.72 -7.79
C ASN D 212 -52.48 8.85 -9.18
N THR D 213 -52.09 9.89 -9.91
CA THR D 213 -52.55 10.12 -11.27
C THR D 213 -51.81 9.20 -12.24
N LYS D 214 -52.55 8.63 -13.19
CA LYS D 214 -51.97 7.82 -14.25
C LYS D 214 -52.54 8.32 -15.58
N VAL D 215 -51.66 8.65 -16.53
CA VAL D 215 -52.12 9.19 -17.81
C VAL D 215 -51.44 8.55 -19.02
N ASP D 216 -52.23 8.26 -20.05
CA ASP D 216 -51.71 7.84 -21.34
C ASP D 216 -52.09 8.88 -22.39
N LYS D 217 -51.21 9.14 -23.36
CA LYS D 217 -51.56 10.05 -24.44
C LYS D 217 -51.02 9.56 -25.78
N LYS D 218 -51.94 9.17 -26.67
CA LYS D 218 -51.63 8.78 -28.04
C LYS D 218 -51.08 9.98 -28.79
N VAL D 219 -50.02 9.78 -29.57
CA VAL D 219 -49.36 10.89 -30.27
C VAL D 219 -49.34 10.64 -31.78
N GLU D 220 -50.05 11.50 -32.52
CA GLU D 220 -50.26 11.36 -33.96
C GLU D 220 -49.77 12.60 -34.73
N PRO D 221 -49.49 12.46 -36.04
CA PRO D 221 -49.01 13.57 -36.90
C PRO D 221 -49.98 14.76 -37.02
N GLU E 1 19.35 3.59 11.67
CA GLU E 1 18.43 2.46 11.93
C GLU E 1 17.03 2.83 11.48
N ILE E 2 16.20 1.83 11.23
CA ILE E 2 14.82 2.10 10.88
C ILE E 2 14.04 2.34 12.16
N VAL E 3 13.53 3.55 12.30
CA VAL E 3 12.68 3.98 13.39
C VAL E 3 11.22 3.69 12.98
N LEU E 4 10.48 3.13 13.93
CA LEU E 4 9.09 2.76 13.71
C LEU E 4 8.24 3.52 14.69
N THR E 5 7.32 4.34 14.18
CA THR E 5 6.48 5.07 15.08
C THR E 5 5.06 4.50 15.00
N GLN E 6 4.55 4.08 16.15
CA GLN E 6 3.20 3.55 16.22
C GLN E 6 2.26 4.60 16.73
N SER E 7 1.02 4.52 16.28
CA SER E 7 -0.04 5.48 16.61
C SER E 7 -1.41 4.79 16.48
N PRO E 8 -2.36 5.12 17.38
CA PRO E 8 -2.19 6.04 18.50
C PRO E 8 -1.42 5.35 19.63
N ALA E 9 -0.92 6.12 20.60
CA ALA E 9 -0.19 5.55 21.72
C ALA E 9 -1.16 4.73 22.56
N THR E 10 -2.34 5.29 22.74
CA THR E 10 -3.35 4.77 23.64
C THR E 10 -4.68 4.68 22.91
N LEU E 11 -5.43 3.64 23.20
CA LEU E 11 -6.72 3.40 22.52
C LEU E 11 -7.70 2.69 23.45
N SER E 12 -8.97 3.09 23.38
CA SER E 12 -10.01 2.55 24.24
C SER E 12 -11.29 2.25 23.47
N LEU E 13 -11.70 0.99 23.43
CA LEU E 13 -12.80 0.59 22.57
C LEU E 13 -13.72 -0.47 23.17
N SER E 14 -14.99 -0.43 22.75
CA SER E 14 -16.01 -1.33 23.30
C SER E 14 -16.00 -2.70 22.59
N PRO E 15 -16.42 -3.78 23.30
CA PRO E 15 -16.41 -5.11 22.69
C PRO E 15 -17.14 -5.12 21.34
N GLY E 16 -16.73 -5.98 20.40
CA GLY E 16 -17.41 -6.04 19.11
C GLY E 16 -16.95 -4.94 18.16
N GLU E 17 -16.29 -3.91 18.65
CA GLU E 17 -15.81 -2.94 17.70
C GLU E 17 -14.45 -3.36 17.10
N ARG E 18 -13.90 -2.51 16.23
CA ARG E 18 -12.65 -2.81 15.53
C ARG E 18 -11.57 -1.78 15.91
N ALA E 19 -10.42 -2.29 16.32
CA ALA E 19 -9.26 -1.46 16.67
C ALA E 19 -8.38 -1.28 15.44
N THR E 20 -7.88 -0.06 15.25
CA THR E 20 -7.05 0.26 14.10
C THR E 20 -5.74 0.85 14.61
N LEU E 21 -4.66 0.09 14.46
CA LEU E 21 -3.36 0.49 15.00
C LEU E 21 -2.39 0.68 13.86
N SER E 22 -1.83 1.88 13.74
CA SER E 22 -0.88 2.16 12.68
C SER E 22 0.58 1.98 13.12
N CYS E 23 1.45 1.75 12.15
CA CYS E 23 2.87 1.70 12.38
C CYS E 23 3.51 2.30 11.16
N ARG E 24 4.30 3.36 11.34
CA ARG E 24 5.03 4.02 10.25
C ARG E 24 6.51 3.74 10.35
N ALA E 25 7.14 3.47 9.21
CA ALA E 25 8.57 3.23 9.16
C ALA E 25 9.28 4.43 8.50
N SER E 26 10.46 4.79 9.03
CA SER E 26 11.22 5.95 8.54
C SER E 26 11.72 5.77 7.09
N LYS E 27 11.72 4.54 6.59
CA LYS E 27 12.13 4.21 5.23
C LYS E 27 11.43 2.93 4.77
N SER E 28 11.23 2.77 3.46
CA SER E 28 10.51 1.62 2.96
C SER E 28 11.08 0.36 3.63
N ILE E 29 10.23 -0.55 4.08
CA ILE E 29 10.71 -1.87 4.55
C ILE E 29 10.05 -2.97 3.73
N SER E 30 9.65 -2.61 2.51
CA SER E 30 8.78 -3.44 1.67
C SER E 30 7.58 -3.97 2.47
N LYS E 31 7.36 -5.28 2.43
CA LYS E 31 6.23 -5.92 3.15
C LYS E 31 6.61 -6.54 4.50
N TYR E 32 7.88 -6.39 4.90
CA TYR E 32 8.42 -7.14 6.03
C TYR E 32 8.25 -6.48 7.38
N LEU E 33 7.00 -6.52 7.87
CA LEU E 33 6.66 -6.07 9.22
C LEU E 33 5.91 -7.16 9.97
N ALA E 34 6.27 -7.33 11.24
CA ALA E 34 5.56 -8.27 12.10
C ALA E 34 4.79 -7.54 13.17
N TRP E 35 3.64 -8.08 13.59
CA TRP E 35 2.99 -7.58 14.79
C TRP E 35 3.06 -8.56 15.97
N TYR E 36 3.16 -8.01 17.19
CA TYR E 36 3.09 -8.79 18.43
C TYR E 36 2.02 -8.28 19.37
N GLN E 37 1.35 -9.21 20.04
CA GLN E 37 0.47 -8.85 21.14
C GLN E 37 1.21 -9.18 22.44
N GLN E 38 1.22 -8.24 23.36
CA GLN E 38 1.81 -8.49 24.67
C GLN E 38 0.86 -8.11 25.80
N LYS E 39 0.47 -9.11 26.57
CA LYS E 39 -0.21 -8.90 27.83
C LYS E 39 0.85 -8.67 28.89
N PRO E 40 0.63 -7.66 29.76
CA PRO E 40 1.60 -7.16 30.75
C PRO E 40 2.22 -8.29 31.59
N GLY E 41 3.54 -8.23 31.75
CA GLY E 41 4.28 -9.26 32.48
C GLY E 41 4.24 -10.66 31.87
N GLN E 42 3.73 -10.77 30.65
CA GLN E 42 3.82 -11.99 29.86
C GLN E 42 4.69 -11.67 28.64
N ALA E 43 5.13 -12.71 27.96
CA ALA E 43 5.95 -12.54 26.76
C ALA E 43 5.08 -12.22 25.54
N PRO E 44 5.64 -11.48 24.55
CA PRO E 44 4.88 -11.10 23.36
C PRO E 44 4.45 -12.31 22.58
N ARG E 45 3.27 -12.22 22.00
CA ARG E 45 2.72 -13.28 21.19
C ARG E 45 2.72 -12.84 19.71
N LEU E 46 3.34 -13.62 18.87
CA LEU E 46 3.42 -13.35 17.44
C LEU E 46 2.06 -13.47 16.73
N LEU E 47 1.61 -12.38 16.12
CA LEU E 47 0.31 -12.34 15.44
C LEU E 47 0.41 -12.44 13.89
N ILE E 48 1.36 -11.69 13.34
CA ILE E 48 1.42 -11.46 11.90
C ILE E 48 2.86 -11.23 11.49
N TYR E 49 3.29 -11.88 10.42
CA TYR E 49 4.60 -11.54 9.84
C TYR E 49 4.47 -11.13 8.39
N SER E 50 5.49 -10.47 7.87
CA SER E 50 5.51 -10.08 6.46
C SER E 50 4.25 -9.28 6.08
N GLY E 51 3.88 -8.31 6.93
CA GLY E 51 2.81 -7.37 6.64
C GLY E 51 1.41 -7.91 6.84
N SER E 52 1.15 -9.12 6.34
CA SER E 52 -0.21 -9.64 6.41
C SER E 52 -0.35 -11.15 6.58
N THR E 53 0.73 -11.89 6.77
CA THR E 53 0.55 -13.33 6.93
C THR E 53 0.19 -13.66 8.37
N LEU E 54 -1.01 -14.22 8.53
CA LEU E 54 -1.51 -14.59 9.83
C LEU E 54 -0.74 -15.80 10.33
N GLN E 55 -0.12 -15.67 11.50
CA GLN E 55 0.56 -16.78 12.14
C GLN E 55 -0.46 -17.89 12.49
N SER E 56 -0.03 -19.15 12.42
CA SER E 56 -0.80 -20.33 12.88
C SER E 56 -1.32 -20.18 14.31
N GLY E 57 -2.58 -20.54 14.52
CA GLY E 57 -3.20 -20.48 15.83
C GLY E 57 -3.75 -19.12 16.24
N ILE E 58 -3.72 -18.15 15.32
CA ILE E 58 -4.19 -16.79 15.58
C ILE E 58 -5.53 -16.59 14.82
N PRO E 59 -6.61 -16.21 15.53
CA PRO E 59 -7.90 -16.10 14.81
C PRO E 59 -7.90 -15.05 13.67
N ALA E 60 -8.74 -15.27 12.67
CA ALA E 60 -8.81 -14.39 11.50
C ALA E 60 -9.27 -12.96 11.79
N ARG E 61 -9.78 -12.71 13.00
CA ARG E 61 -10.15 -11.34 13.38
C ARG E 61 -8.94 -10.40 13.46
N PHE E 62 -7.74 -10.99 13.50
CA PHE E 62 -6.50 -10.26 13.40
C PHE E 62 -6.06 -10.22 11.95
N SER E 63 -5.95 -9.03 11.38
CA SER E 63 -5.39 -8.88 10.04
C SER E 63 -4.49 -7.65 9.95
N GLY E 64 -3.48 -7.74 9.09
CA GLY E 64 -2.61 -6.62 8.78
C GLY E 64 -2.70 -6.20 7.33
N SER E 65 -2.27 -4.99 7.02
CA SER E 65 -2.13 -4.52 5.64
C SER E 65 -1.08 -3.41 5.58
N GLY E 66 -0.75 -3.00 4.37
CA GLY E 66 0.24 -1.96 4.16
C GLY E 66 1.54 -2.46 3.55
N SER E 67 2.37 -1.51 3.17
CA SER E 67 3.62 -1.80 2.47
C SER E 67 4.49 -0.60 2.68
N GLY E 68 5.79 -0.82 2.47
CA GLY E 68 6.74 0.27 2.29
C GLY E 68 6.89 1.02 3.58
N THR E 69 6.13 2.11 3.68
CA THR E 69 6.32 3.04 4.77
C THR E 69 5.16 3.04 5.79
N ASP E 70 4.01 2.51 5.39
CA ASP E 70 2.83 2.56 6.20
C ASP E 70 2.18 1.21 6.37
N PHE E 71 1.86 0.86 7.60
CA PHE E 71 1.19 -0.39 7.93
C PHE E 71 0.04 -0.22 8.89
N THR E 72 -0.96 -1.10 8.80
CA THR E 72 -2.07 -1.07 9.74
C THR E 72 -2.37 -2.46 10.27
N LEU E 73 -2.43 -2.60 11.60
CA LEU E 73 -2.95 -3.80 12.22
C LEU E 73 -4.40 -3.59 12.59
N THR E 74 -5.25 -4.54 12.23
CA THR E 74 -6.66 -4.48 12.53
C THR E 74 -7.07 -5.62 13.47
N ILE E 75 -7.92 -5.31 14.44
CA ILE E 75 -8.48 -6.32 15.33
C ILE E 75 -9.99 -6.21 15.33
N SER E 76 -10.64 -7.22 14.78
CA SER E 76 -12.00 -7.03 14.32
C SER E 76 -13.19 -7.20 15.24
N SER E 77 -13.20 -8.14 16.16
CA SER E 77 -14.42 -8.23 16.98
C SER E 77 -14.03 -8.25 18.42
N LEU E 78 -13.72 -7.07 18.95
CA LEU E 78 -12.97 -7.00 20.20
C LEU E 78 -13.66 -7.77 21.30
N GLU E 79 -12.85 -8.60 21.95
CA GLU E 79 -13.21 -9.31 23.17
C GLU E 79 -12.44 -8.65 24.33
N PRO E 80 -12.84 -8.94 25.58
CA PRO E 80 -12.03 -8.54 26.74
C PRO E 80 -10.58 -9.08 26.70
N GLU E 81 -10.40 -10.25 26.09
CA GLU E 81 -9.09 -10.91 26.03
C GLU E 81 -8.10 -10.15 25.12
N ASP E 82 -8.56 -9.06 24.50
CA ASP E 82 -7.77 -8.32 23.53
C ASP E 82 -6.94 -7.21 24.17
N PHE E 83 -7.23 -6.88 25.44
CA PHE E 83 -6.40 -5.96 26.18
C PHE E 83 -4.93 -6.37 26.14
N ALA E 84 -4.07 -5.41 25.80
CA ALA E 84 -2.63 -5.65 25.67
C ALA E 84 -1.95 -4.43 25.10
N VAL E 85 -0.63 -4.49 25.08
CA VAL E 85 0.16 -3.57 24.29
C VAL E 85 0.50 -4.32 23.01
N TYR E 86 0.41 -3.64 21.87
CA TYR E 86 0.72 -4.28 20.60
C TYR E 86 1.92 -3.62 19.99
N TYR E 87 2.90 -4.42 19.59
CA TYR E 87 4.11 -3.90 18.97
C TYR E 87 4.21 -4.28 17.51
N CYS E 88 4.77 -3.38 16.69
CA CYS E 88 5.23 -3.74 15.35
C CYS E 88 6.76 -3.84 15.35
N GLN E 89 7.32 -4.63 14.45
CA GLN E 89 8.76 -4.89 14.40
C GLN E 89 9.13 -5.16 12.95
N GLN E 90 10.17 -4.49 12.45
CA GLN E 90 10.52 -4.69 11.06
C GLN E 90 11.52 -5.83 10.92
N HIS E 91 11.29 -6.71 9.95
CA HIS E 91 12.23 -7.79 9.69
C HIS E 91 12.76 -7.73 8.28
N ASN E 92 12.99 -6.50 7.83
CA ASN E 92 13.54 -6.26 6.50
C ASN E 92 15.05 -6.01 6.53
N GLU E 93 15.53 -5.30 7.56
CA GLU E 93 16.89 -4.77 7.59
C GLU E 93 17.53 -4.75 8.99
N TYR E 94 18.80 -5.14 9.03
CA TYR E 94 19.70 -4.95 10.18
C TYR E 94 19.98 -3.45 10.37
N PRO E 95 19.96 -2.95 11.64
CA PRO E 95 19.53 -3.67 12.84
C PRO E 95 18.01 -3.76 12.93
N TYR E 96 17.51 -4.77 13.64
CA TYR E 96 16.08 -5.02 13.76
C TYR E 96 15.50 -4.20 14.88
N THR E 97 14.37 -3.57 14.58
CA THR E 97 13.79 -2.58 15.48
C THR E 97 12.29 -2.78 15.68
N PHE E 98 11.80 -2.22 16.80
CA PHE E 98 10.42 -2.35 17.27
C PHE E 98 9.82 -0.95 17.41
N GLY E 99 8.52 -0.81 17.20
CA GLY E 99 7.85 0.46 17.56
C GLY E 99 7.64 0.57 19.06
N GLN E 100 7.28 1.77 19.53
CA GLN E 100 7.01 2.04 20.97
C GLN E 100 5.70 1.44 21.53
N GLY E 101 4.90 0.81 20.68
CA GLY E 101 3.69 0.12 21.11
C GLY E 101 2.45 0.99 21.14
N THR E 102 1.30 0.35 21.00
CA THR E 102 0.01 0.94 21.31
C THR E 102 -0.61 0.10 22.41
N LYS E 103 -1.18 0.78 23.40
CA LYS E 103 -1.82 0.10 24.48
C LYS E 103 -3.35 0.16 24.29
N LEU E 104 -3.98 -1.01 24.23
CA LEU E 104 -5.44 -1.09 23.98
C LEU E 104 -6.24 -1.46 25.21
N GLU E 105 -7.09 -0.54 25.66
CA GLU E 105 -8.09 -0.82 26.70
C GLU E 105 -9.44 -1.25 26.09
N ILE E 106 -10.07 -2.26 26.69
CA ILE E 106 -11.40 -2.74 26.31
C ILE E 106 -12.49 -2.17 27.26
N LYS E 107 -13.27 -1.21 26.78
CA LYS E 107 -14.37 -0.61 27.56
C LYS E 107 -15.42 -1.63 28.00
N ARG E 108 -16.12 -1.30 29.08
CA ARG E 108 -17.22 -2.11 29.60
C ARG E 108 -18.25 -1.26 30.31
N THR E 109 -19.37 -1.87 30.70
CA THR E 109 -20.39 -1.17 31.51
C THR E 109 -19.76 -0.85 32.87
N VAL E 110 -19.99 0.38 33.33
CA VAL E 110 -19.51 0.87 34.61
C VAL E 110 -19.80 -0.14 35.71
N ALA E 111 -18.77 -0.46 36.51
CA ALA E 111 -18.91 -1.32 37.68
C ALA E 111 -18.38 -0.63 38.94
N ALA E 112 -19.19 -0.65 40.01
CA ALA E 112 -18.76 -0.11 41.29
C ALA E 112 -17.70 -1.01 41.90
N PRO E 113 -16.68 -0.42 42.55
CA PRO E 113 -15.75 -1.26 43.27
C PRO E 113 -16.39 -1.75 44.56
N SER E 114 -16.35 -3.06 44.78
CA SER E 114 -16.73 -3.61 46.09
C SER E 114 -15.48 -3.57 46.96
N VAL E 115 -15.51 -2.71 47.99
CA VAL E 115 -14.31 -2.39 48.78
C VAL E 115 -14.18 -3.09 50.15
N PHE E 116 -12.97 -3.58 50.45
CA PHE E 116 -12.67 -4.30 51.68
C PHE E 116 -11.65 -3.54 52.52
N ILE E 117 -11.34 -4.04 53.72
CA ILE E 117 -10.31 -3.45 54.61
C ILE E 117 -9.79 -4.42 55.67
N PHE E 118 -8.47 -4.53 55.75
CA PHE E 118 -7.82 -5.46 56.67
C PHE E 118 -7.00 -4.69 57.70
N PRO E 119 -7.17 -5.01 59.01
CA PRO E 119 -6.26 -4.51 60.07
C PRO E 119 -4.86 -5.13 59.97
N PRO E 120 -3.82 -4.45 60.52
CA PRO E 120 -2.47 -5.04 60.50
C PRO E 120 -2.39 -6.29 61.38
N SER E 121 -1.66 -7.30 60.89
CA SER E 121 -1.49 -8.55 61.64
C SER E 121 -0.53 -8.36 62.81
N ASP E 122 -0.84 -9.04 63.92
CA ASP E 122 -0.05 -8.92 65.14
C ASP E 122 1.41 -9.32 64.94
N GLU E 123 1.64 -10.11 63.90
CA GLU E 123 2.97 -10.47 63.47
C GLU E 123 3.72 -9.27 62.89
N GLN E 124 3.03 -8.43 62.12
CA GLN E 124 3.64 -7.21 61.58
C GLN E 124 3.76 -6.16 62.67
N LEU E 125 2.73 -6.08 63.52
CA LEU E 125 2.72 -5.16 64.66
C LEU E 125 3.95 -5.37 65.54
N LYS E 126 4.30 -6.64 65.72
CA LYS E 126 5.52 -7.06 66.43
C LYS E 126 6.82 -6.48 65.82
N SER E 127 6.82 -6.19 64.52
CA SER E 127 8.02 -5.72 63.80
C SER E 127 8.41 -4.26 64.08
N GLY E 128 7.50 -3.51 64.70
CA GLY E 128 7.72 -2.09 64.99
C GLY E 128 6.92 -1.16 64.08
N THR E 129 6.65 -1.63 62.86
CA THR E 129 5.81 -0.90 61.89
C THR E 129 4.43 -1.57 61.70
N ALA E 130 3.51 -0.86 61.05
CA ALA E 130 2.16 -1.39 60.78
C ALA E 130 1.59 -0.90 59.43
N SER E 131 0.81 -1.76 58.80
CA SER E 131 0.17 -1.45 57.50
C SER E 131 -1.30 -1.85 57.48
N VAL E 132 -2.17 -0.92 57.07
CA VAL E 132 -3.61 -1.20 56.93
C VAL E 132 -4.01 -1.21 55.44
N VAL E 133 -4.45 -2.39 54.99
CA VAL E 133 -4.70 -2.65 53.57
C VAL E 133 -6.19 -2.51 53.18
N CYS E 134 -6.45 -1.59 52.25
CA CYS E 134 -7.80 -1.33 51.72
C CYS E 134 -7.88 -1.66 50.22
N LEU E 135 -8.67 -2.69 49.91
CA LEU E 135 -8.87 -3.18 48.54
C LEU E 135 -10.02 -2.46 47.82
N LEU E 136 -9.92 -2.39 46.48
CA LEU E 136 -10.96 -1.75 45.65
C LEU E 136 -11.48 -2.67 44.53
N ASN E 137 -11.55 -3.97 44.82
CA ASN E 137 -11.87 -5.01 43.85
C ASN E 137 -12.83 -4.66 42.71
N ASN E 138 -12.37 -4.98 41.49
CA ASN E 138 -13.16 -5.06 40.26
C ASN E 138 -14.08 -3.92 39.91
N PHE E 139 -13.52 -2.74 39.67
CA PHE E 139 -14.27 -1.59 39.18
C PHE E 139 -13.95 -1.22 37.73
N TYR E 140 -14.76 -0.34 37.15
CA TYR E 140 -14.49 0.31 35.88
C TYR E 140 -15.35 1.57 35.79
N PRO E 141 -14.79 2.69 35.26
CA PRO E 141 -13.45 2.84 34.68
C PRO E 141 -12.30 2.97 35.69
N ARG E 142 -11.15 3.37 35.18
CA ARG E 142 -9.89 3.34 35.90
C ARG E 142 -9.80 4.39 37.02
N GLU E 143 -10.31 5.60 36.79
CA GLU E 143 -10.25 6.71 37.75
C GLU E 143 -11.04 6.42 39.04
N ALA E 144 -10.33 6.46 40.18
CA ALA E 144 -10.93 6.25 41.50
C ALA E 144 -10.09 6.89 42.61
N LYS E 145 -10.74 7.65 43.48
CA LYS E 145 -10.10 8.27 44.64
C LYS E 145 -10.28 7.41 45.91
N VAL E 146 -9.18 7.17 46.62
CA VAL E 146 -9.24 6.51 47.94
C VAL E 146 -8.91 7.53 49.03
N GLN E 147 -9.79 7.59 50.04
CA GLN E 147 -9.62 8.50 51.16
C GLN E 147 -9.42 7.73 52.46
N TRP E 148 -8.36 8.08 53.18
CA TRP E 148 -8.06 7.47 54.47
C TRP E 148 -8.53 8.34 55.64
N LYS E 149 -9.06 7.67 56.65
CA LYS E 149 -9.38 8.31 57.91
C LYS E 149 -8.82 7.49 59.07
N VAL E 150 -7.86 8.10 59.77
CA VAL E 150 -7.33 7.58 61.03
C VAL E 150 -7.88 8.46 62.14
N ASP E 151 -8.63 7.83 63.05
CA ASP E 151 -9.37 8.55 64.10
C ASP E 151 -10.13 9.72 63.49
N ASN E 152 -10.86 9.44 62.41
CA ASN E 152 -11.63 10.43 61.66
C ASN E 152 -10.91 11.73 61.27
N ALA E 153 -9.64 11.62 60.90
CA ALA E 153 -8.91 12.74 60.31
C ALA E 153 -8.30 12.27 58.99
N LEU E 154 -8.45 13.09 57.95
CA LEU E 154 -7.95 12.76 56.62
C LEU E 154 -6.42 12.82 56.61
N GLN E 155 -5.80 11.91 55.87
CA GLN E 155 -4.33 11.73 55.89
C GLN E 155 -3.63 12.51 54.77
N SER E 156 -2.38 12.16 54.52
CA SER E 156 -1.61 12.75 53.42
C SER E 156 -0.20 12.14 53.31
N GLY E 157 0.26 11.97 52.07
CA GLY E 157 1.64 11.60 51.73
C GLY E 157 2.35 10.46 52.47
N ASN E 158 1.59 9.55 53.09
CA ASN E 158 2.18 8.41 53.83
C ASN E 158 1.45 7.05 53.65
N SER E 159 0.85 6.87 52.48
CA SER E 159 0.30 5.58 52.04
C SER E 159 0.36 5.50 50.51
N GLN E 160 0.77 4.34 50.00
CA GLN E 160 0.99 4.15 48.55
C GLN E 160 -0.20 3.46 47.85
N GLU E 161 -0.21 3.56 46.52
CA GLU E 161 -1.22 2.90 45.68
C GLU E 161 -0.65 2.12 44.50
N SER E 162 -1.33 1.03 44.15
CA SER E 162 -0.94 0.18 43.04
C SER E 162 -2.16 -0.33 42.27
N VAL E 163 -2.30 0.10 41.03
CA VAL E 163 -3.42 -0.34 40.19
C VAL E 163 -3.01 -1.60 39.45
N THR E 164 -3.92 -2.56 39.34
CA THR E 164 -3.67 -3.74 38.51
C THR E 164 -3.83 -3.36 37.04
N GLU E 165 -3.27 -4.18 36.17
CA GLU E 165 -3.53 -4.04 34.75
C GLU E 165 -4.96 -4.51 34.48
N GLN E 166 -5.56 -4.03 33.38
CA GLN E 166 -6.93 -4.40 33.05
C GLN E 166 -7.07 -5.91 33.09
N ASP E 167 -8.12 -6.38 33.75
CA ASP E 167 -8.40 -7.83 33.81
C ASP E 167 -8.85 -8.38 32.45
N SER E 168 -8.14 -9.36 31.93
CA SER E 168 -8.42 -9.81 30.56
C SER E 168 -9.71 -10.64 30.35
N LYS E 169 -10.36 -11.02 31.46
CA LYS E 169 -11.62 -11.78 31.39
C LYS E 169 -12.88 -10.97 31.71
N ASP E 170 -12.75 -9.92 32.54
CA ASP E 170 -13.90 -9.05 32.81
C ASP E 170 -13.57 -7.56 32.78
N SER E 171 -12.44 -7.21 32.16
CA SER E 171 -12.09 -5.83 31.82
C SER E 171 -12.14 -4.85 32.99
N THR E 172 -12.03 -5.38 34.21
CA THR E 172 -12.00 -4.54 35.43
C THR E 172 -10.59 -4.23 35.92
N TYR E 173 -10.54 -3.25 36.82
CA TYR E 173 -9.32 -2.92 37.54
C TYR E 173 -9.53 -3.22 39.02
N SER E 174 -8.45 -3.60 39.69
CA SER E 174 -8.48 -3.67 41.14
C SER E 174 -7.38 -2.77 41.68
N LEU E 175 -7.67 -2.01 42.72
CA LEU E 175 -6.65 -1.16 43.34
C LEU E 175 -6.41 -1.53 44.81
N SER E 176 -5.15 -1.41 45.25
CA SER E 176 -4.77 -1.58 46.66
C SER E 176 -4.07 -0.34 47.21
N SER E 177 -4.61 0.21 48.29
CA SER E 177 -3.96 1.29 49.03
C SER E 177 -3.45 0.76 50.39
N THR E 178 -2.14 0.84 50.58
CA THR E 178 -1.49 0.42 51.84
C THR E 178 -1.18 1.63 52.72
N LEU E 179 -1.85 1.69 53.88
CA LEU E 179 -1.58 2.71 54.89
C LEU E 179 -0.55 2.20 55.91
N THR E 180 0.52 2.97 56.11
CA THR E 180 1.64 2.54 56.95
C THR E 180 2.04 3.56 58.03
N LEU E 181 1.95 3.12 59.29
CA LEU E 181 2.34 3.90 60.46
C LEU E 181 3.37 3.18 61.32
N SER E 182 3.86 3.86 62.35
CA SER E 182 4.60 3.22 63.44
C SER E 182 3.60 2.51 64.36
N LYS E 183 4.07 1.54 65.14
CA LYS E 183 3.20 0.77 66.06
C LYS E 183 2.61 1.62 67.19
N ALA E 184 3.33 2.68 67.57
CA ALA E 184 2.85 3.66 68.55
C ALA E 184 1.73 4.51 67.97
N ASP E 185 1.92 5.01 66.76
CA ASP E 185 0.94 5.89 66.15
C ASP E 185 -0.41 5.20 65.90
N TYR E 186 -0.35 3.91 65.56
CA TYR E 186 -1.54 3.10 65.32
C TYR E 186 -2.37 2.80 66.60
N GLU E 187 -1.68 2.44 67.68
CA GLU E 187 -2.36 2.09 68.94
C GLU E 187 -2.86 3.30 69.74
N LYS E 188 -2.69 4.49 69.18
CA LYS E 188 -3.15 5.73 69.79
C LYS E 188 -4.56 6.12 69.29
N HIS E 189 -4.95 5.59 68.12
CA HIS E 189 -6.20 5.97 67.45
C HIS E 189 -7.19 4.79 67.32
N LYS E 190 -8.48 5.12 67.23
CA LYS E 190 -9.56 4.10 67.26
C LYS E 190 -10.23 3.83 65.91
N VAL E 191 -10.90 4.85 65.36
CA VAL E 191 -11.73 4.69 64.16
C VAL E 191 -10.91 4.74 62.87
N TYR E 192 -10.79 3.59 62.21
CA TYR E 192 -9.98 3.45 60.99
C TYR E 192 -10.83 3.23 59.73
N ALA E 193 -11.11 4.33 59.04
CA ALA E 193 -12.02 4.33 57.89
C ALA E 193 -11.32 4.50 56.54
N CYS E 194 -11.75 3.73 55.54
CA CYS E 194 -11.28 3.87 54.16
C CYS E 194 -12.45 4.36 53.31
N GLU E 195 -12.24 5.46 52.60
CA GLU E 195 -13.33 6.10 51.83
C GLU E 195 -13.06 6.18 50.32
N VAL E 196 -13.60 5.19 49.62
CA VAL E 196 -13.48 5.05 48.17
C VAL E 196 -14.53 5.93 47.47
N THR E 197 -14.13 6.60 46.41
CA THR E 197 -15.06 7.37 45.59
C THR E 197 -14.95 6.93 44.11
N HIS E 198 -16.09 6.57 43.51
CA HIS E 198 -16.11 6.06 42.14
C HIS E 198 -17.28 6.62 41.32
N GLN E 199 -17.03 6.80 40.02
CA GLN E 199 -18.03 7.26 39.05
C GLN E 199 -19.28 6.39 39.09
N GLY E 200 -19.09 5.10 39.34
CA GLY E 200 -20.18 4.16 39.57
C GLY E 200 -20.68 4.14 41.00
N LEU E 201 -20.48 5.26 41.70
CA LEU E 201 -21.07 5.52 43.00
C LEU E 201 -21.62 6.94 43.00
N SER E 202 -22.81 7.11 43.58
CA SER E 202 -23.43 8.42 43.73
C SER E 202 -22.78 9.19 44.88
N SER E 203 -22.68 8.53 46.03
CA SER E 203 -21.92 9.03 47.18
C SER E 203 -20.82 8.02 47.52
N PRO E 204 -19.62 8.50 47.89
CA PRO E 204 -18.51 7.65 48.35
C PRO E 204 -18.87 6.58 49.41
N VAL E 205 -18.41 5.35 49.17
CA VAL E 205 -18.52 4.25 50.14
C VAL E 205 -17.37 4.37 51.15
N THR E 206 -17.61 3.91 52.38
CA THR E 206 -16.59 3.96 53.45
C THR E 206 -16.57 2.66 54.26
N LYS E 207 -15.48 1.91 54.19
CA LYS E 207 -15.32 0.68 54.98
C LYS E 207 -14.33 0.87 56.13
N SER E 208 -14.77 0.51 57.34
CA SER E 208 -14.02 0.80 58.58
C SER E 208 -13.94 -0.36 59.60
N PHE E 209 -13.16 -0.11 60.67
CA PHE E 209 -13.02 -1.03 61.81
C PHE E 209 -12.56 -0.29 63.09
N ASN E 210 -12.47 -1.04 64.20
CA ASN E 210 -11.90 -0.52 65.46
C ASN E 210 -10.70 -1.36 65.87
N ARG E 211 -9.67 -0.71 66.39
CA ARG E 211 -8.43 -1.40 66.76
C ARG E 211 -8.65 -2.67 67.61
N GLY E 212 -8.26 -3.82 67.06
CA GLY E 212 -8.47 -5.13 67.70
C GLY E 212 -9.94 -5.49 67.88
N GLU E 213 -10.55 -6.10 66.87
CA GLU E 213 -11.97 -6.44 66.89
C GLU E 213 -12.24 -7.81 66.25
N VAL F 2 7.85 -27.03 21.38
CA VAL F 2 8.98 -26.14 21.45
C VAL F 2 8.83 -25.30 22.69
N THR F 3 9.88 -25.27 23.51
CA THR F 3 9.95 -24.37 24.66
C THR F 3 11.29 -23.67 24.72
N LEU F 4 11.29 -22.48 25.32
CA LEU F 4 12.51 -21.78 25.68
C LEU F 4 12.37 -21.26 27.12
N LYS F 5 13.43 -21.40 27.89
CA LYS F 5 13.44 -20.98 29.28
C LYS F 5 14.77 -20.32 29.55
N GLU F 6 14.75 -19.25 30.34
CA GLU F 6 15.94 -18.46 30.64
C GLU F 6 16.41 -18.70 32.08
N SER F 7 17.73 -18.71 32.29
CA SER F 7 18.36 -18.58 33.62
C SER F 7 17.53 -17.68 34.54
N GLY F 8 17.35 -18.11 35.80
CA GLY F 8 16.55 -17.37 36.81
C GLY F 8 16.92 -15.90 37.02
N PRO F 9 15.99 -15.12 37.65
CA PRO F 9 16.09 -13.64 37.82
C PRO F 9 17.38 -13.11 38.48
N VAL F 10 18.45 -12.94 37.70
CA VAL F 10 19.75 -12.50 38.24
C VAL F 10 19.72 -11.08 38.88
N LEU F 11 20.80 -10.76 39.60
CA LEU F 11 21.08 -9.43 40.13
C LEU F 11 22.54 -9.19 39.74
N VAL F 12 22.86 -7.97 39.33
CA VAL F 12 24.17 -7.72 38.75
C VAL F 12 24.66 -6.36 39.17
N LYS F 13 25.85 -6.34 39.77
CA LYS F 13 26.49 -5.11 40.24
C LYS F 13 26.93 -4.24 39.05
N PRO F 14 26.80 -2.91 39.18
CA PRO F 14 27.18 -1.99 38.10
C PRO F 14 28.61 -2.24 37.64
N THR F 15 28.81 -2.55 36.35
CA THR F 15 30.15 -2.73 35.76
C THR F 15 30.42 -4.21 35.48
N GLU F 16 29.83 -5.07 36.28
CA GLU F 16 30.05 -6.51 36.17
C GLU F 16 29.36 -7.12 34.94
N THR F 17 29.67 -8.38 34.70
CA THR F 17 29.24 -9.07 33.50
C THR F 17 27.94 -9.85 33.76
N LEU F 18 26.95 -9.67 32.88
CA LEU F 18 25.75 -10.51 32.93
C LEU F 18 25.94 -11.75 32.09
N THR F 19 25.46 -12.88 32.59
CA THR F 19 25.45 -14.12 31.82
C THR F 19 24.07 -14.76 31.89
N LEU F 20 23.47 -14.96 30.70
CA LEU F 20 22.17 -15.62 30.61
C LEU F 20 22.22 -16.85 29.73
N THR F 21 21.49 -17.87 30.17
CA THR F 21 21.39 -19.12 29.45
C THR F 21 19.94 -19.37 29.05
N CYS F 22 19.75 -19.64 27.76
CA CYS F 22 18.45 -20.02 27.26
C CYS F 22 18.47 -21.52 27.08
N THR F 23 17.54 -22.22 27.77
CA THR F 23 17.44 -23.67 27.64
C THR F 23 16.25 -24.09 26.79
N VAL F 24 16.55 -24.92 25.80
CA VAL F 24 15.70 -25.14 24.65
C VAL F 24 15.29 -26.60 24.56
N SER F 25 14.08 -26.85 24.08
CA SER F 25 13.69 -28.21 23.67
C SER F 25 12.62 -28.16 22.59
N GLY F 26 12.34 -29.32 22.00
CA GLY F 26 11.38 -29.45 20.91
C GLY F 26 12.04 -29.32 19.54
N PHE F 27 13.24 -28.74 19.53
CA PHE F 27 14.01 -28.57 18.29
C PHE F 27 15.50 -28.60 18.64
N SER F 28 16.32 -28.93 17.64
CA SER F 28 17.77 -28.96 17.85
C SER F 28 18.50 -27.70 17.35
N LEU F 29 19.33 -27.14 18.24
CA LEU F 29 20.13 -25.95 17.94
C LEU F 29 21.03 -26.04 16.69
N SER F 30 21.20 -27.22 16.13
CA SER F 30 21.94 -27.30 14.87
C SER F 30 21.12 -27.84 13.68
N THR F 31 19.79 -27.82 13.80
CA THR F 31 18.93 -28.21 12.68
C THR F 31 18.90 -27.06 11.67
N TYR F 32 18.89 -27.38 10.38
CA TYR F 32 18.83 -26.36 9.36
C TYR F 32 17.68 -25.37 9.64
N GLY F 33 18.01 -24.07 9.63
CA GLY F 33 17.00 -23.04 9.80
C GLY F 33 16.53 -22.76 11.21
N MET F 34 17.22 -23.29 12.22
CA MET F 34 16.87 -22.96 13.61
C MET F 34 17.74 -21.82 14.11
N GLY F 35 17.25 -21.09 15.10
CA GLY F 35 18.00 -19.97 15.64
C GLY F 35 17.28 -19.39 16.81
N VAL F 36 18.02 -18.67 17.63
CA VAL F 36 17.51 -18.09 18.87
C VAL F 36 18.10 -16.69 18.98
N GLY F 37 17.26 -15.73 19.36
CA GLY F 37 17.74 -14.38 19.64
C GLY F 37 17.42 -13.99 21.06
N TRP F 38 17.91 -12.83 21.48
CA TRP F 38 17.54 -12.25 22.77
C TRP F 38 16.91 -10.89 22.54
N ILE F 39 15.86 -10.62 23.31
CA ILE F 39 15.16 -9.35 23.20
C ILE F 39 14.94 -8.90 24.64
N ARG F 40 15.18 -7.62 24.91
CA ARG F 40 14.99 -7.09 26.26
C ARG F 40 13.94 -5.97 26.31
N GLN F 41 13.50 -5.64 27.53
CA GLN F 41 12.42 -4.71 27.71
C GLN F 41 12.58 -4.07 29.08
N PRO F 42 13.12 -2.84 29.11
CA PRO F 42 13.11 -2.05 30.33
C PRO F 42 11.68 -1.84 30.81
N PRO F 43 11.48 -1.85 32.13
CA PRO F 43 10.14 -1.67 32.70
C PRO F 43 9.37 -0.46 32.15
N GLY F 44 8.17 -0.73 31.65
CA GLY F 44 7.31 0.32 31.10
C GLY F 44 7.77 0.83 29.74
N LYS F 45 8.83 0.22 29.22
CA LYS F 45 9.36 0.67 27.93
C LYS F 45 9.22 -0.39 26.84
N ALA F 46 9.78 -0.12 25.67
CA ALA F 46 9.53 -0.96 24.49
C ALA F 46 10.53 -2.08 24.30
N LEU F 47 10.18 -3.05 23.48
CA LEU F 47 11.06 -4.16 23.16
C LEU F 47 12.30 -3.64 22.44
N GLU F 48 13.41 -4.35 22.59
CA GLU F 48 14.67 -3.96 21.95
C GLU F 48 15.50 -5.19 21.67
N TRP F 49 15.76 -5.45 20.40
CA TRP F 49 16.56 -6.61 19.97
C TRP F 49 18.04 -6.46 20.38
N LEU F 50 18.59 -7.51 20.97
CA LEU F 50 19.96 -7.51 21.48
C LEU F 50 20.95 -8.25 20.59
N ALA F 51 20.55 -9.43 20.13
CA ALA F 51 21.42 -10.28 19.34
C ALA F 51 20.72 -11.59 19.03
N HIS F 52 21.28 -12.37 18.12
CA HIS F 52 20.82 -13.73 17.84
C HIS F 52 21.88 -14.58 17.15
N ILE F 53 21.59 -15.89 17.07
CA ILE F 53 22.52 -16.86 16.51
C ILE F 53 21.76 -17.94 15.74
N TRP F 54 22.36 -18.43 14.66
CA TRP F 54 21.75 -19.42 13.78
C TRP F 54 22.42 -20.79 13.92
N TRP F 55 21.78 -21.80 13.35
CA TRP F 55 22.29 -23.16 13.39
C TRP F 55 23.75 -23.30 12.95
N ASP F 56 24.10 -22.63 11.86
CA ASP F 56 25.45 -22.70 11.34
C ASP F 56 26.43 -21.82 12.13
N ASP F 57 25.96 -21.29 13.27
CA ASP F 57 26.79 -20.49 14.20
C ASP F 57 27.10 -19.07 13.73
N VAL F 58 26.48 -18.65 12.62
CA VAL F 58 26.48 -17.23 12.20
C VAL F 58 25.81 -16.41 13.29
N LYS F 59 26.43 -15.29 13.65
CA LYS F 59 25.96 -14.45 14.77
C LYS F 59 25.67 -13.00 14.36
N ARG F 60 24.63 -12.40 14.98
CA ARG F 60 24.30 -10.98 14.75
C ARG F 60 24.12 -10.20 16.05
N TYR F 61 24.56 -8.95 16.07
CA TYR F 61 24.49 -8.13 17.28
C TYR F 61 23.92 -6.75 17.04
N ASN F 62 23.21 -6.23 18.05
CA ASN F 62 22.78 -4.84 18.06
C ASN F 62 23.99 -3.90 18.07
N PRO F 63 24.17 -3.13 16.98
CA PRO F 63 25.36 -2.30 16.76
C PRO F 63 25.61 -1.30 17.90
N ALA F 64 24.54 -0.86 18.56
CA ALA F 64 24.64 0.15 19.61
C ALA F 64 25.16 -0.43 20.92
N LEU F 65 25.46 -1.74 20.91
CA LEU F 65 25.83 -2.50 22.11
C LEU F 65 26.77 -3.66 21.76
N LYS F 66 27.14 -3.75 20.49
CA LYS F 66 28.03 -4.81 19.98
C LYS F 66 29.32 -5.03 20.81
N SER F 67 29.95 -3.95 21.27
CA SER F 67 31.18 -4.07 22.05
C SER F 67 31.00 -4.77 23.41
N ARG F 68 29.79 -4.67 23.97
CA ARG F 68 29.47 -5.28 25.26
C ARG F 68 28.95 -6.74 25.18
N LEU F 69 28.77 -7.28 23.98
CA LEU F 69 27.92 -8.47 23.82
C LEU F 69 28.60 -9.63 23.14
N THR F 70 28.29 -10.83 23.63
CA THR F 70 28.74 -12.08 23.04
C THR F 70 27.54 -13.02 23.13
N ILE F 71 27.38 -13.86 22.11
CA ILE F 71 26.34 -14.87 22.08
C ILE F 71 26.97 -16.19 21.65
N SER F 72 26.51 -17.29 22.24
CA SER F 72 26.97 -18.59 21.78
C SER F 72 25.91 -19.69 21.98
N LYS F 73 26.11 -20.82 21.29
CA LYS F 73 25.23 -21.97 21.41
C LYS F 73 26.04 -23.23 21.65
N ASP F 74 25.39 -24.22 22.25
CA ASP F 74 25.95 -25.54 22.44
C ASP F 74 24.83 -26.51 22.14
N THR F 75 24.84 -27.07 20.94
CA THR F 75 23.78 -27.97 20.48
C THR F 75 23.57 -29.12 21.49
N SER F 76 24.68 -29.76 21.86
CA SER F 76 24.66 -30.90 22.77
C SER F 76 23.99 -30.61 24.12
N LYS F 77 24.00 -29.37 24.55
CA LYS F 77 23.38 -28.99 25.81
C LYS F 77 22.00 -28.35 25.64
N SER F 78 21.61 -28.10 24.39
CA SER F 78 20.38 -27.36 24.10
C SER F 78 20.38 -26.00 24.80
N GLN F 79 21.52 -25.31 24.75
CA GLN F 79 21.69 -24.04 25.47
C GLN F 79 22.28 -22.91 24.64
N VAL F 80 21.66 -21.74 24.73
CA VAL F 80 22.14 -20.54 24.06
C VAL F 80 22.50 -19.48 25.10
N VAL F 81 23.76 -19.07 25.09
CA VAL F 81 24.28 -18.17 26.14
C VAL F 81 24.50 -16.75 25.61
N LEU F 82 24.14 -15.77 26.43
CA LEU F 82 24.36 -14.37 26.13
C LEU F 82 25.20 -13.74 27.24
N THR F 83 26.32 -13.14 26.87
CA THR F 83 27.17 -12.46 27.83
C THR F 83 27.07 -10.99 27.52
N MET F 84 26.88 -10.19 28.56
CA MET F 84 26.76 -8.76 28.39
C MET F 84 27.61 -8.11 29.47
N THR F 85 28.56 -7.33 28.97
CA THR F 85 29.63 -6.74 29.72
C THR F 85 29.20 -5.37 30.17
N ASN F 86 29.87 -4.84 31.19
CA ASN F 86 29.70 -3.45 31.58
C ASN F 86 28.27 -3.05 31.77
N MET F 87 27.59 -3.69 32.71
CA MET F 87 26.21 -3.37 32.96
C MET F 87 26.16 -2.05 33.71
N ASP F 88 25.08 -1.31 33.51
CA ASP F 88 24.82 -0.15 34.35
C ASP F 88 23.32 -0.06 34.64
N PRO F 89 22.89 0.84 35.54
CA PRO F 89 21.48 0.87 35.93
C PRO F 89 20.48 0.79 34.75
N VAL F 90 20.79 1.52 33.69
CA VAL F 90 20.00 1.53 32.45
C VAL F 90 19.63 0.15 31.92
N ASP F 91 20.50 -0.84 32.17
CA ASP F 91 20.32 -2.17 31.61
C ASP F 91 19.31 -3.07 32.36
N THR F 92 18.75 -2.55 33.45
CA THR F 92 17.66 -3.21 34.20
C THR F 92 16.45 -3.41 33.28
N ALA F 93 16.06 -4.67 33.10
CA ALA F 93 15.07 -5.03 32.09
C ALA F 93 14.69 -6.49 32.17
N THR F 94 13.52 -6.81 31.61
CA THR F 94 13.18 -8.20 31.40
C THR F 94 13.89 -8.67 30.12
N TYR F 95 14.58 -9.81 30.24
CA TYR F 95 15.37 -10.36 29.16
C TYR F 95 14.75 -11.65 28.63
N TYR F 96 14.48 -11.67 27.33
CA TYR F 96 13.78 -12.77 26.69
C TYR F 96 14.70 -13.45 25.71
N CYS F 97 14.59 -14.77 25.61
CA CYS F 97 15.04 -15.47 24.42
C CYS F 97 13.82 -15.97 23.64
N ALA F 98 14.04 -16.22 22.35
CA ALA F 98 12.95 -16.51 21.46
C ALA F 98 13.51 -17.15 20.23
N ARG F 99 12.73 -18.03 19.61
CA ARG F 99 13.21 -18.69 18.40
C ARG F 99 12.80 -17.85 17.18
N MET F 100 13.70 -17.76 16.21
CA MET F 100 13.34 -17.19 14.92
C MET F 100 12.24 -18.03 14.27
N GLY F 101 11.26 -17.37 13.68
CA GLY F 101 10.14 -18.08 13.07
C GLY F 101 10.40 -18.54 11.65
N SER F 102 11.61 -18.30 11.15
CA SER F 102 11.95 -18.54 9.76
C SER F 102 13.46 -18.78 9.64
N ASP F 103 13.90 -19.34 8.51
CA ASP F 103 15.33 -19.57 8.30
C ASP F 103 16.08 -18.36 7.76
N TYR F 104 15.35 -17.28 7.49
CA TYR F 104 15.98 -16.08 6.96
C TYR F 104 15.52 -14.78 7.64
N ASP F 105 14.22 -14.52 7.64
CA ASP F 105 13.65 -13.32 8.23
C ASP F 105 13.67 -13.39 9.73
N VAL F 106 14.00 -12.28 10.36
CA VAL F 106 14.20 -12.23 11.80
C VAL F 106 12.96 -11.69 12.50
N TRP F 107 11.99 -12.58 12.67
CA TRP F 107 10.85 -12.35 13.56
C TRP F 107 10.69 -13.63 14.40
N PHE F 108 10.01 -13.52 15.54
CA PHE F 108 10.12 -14.55 16.58
C PHE F 108 8.80 -15.20 16.91
N ASP F 109 8.75 -16.54 16.81
CA ASP F 109 7.51 -17.29 17.01
C ASP F 109 7.32 -17.81 18.43
N TYR F 110 8.31 -18.55 18.93
CA TYR F 110 8.29 -19.07 20.29
C TYR F 110 9.18 -18.23 21.19
N TRP F 111 8.61 -17.74 22.29
CA TRP F 111 9.29 -16.88 23.27
C TRP F 111 9.42 -17.55 24.65
N GLY F 112 10.54 -17.29 25.33
CA GLY F 112 10.67 -17.66 26.74
C GLY F 112 9.75 -16.79 27.57
N GLN F 113 9.53 -17.17 28.81
CA GLN F 113 8.72 -16.37 29.73
C GLN F 113 9.45 -15.08 30.15
N GLY F 114 10.75 -15.04 29.92
CA GLY F 114 11.56 -13.86 30.24
C GLY F 114 12.02 -13.78 31.68
N THR F 115 13.25 -13.33 31.88
CA THR F 115 13.76 -13.12 33.23
C THR F 115 14.14 -11.67 33.52
N LEU F 116 13.80 -11.22 34.72
CA LEU F 116 14.08 -9.86 35.16
C LEU F 116 15.49 -9.68 35.75
N VAL F 117 16.30 -8.87 35.08
CA VAL F 117 17.68 -8.56 35.48
C VAL F 117 17.74 -7.17 36.11
N THR F 118 18.19 -7.10 37.36
CA THR F 118 18.35 -5.84 38.05
C THR F 118 19.82 -5.44 38.15
N VAL F 119 20.18 -4.30 37.56
CA VAL F 119 21.52 -3.77 37.77
C VAL F 119 21.50 -2.85 38.98
N SER F 120 21.99 -3.36 40.09
CA SER F 120 21.93 -2.67 41.37
C SER F 120 23.21 -2.93 42.16
N SER F 121 23.55 -2.03 43.06
CA SER F 121 24.71 -2.25 43.93
C SER F 121 24.24 -2.80 45.30
N ALA F 122 22.97 -2.56 45.62
CA ALA F 122 22.34 -3.06 46.84
C ALA F 122 22.39 -4.60 46.88
N SER F 123 22.15 -5.19 48.05
CA SER F 123 22.11 -6.65 48.16
C SER F 123 20.69 -7.21 48.32
N THR F 124 20.56 -8.51 48.08
CA THR F 124 19.31 -9.24 48.23
C THR F 124 18.77 -9.16 49.67
N LYS F 125 17.44 -9.10 49.78
CA LYS F 125 16.76 -9.21 51.06
C LYS F 125 15.43 -9.92 50.83
N GLY F 126 15.19 -10.99 51.60
CA GLY F 126 13.97 -11.80 51.50
C GLY F 126 12.82 -11.04 52.13
N PRO F 127 11.58 -11.37 51.75
CA PRO F 127 10.42 -10.61 52.25
C PRO F 127 9.86 -11.09 53.59
N SER F 128 9.15 -10.19 54.27
CA SER F 128 8.34 -10.56 55.42
C SER F 128 6.88 -10.70 54.96
N VAL F 129 6.36 -11.93 55.05
CA VAL F 129 5.01 -12.23 54.57
C VAL F 129 3.99 -12.18 55.71
N PHE F 130 3.23 -11.09 55.78
CA PHE F 130 2.17 -10.92 56.77
C PHE F 130 0.80 -11.31 56.21
N PRO F 131 -0.11 -11.82 57.05
CA PRO F 131 -1.48 -12.09 56.59
C PRO F 131 -2.44 -10.91 56.69
N LEU F 132 -3.42 -10.88 55.79
CA LEU F 132 -4.53 -9.94 55.83
C LEU F 132 -5.78 -10.77 56.03
N ALA F 133 -6.34 -10.70 57.24
CA ALA F 133 -7.44 -11.58 57.64
C ALA F 133 -8.84 -11.03 57.34
N PRO F 134 -9.76 -11.93 56.92
CA PRO F 134 -11.18 -11.59 56.79
C PRO F 134 -11.90 -11.68 58.14
N SER F 135 -12.87 -10.78 58.38
CA SER F 135 -13.56 -10.72 59.69
C SER F 135 -15.08 -10.46 59.57
N SER F 136 -15.49 -9.22 59.85
CA SER F 136 -16.85 -8.75 59.59
C SER F 136 -16.83 -7.61 58.55
N LYS F 137 -15.70 -6.89 58.51
CA LYS F 137 -15.54 -5.64 57.75
C LYS F 137 -14.91 -5.81 56.35
N SER F 138 -14.59 -7.06 55.98
CA SER F 138 -14.13 -7.38 54.62
C SER F 138 -15.05 -8.42 53.94
N THR F 139 -16.35 -8.31 54.25
CA THR F 139 -17.40 -9.13 53.63
C THR F 139 -18.27 -8.24 52.72
N SER F 140 -18.50 -8.71 51.49
CA SER F 140 -19.33 -8.00 50.50
C SER F 140 -20.77 -8.50 50.49
N GLY F 141 -21.03 -9.57 51.23
CA GLY F 141 -22.35 -10.19 51.30
C GLY F 141 -22.35 -11.54 50.62
N GLY F 142 -21.68 -12.51 51.24
CA GLY F 142 -21.53 -13.84 50.67
C GLY F 142 -20.16 -14.10 50.07
N THR F 143 -19.47 -13.04 49.63
CA THR F 143 -18.09 -13.15 49.11
C THR F 143 -17.11 -12.46 50.06
N ALA F 144 -16.12 -13.22 50.53
CA ALA F 144 -15.10 -12.72 51.44
C ALA F 144 -13.81 -12.39 50.70
N ALA F 145 -12.95 -11.63 51.36
CA ALA F 145 -11.62 -11.30 50.84
C ALA F 145 -10.52 -11.55 51.88
N LEU F 146 -9.47 -12.26 51.47
CA LEU F 146 -8.31 -12.54 52.32
C LEU F 146 -6.99 -12.43 51.54
N GLY F 147 -5.91 -12.06 52.22
CA GLY F 147 -4.67 -11.78 51.52
C GLY F 147 -3.36 -11.89 52.28
N CYS F 148 -2.27 -11.69 51.55
CA CYS F 148 -0.92 -11.63 52.10
C CYS F 148 -0.22 -10.34 51.67
N LEU F 149 0.22 -9.57 52.65
CA LEU F 149 1.15 -8.46 52.42
C LEU F 149 2.58 -9.01 52.33
N VAL F 150 3.33 -8.53 51.33
CA VAL F 150 4.70 -8.99 51.06
C VAL F 150 5.64 -7.79 51.08
N LYS F 151 6.47 -7.73 52.11
CA LYS F 151 7.14 -6.48 52.48
C LYS F 151 8.66 -6.59 52.48
N ASP F 152 9.30 -5.44 52.31
CA ASP F 152 10.75 -5.29 52.54
C ASP F 152 11.71 -6.23 51.77
N TYR F 153 11.41 -6.55 50.51
CA TYR F 153 12.29 -7.43 49.71
C TYR F 153 13.06 -6.70 48.61
N PHE F 154 14.16 -7.30 48.15
CA PHE F 154 14.97 -6.79 47.04
C PHE F 154 15.78 -7.92 46.45
N PRO F 155 15.95 -7.94 45.11
CA PRO F 155 15.28 -7.09 44.12
C PRO F 155 13.94 -7.70 43.72
N GLU F 156 13.19 -7.03 42.83
CA GLU F 156 12.07 -7.67 42.12
C GLU F 156 12.60 -8.92 41.41
N PRO F 157 11.72 -9.89 41.11
CA PRO F 157 10.29 -10.02 41.39
C PRO F 157 9.96 -11.00 42.52
N VAL F 158 8.69 -11.07 42.89
CA VAL F 158 8.21 -12.14 43.75
C VAL F 158 6.94 -12.72 43.14
N THR F 159 6.75 -14.03 43.28
CA THR F 159 5.51 -14.69 42.86
C THR F 159 4.69 -15.13 44.07
N VAL F 160 3.37 -14.93 43.97
CA VAL F 160 2.42 -15.35 45.01
C VAL F 160 1.32 -16.20 44.39
N SER F 161 1.27 -17.48 44.77
CA SER F 161 0.20 -18.36 44.33
C SER F 161 -0.59 -18.86 45.52
N TRP F 162 -1.91 -18.93 45.40
CA TRP F 162 -2.75 -19.36 46.52
C TRP F 162 -3.01 -20.86 46.56
N ASN F 163 -3.27 -21.37 47.76
CA ASN F 163 -3.43 -22.81 48.05
C ASN F 163 -2.55 -23.68 47.17
N SER F 164 -1.25 -23.63 47.44
CA SER F 164 -0.23 -24.32 46.63
C SER F 164 -0.48 -24.27 45.11
N GLY F 165 -1.10 -23.19 44.65
CA GLY F 165 -1.29 -22.95 43.22
C GLY F 165 -2.63 -23.33 42.64
N ALA F 166 -3.33 -24.26 43.28
CA ALA F 166 -4.61 -24.75 42.77
C ALA F 166 -5.80 -23.81 43.03
N LEU F 167 -5.51 -22.54 43.32
CA LEU F 167 -6.57 -21.53 43.41
C LEU F 167 -6.21 -20.28 42.59
N THR F 168 -6.90 -20.12 41.45
CA THR F 168 -6.65 -19.03 40.52
C THR F 168 -7.75 -17.97 40.54
N SER F 169 -9.02 -18.40 40.47
CA SER F 169 -10.15 -17.47 40.46
C SER F 169 -10.08 -16.43 41.57
N GLY F 170 -10.31 -15.18 41.21
CA GLY F 170 -10.40 -14.10 42.18
C GLY F 170 -9.07 -13.51 42.61
N VAL F 171 -7.96 -14.17 42.26
CA VAL F 171 -6.60 -13.74 42.66
C VAL F 171 -6.17 -12.39 42.03
N HIS F 172 -5.76 -11.44 42.87
CA HIS F 172 -5.26 -10.14 42.41
C HIS F 172 -3.96 -9.71 43.10
N THR F 173 -2.84 -10.36 42.71
CA THR F 173 -1.50 -9.92 43.13
C THR F 173 -1.23 -8.54 42.50
N PHE F 174 -0.72 -7.59 43.28
CA PHE F 174 -0.52 -6.23 42.81
C PHE F 174 0.91 -5.92 42.39
N PRO F 175 1.09 -4.94 41.46
CA PRO F 175 2.44 -4.39 41.19
C PRO F 175 3.10 -3.89 42.48
N ALA F 176 4.40 -4.15 42.60
CA ALA F 176 5.15 -3.70 43.77
C ALA F 176 5.46 -2.21 43.67
N VAL F 177 5.77 -1.59 44.80
CA VAL F 177 6.17 -0.19 44.86
C VAL F 177 7.46 -0.06 45.69
N LEU F 178 8.41 0.73 45.18
CA LEU F 178 9.66 0.95 45.90
C LEU F 178 9.44 1.85 47.11
N GLN F 179 9.77 1.34 48.31
CA GLN F 179 9.61 2.11 49.54
C GLN F 179 10.84 2.97 49.79
N SER F 180 10.73 3.90 50.74
CA SER F 180 11.80 4.88 50.98
C SER F 180 13.04 4.27 51.62
N SER F 181 13.24 2.98 51.38
CA SER F 181 14.31 2.20 51.99
C SER F 181 15.06 1.41 50.92
N GLY F 182 14.53 1.46 49.70
CA GLY F 182 15.09 0.69 48.58
C GLY F 182 14.57 -0.73 48.55
N LEU F 183 13.54 -0.99 49.35
CA LEU F 183 12.92 -2.31 49.43
C LEU F 183 11.47 -2.26 48.92
N TYR F 184 11.03 -3.35 48.31
CA TYR F 184 9.73 -3.40 47.62
C TYR F 184 8.61 -3.94 48.50
N SER F 185 7.38 -3.47 48.24
CA SER F 185 6.17 -3.95 48.93
C SER F 185 4.97 -4.11 47.99
N LEU F 186 4.28 -5.23 48.11
CA LEU F 186 3.06 -5.50 47.35
C LEU F 186 2.03 -6.24 48.20
N SER F 187 0.82 -6.35 47.66
CA SER F 187 -0.25 -7.10 48.31
C SER F 187 -0.79 -8.16 47.37
N SER F 188 -1.27 -9.26 47.95
CA SER F 188 -2.01 -10.26 47.21
C SER F 188 -3.40 -10.37 47.84
N VAL F 189 -4.37 -10.70 47.00
CA VAL F 189 -5.77 -10.48 47.31
C VAL F 189 -6.55 -11.55 46.56
N VAL F 190 -7.34 -12.33 47.27
CA VAL F 190 -8.31 -13.21 46.61
C VAL F 190 -9.71 -12.92 47.16
N THR F 191 -10.74 -13.40 46.46
CA THR F 191 -12.11 -13.44 47.02
C THR F 191 -12.68 -14.85 46.93
N VAL F 192 -13.36 -15.27 47.99
CA VAL F 192 -13.98 -16.60 48.09
C VAL F 192 -15.40 -16.52 48.68
N PRO F 193 -16.16 -17.65 48.61
CA PRO F 193 -17.41 -17.70 49.36
C PRO F 193 -17.18 -17.48 50.87
N SER F 194 -17.95 -16.55 51.45
CA SER F 194 -17.87 -16.21 52.88
C SER F 194 -18.21 -17.39 53.77
N SER F 195 -19.06 -18.28 53.26
CA SER F 195 -19.38 -19.54 53.91
C SER F 195 -18.14 -20.42 54.13
N SER F 196 -17.36 -20.64 53.08
CA SER F 196 -16.23 -21.60 53.11
C SER F 196 -15.04 -21.22 54.02
N LEU F 197 -15.21 -20.21 54.87
CA LEU F 197 -14.19 -19.86 55.87
C LEU F 197 -14.09 -20.90 56.98
N GLY F 198 -15.14 -21.71 57.13
CA GLY F 198 -15.10 -22.86 58.03
C GLY F 198 -14.53 -24.10 57.38
N THR F 199 -14.78 -24.29 56.08
CA THR F 199 -14.39 -25.50 55.33
C THR F 199 -12.91 -25.52 54.91
N GLN F 200 -12.53 -24.57 54.04
CA GLN F 200 -11.20 -24.55 53.44
C GLN F 200 -10.20 -23.69 54.23
N THR F 201 -9.00 -24.23 54.41
CA THR F 201 -7.90 -23.48 55.02
C THR F 201 -7.06 -22.84 53.89
N TYR F 202 -6.75 -21.55 54.06
CA TYR F 202 -6.23 -20.75 52.95
C TYR F 202 -4.76 -20.33 53.06
N ILE F 203 -3.98 -20.81 52.09
CA ILE F 203 -2.52 -20.67 52.09
C ILE F 203 -2.04 -19.82 50.90
N CYS F 204 -1.14 -18.87 51.17
CA CYS F 204 -0.46 -18.10 50.11
C CYS F 204 1.01 -18.51 50.02
N ASN F 205 1.48 -18.75 48.80
CA ASN F 205 2.86 -19.20 48.59
C ASN F 205 3.74 -18.13 47.95
N VAL F 206 4.45 -17.37 48.79
CA VAL F 206 5.37 -16.32 48.35
C VAL F 206 6.73 -16.91 48.03
N ASN F 207 7.11 -16.85 46.75
CA ASN F 207 8.42 -17.29 46.33
C ASN F 207 9.30 -16.14 45.80
N HIS F 208 10.42 -15.93 46.48
CA HIS F 208 11.40 -14.91 46.11
C HIS F 208 12.66 -15.60 45.64
N LYS F 209 12.68 -15.92 44.35
CA LYS F 209 13.77 -16.63 43.68
C LYS F 209 15.16 -15.96 43.84
N PRO F 210 15.24 -14.61 43.80
CA PRO F 210 16.50 -13.91 44.03
C PRO F 210 17.20 -14.18 45.38
N SER F 211 16.44 -14.52 46.41
CA SER F 211 17.03 -14.88 47.70
C SER F 211 16.94 -16.37 47.99
N ASN F 212 16.35 -17.12 47.06
CA ASN F 212 15.96 -18.53 47.25
C ASN F 212 15.10 -18.74 48.50
N THR F 213 14.14 -17.85 48.71
CA THR F 213 13.23 -17.88 49.85
C THR F 213 11.89 -18.48 49.45
N LYS F 214 11.49 -19.54 50.17
CA LYS F 214 10.19 -20.17 50.04
C LYS F 214 9.43 -19.96 51.35
N VAL F 215 8.38 -19.14 51.31
CA VAL F 215 7.60 -18.83 52.51
C VAL F 215 6.08 -18.94 52.29
N ASP F 216 5.45 -19.87 53.01
CA ASP F 216 3.99 -20.07 52.98
C ASP F 216 3.33 -19.31 54.11
N LYS F 217 2.01 -19.26 54.10
CA LYS F 217 1.27 -18.51 55.12
C LYS F 217 -0.21 -18.94 55.19
N LYS F 218 -0.71 -19.04 56.42
CA LYS F 218 -2.09 -19.38 56.67
C LYS F 218 -2.85 -18.10 56.95
N VAL F 219 -4.02 -17.96 56.33
CA VAL F 219 -4.89 -16.81 56.59
C VAL F 219 -6.24 -17.28 57.14
N GLU F 220 -6.45 -17.02 58.43
CA GLU F 220 -7.66 -17.42 59.14
C GLU F 220 -8.43 -16.20 59.65
N PRO F 221 -9.76 -16.32 59.80
CA PRO F 221 -10.58 -15.26 60.40
C PRO F 221 -9.94 -14.69 61.68
#